data_2MAH
#
_entry.id   2MAH
#
_entity_poly.entity_id   1
_entity_poly.type   'polypeptide(L)'
_entity_poly.pdbx_seq_one_letter_code
;SGLVPRGSHMVRRARCYPTSNATNTCFGSKLPYELSSLDLTDFHTEKELNDKLNDYYALKHVPKCWAAIQPFLCAVFKPK
CEKINGEDMVYLPSYEMCRITMEPCRILYNTTFFPKFLRCNETLFPTK
;
_entity_poly.pdbx_strand_id   A
#
# COMPACT_ATOMS: atom_id res chain seq x y z
N SER A 1 -8.81 -16.80 -12.45
CA SER A 1 -8.66 -17.55 -11.21
C SER A 1 -7.71 -16.82 -10.25
N GLY A 2 -8.05 -15.58 -9.92
CA GLY A 2 -7.23 -14.80 -9.01
C GLY A 2 -7.94 -13.59 -8.46
N LEU A 3 -9.19 -13.79 -8.05
CA LEU A 3 -10.00 -12.70 -7.51
C LEU A 3 -11.18 -13.25 -6.71
N VAL A 4 -11.07 -13.19 -5.39
CA VAL A 4 -12.12 -13.68 -4.51
C VAL A 4 -13.47 -13.04 -4.87
N PRO A 5 -14.51 -13.87 -4.96
CA PRO A 5 -15.87 -13.41 -5.29
C PRO A 5 -16.49 -12.60 -4.16
N ARG A 6 -16.10 -11.33 -4.06
CA ARG A 6 -16.62 -10.45 -3.03
C ARG A 6 -17.05 -9.11 -3.62
N GLY A 7 -17.49 -8.20 -2.77
CA GLY A 7 -17.92 -6.90 -3.22
C GLY A 7 -16.99 -5.79 -2.79
N SER A 8 -16.77 -4.81 -3.68
CA SER A 8 -15.88 -3.69 -3.38
C SER A 8 -14.45 -4.17 -3.23
N HIS A 9 -13.51 -3.31 -3.63
CA HIS A 9 -12.09 -3.64 -3.55
C HIS A 9 -11.65 -3.83 -2.10
N MET A 10 -11.54 -5.09 -1.68
CA MET A 10 -11.13 -5.40 -0.31
C MET A 10 -10.04 -6.46 -0.31
N VAL A 11 -10.29 -7.57 -1.00
CA VAL A 11 -9.33 -8.67 -1.07
C VAL A 11 -9.33 -9.30 -2.46
N ARG A 12 -8.22 -9.96 -2.79
CA ARG A 12 -8.10 -10.61 -4.09
C ARG A 12 -6.95 -11.63 -4.07
N ARG A 13 -7.14 -12.73 -4.80
CA ARG A 13 -6.13 -13.78 -4.86
C ARG A 13 -4.91 -13.31 -5.65
N ALA A 14 -4.04 -12.55 -4.99
CA ALA A 14 -2.84 -12.04 -5.63
C ALA A 14 -1.63 -12.91 -5.29
N ARG A 15 -0.45 -12.45 -5.69
CA ARG A 15 0.79 -13.19 -5.43
C ARG A 15 1.26 -12.95 -4.01
N CYS A 16 2.31 -13.68 -3.60
CA CYS A 16 2.86 -13.55 -2.27
C CYS A 16 4.27 -14.15 -2.20
N TYR A 17 5.23 -13.33 -1.79
CA TYR A 17 6.61 -13.78 -1.69
C TYR A 17 7.21 -13.37 -0.34
N PRO A 18 8.16 -14.19 0.15
CA PRO A 18 8.83 -13.94 1.43
C PRO A 18 9.77 -12.74 1.35
N THR A 19 9.42 -11.68 2.07
CA THR A 19 10.23 -10.46 2.09
C THR A 19 11.52 -10.67 2.88
N SER A 20 11.38 -10.78 4.20
CA SER A 20 12.54 -10.98 5.07
C SER A 20 12.53 -12.38 5.67
N ASN A 21 13.66 -12.79 6.23
CA ASN A 21 13.78 -14.11 6.83
C ASN A 21 12.66 -14.35 7.83
N ALA A 22 12.45 -13.39 8.73
CA ALA A 22 11.41 -13.51 9.74
C ALA A 22 10.17 -12.73 9.33
N THR A 23 10.35 -11.43 9.05
CA THR A 23 9.25 -10.57 8.66
C THR A 23 9.73 -9.16 8.34
N ASN A 24 9.30 -8.62 7.21
CA ASN A 24 9.69 -7.28 6.79
C ASN A 24 9.44 -6.28 7.91
N THR A 25 10.12 -5.14 7.84
CA THR A 25 9.97 -4.09 8.85
C THR A 25 9.59 -2.76 8.20
N CYS A 26 8.80 -1.96 8.92
CA CYS A 26 8.36 -0.68 8.42
C CYS A 26 8.45 0.39 9.51
N PHE A 27 9.26 1.42 9.27
CA PHE A 27 9.44 2.49 10.23
C PHE A 27 9.85 1.95 11.60
N GLY A 28 10.83 1.04 11.60
CA GLY A 28 11.29 0.46 12.84
C GLY A 28 10.42 -0.69 13.30
N SER A 29 9.13 -0.45 13.43
CA SER A 29 8.19 -1.48 13.88
C SER A 29 8.02 -2.54 12.81
N LYS A 30 8.29 -3.79 13.17
CA LYS A 30 8.16 -4.91 12.24
C LYS A 30 6.70 -5.16 11.89
N LEU A 31 6.45 -5.56 10.65
CA LEU A 31 5.10 -5.84 10.19
C LEU A 31 4.65 -7.23 10.63
N PRO A 32 3.33 -7.39 10.83
CA PRO A 32 2.74 -8.66 11.25
C PRO A 32 2.81 -9.73 10.15
N TYR A 33 3.24 -9.31 8.97
CA TYR A 33 3.35 -10.23 7.84
C TYR A 33 4.80 -10.34 7.36
N GLU A 34 5.17 -11.52 6.87
CA GLU A 34 6.52 -11.75 6.39
C GLU A 34 6.53 -11.93 4.87
N LEU A 35 5.36 -11.77 4.26
CA LEU A 35 5.24 -11.92 2.81
C LEU A 35 4.86 -10.60 2.15
N SER A 36 4.87 -10.58 0.83
CA SER A 36 4.54 -9.37 0.08
C SER A 36 3.98 -9.73 -1.30
N SER A 37 3.08 -8.90 -1.80
CA SER A 37 2.47 -9.11 -3.11
C SER A 37 2.80 -7.97 -4.06
N LEU A 38 3.75 -8.21 -4.97
CA LEU A 38 4.15 -7.21 -5.94
C LEU A 38 2.97 -6.80 -6.82
N ASP A 39 1.98 -7.67 -6.91
CA ASP A 39 0.80 -7.41 -7.72
C ASP A 39 0.07 -6.15 -7.23
N LEU A 40 0.19 -5.87 -5.94
CA LEU A 40 -0.45 -4.70 -5.35
C LEU A 40 0.00 -3.43 -6.04
N THR A 41 1.17 -3.48 -6.67
CA THR A 41 1.71 -2.33 -7.37
C THR A 41 1.82 -2.60 -8.87
N ASP A 42 2.33 -1.62 -9.60
CA ASP A 42 2.50 -1.76 -11.05
C ASP A 42 3.98 -1.94 -11.42
N PHE A 43 4.77 -2.40 -10.45
CA PHE A 43 6.19 -2.61 -10.67
C PHE A 43 6.45 -3.98 -11.27
N HIS A 44 7.71 -4.37 -11.34
CA HIS A 44 8.09 -5.67 -11.90
C HIS A 44 9.20 -6.31 -11.07
N THR A 45 9.38 -5.82 -9.85
CA THR A 45 10.41 -6.35 -8.96
C THR A 45 10.45 -5.57 -7.65
N GLU A 46 10.99 -6.21 -6.61
CA GLU A 46 11.08 -5.57 -5.30
C GLU A 46 11.89 -4.28 -5.37
N LYS A 47 13.02 -4.34 -6.07
CA LYS A 47 13.87 -3.17 -6.22
C LYS A 47 13.10 -1.97 -6.76
N GLU A 48 12.16 -2.26 -7.66
CA GLU A 48 11.34 -1.21 -8.26
C GLU A 48 10.45 -0.54 -7.20
N LEU A 49 9.88 -1.36 -6.32
CA LEU A 49 9.02 -0.85 -5.26
C LEU A 49 9.81 0.02 -4.29
N ASN A 50 10.96 -0.47 -3.85
CA ASN A 50 11.80 0.27 -2.92
C ASN A 50 12.45 1.47 -3.61
N ASP A 51 12.58 1.39 -4.92
CA ASP A 51 13.19 2.46 -5.69
C ASP A 51 12.22 3.64 -5.83
N LYS A 52 10.96 3.34 -6.08
CA LYS A 52 9.94 4.37 -6.23
C LYS A 52 9.83 5.22 -4.95
N LEU A 53 10.11 4.59 -3.81
CA LEU A 53 10.05 5.27 -2.52
C LEU A 53 10.83 6.58 -2.57
N ASN A 54 11.98 6.56 -3.25
CA ASN A 54 12.81 7.74 -3.37
C ASN A 54 12.02 8.93 -3.90
N ASP A 55 11.12 8.66 -4.84
CA ASP A 55 10.29 9.71 -5.43
C ASP A 55 9.43 10.38 -4.37
N TYR A 56 8.69 9.57 -3.61
CA TYR A 56 7.83 10.09 -2.57
C TYR A 56 8.65 10.70 -1.43
N TYR A 57 9.85 10.17 -1.22
CA TYR A 57 10.73 10.67 -0.17
C TYR A 57 10.86 12.18 -0.24
N ALA A 58 10.94 12.71 -1.46
CA ALA A 58 11.07 14.15 -1.66
C ALA A 58 9.96 14.90 -0.94
N LEU A 59 8.81 14.26 -0.79
CA LEU A 59 7.67 14.87 -0.13
C LEU A 59 8.00 15.19 1.34
N LYS A 60 9.07 14.60 1.83
CA LYS A 60 9.50 14.81 3.21
C LYS A 60 9.49 16.30 3.56
N HIS A 61 9.78 17.13 2.55
CA HIS A 61 9.80 18.58 2.75
C HIS A 61 8.52 19.05 3.44
N VAL A 62 7.39 18.46 3.05
CA VAL A 62 6.11 18.82 3.62
C VAL A 62 5.72 17.87 4.74
N PRO A 63 5.73 18.38 5.98
CA PRO A 63 5.38 17.60 7.17
C PRO A 63 3.89 17.26 7.22
N LYS A 64 3.07 18.14 6.66
CA LYS A 64 1.63 17.94 6.63
C LYS A 64 1.28 16.63 5.94
N CYS A 65 1.81 16.45 4.73
CA CYS A 65 1.54 15.24 3.95
C CYS A 65 2.48 14.11 4.38
N TRP A 66 3.69 14.47 4.78
CA TRP A 66 4.67 13.49 5.22
C TRP A 66 4.12 12.60 6.31
N ALA A 67 3.69 13.22 7.41
CA ALA A 67 3.12 12.48 8.53
C ALA A 67 1.79 11.83 8.15
N ALA A 68 1.26 12.23 7.01
CA ALA A 68 -0.01 11.68 6.53
C ALA A 68 0.17 10.28 5.97
N ILE A 69 1.34 10.02 5.39
CA ILE A 69 1.63 8.72 4.82
C ILE A 69 2.48 7.88 5.76
N GLN A 70 2.60 8.34 7.01
CA GLN A 70 3.39 7.63 8.01
C GLN A 70 2.87 6.21 8.20
N PRO A 71 1.61 6.08 8.63
CA PRO A 71 0.97 4.79 8.87
C PRO A 71 0.70 4.03 7.57
N PHE A 72 0.45 4.77 6.50
CA PHE A 72 0.18 4.18 5.20
C PHE A 72 1.48 3.73 4.52
N LEU A 73 2.60 4.25 5.02
CA LEU A 73 3.90 3.91 4.46
C LEU A 73 4.11 2.40 4.44
N CYS A 74 3.36 1.69 5.28
CA CYS A 74 3.46 0.25 5.36
C CYS A 74 2.37 -0.43 4.53
N ALA A 75 1.17 0.16 4.56
CA ALA A 75 0.04 -0.38 3.82
C ALA A 75 0.05 0.11 2.38
N VAL A 76 1.10 0.84 2.01
CA VAL A 76 1.23 1.36 0.66
C VAL A 76 2.29 0.61 -0.13
N PHE A 77 3.35 0.19 0.56
CA PHE A 77 4.44 -0.54 -0.07
C PHE A 77 4.47 -1.99 0.41
N LYS A 78 4.18 -2.19 1.70
CA LYS A 78 4.18 -3.51 2.29
C LYS A 78 2.76 -3.94 2.68
N PRO A 79 1.97 -4.36 1.67
CA PRO A 79 0.59 -4.80 1.89
C PRO A 79 0.51 -6.12 2.64
N LYS A 80 -0.45 -6.23 3.55
CA LYS A 80 -0.64 -7.44 4.34
C LYS A 80 -1.16 -8.57 3.47
N CYS A 81 -0.24 -9.31 2.86
CA CYS A 81 -0.61 -10.44 2.00
C CYS A 81 -0.61 -11.74 2.78
N GLU A 82 -1.81 -12.24 3.10
CA GLU A 82 -1.94 -13.48 3.85
C GLU A 82 -2.69 -14.52 3.03
N LYS A 83 -2.72 -15.75 3.54
CA LYS A 83 -3.42 -16.85 2.86
C LYS A 83 -4.73 -17.18 3.56
N ILE A 84 -5.84 -16.80 2.93
CA ILE A 84 -7.15 -17.06 3.49
C ILE A 84 -7.70 -18.40 3.01
N ASN A 85 -7.84 -19.34 3.93
CA ASN A 85 -8.36 -20.67 3.61
C ASN A 85 -7.42 -21.39 2.64
N GLY A 86 -6.17 -20.95 2.59
CA GLY A 86 -5.20 -21.57 1.71
C GLY A 86 -5.07 -20.83 0.39
N GLU A 87 -5.53 -19.59 0.35
CA GLU A 87 -5.48 -18.79 -0.86
C GLU A 87 -4.72 -17.49 -0.62
N ASP A 88 -3.57 -17.35 -1.28
CA ASP A 88 -2.74 -16.16 -1.14
C ASP A 88 -3.49 -14.92 -1.63
N MET A 89 -3.96 -14.10 -0.68
CA MET A 89 -4.69 -12.89 -1.01
C MET A 89 -3.98 -11.66 -0.45
N VAL A 90 -4.39 -10.48 -0.91
CA VAL A 90 -3.80 -9.23 -0.45
C VAL A 90 -4.83 -8.37 0.28
N TYR A 91 -4.34 -7.54 1.19
CA TYR A 91 -5.22 -6.66 1.96
C TYR A 91 -5.03 -5.21 1.55
N LEU A 92 -5.95 -4.72 0.70
CA LEU A 92 -5.90 -3.34 0.23
C LEU A 92 -6.08 -2.36 1.39
N PRO A 93 -5.56 -1.14 1.21
CA PRO A 93 -5.65 -0.07 2.22
C PRO A 93 -7.07 0.44 2.38
N SER A 94 -7.47 0.68 3.62
CA SER A 94 -8.81 1.17 3.92
C SER A 94 -8.94 2.66 3.56
N TYR A 95 -10.15 3.08 3.23
CA TYR A 95 -10.40 4.46 2.86
C TYR A 95 -9.82 5.42 3.91
N GLU A 96 -9.82 4.99 5.17
CA GLU A 96 -9.30 5.80 6.26
C GLU A 96 -7.79 5.99 6.11
N MET A 97 -7.06 4.89 6.05
CA MET A 97 -5.61 4.94 5.91
C MET A 97 -5.21 5.82 4.74
N CYS A 98 -5.94 5.69 3.63
CA CYS A 98 -5.67 6.47 2.44
C CYS A 98 -6.17 7.90 2.58
N ARG A 99 -7.17 8.08 3.44
CA ARG A 99 -7.75 9.39 3.68
C ARG A 99 -6.80 10.28 4.48
N ILE A 100 -5.93 9.65 5.27
CA ILE A 100 -4.97 10.37 6.08
C ILE A 100 -4.19 11.38 5.24
N THR A 101 -3.92 11.02 4.00
CA THR A 101 -3.19 11.90 3.09
C THR A 101 -4.12 12.93 2.45
N MET A 102 -5.41 12.59 2.37
CA MET A 102 -6.39 13.49 1.79
C MET A 102 -6.59 14.73 2.65
N GLU A 103 -6.49 14.55 3.97
CA GLU A 103 -6.65 15.66 4.90
C GLU A 103 -5.73 16.82 4.54
N PRO A 104 -4.40 16.56 4.59
CA PRO A 104 -3.40 17.57 4.28
C PRO A 104 -3.37 17.93 2.79
N CYS A 105 -3.34 16.90 1.94
CA CYS A 105 -3.31 17.11 0.50
C CYS A 105 -4.65 16.73 -0.12
N ARG A 106 -5.61 17.64 -0.07
CA ARG A 106 -6.93 17.40 -0.64
C ARG A 106 -6.94 17.64 -2.14
N ILE A 107 -6.00 18.47 -2.60
CA ILE A 107 -5.90 18.78 -4.02
C ILE A 107 -5.83 17.52 -4.87
N LEU A 108 -5.38 16.43 -4.24
CA LEU A 108 -5.26 15.15 -4.93
C LEU A 108 -6.51 14.30 -4.73
N TYR A 109 -7.66 14.96 -4.59
CA TYR A 109 -8.92 14.26 -4.37
C TYR A 109 -9.06 13.10 -5.35
N ASN A 110 -8.60 13.30 -6.58
CA ASN A 110 -8.68 12.26 -7.61
C ASN A 110 -8.15 12.78 -8.94
N THR A 111 -6.94 13.32 -8.93
CA THR A 111 -6.32 13.85 -10.13
C THR A 111 -4.92 13.26 -10.34
N THR A 112 -4.45 13.31 -11.58
CA THR A 112 -3.12 12.79 -11.91
C THR A 112 -2.05 13.85 -11.70
N PHE A 113 -2.06 14.49 -10.53
CA PHE A 113 -1.08 15.53 -10.22
C PHE A 113 0.18 14.91 -9.62
N PHE A 114 0.01 13.83 -8.88
CA PHE A 114 1.13 13.15 -8.24
C PHE A 114 0.81 11.68 -7.98
N PRO A 115 0.68 10.91 -9.07
CA PRO A 115 0.37 9.48 -8.99
C PRO A 115 1.53 8.66 -8.42
N LYS A 116 2.72 8.92 -8.94
CA LYS A 116 3.92 8.21 -8.49
C LYS A 116 4.04 8.25 -6.97
N PHE A 117 3.67 9.39 -6.38
CA PHE A 117 3.74 9.56 -4.93
C PHE A 117 2.47 9.01 -4.27
N LEU A 118 1.33 9.29 -4.88
CA LEU A 118 0.05 8.84 -4.34
C LEU A 118 -0.03 7.31 -4.36
N ARG A 119 -0.15 6.75 -5.55
CA ARG A 119 -0.25 5.30 -5.70
C ARG A 119 -1.32 4.72 -4.79
N CYS A 120 -2.35 5.52 -4.52
CA CYS A 120 -3.45 5.09 -3.66
C CYS A 120 -4.79 5.31 -4.35
N ASN A 121 -5.68 4.34 -4.21
CA ASN A 121 -7.01 4.41 -4.81
C ASN A 121 -7.93 5.28 -3.97
N GLU A 122 -8.62 6.22 -4.63
CA GLU A 122 -9.54 7.12 -3.94
C GLU A 122 -10.89 7.14 -4.64
N THR A 123 -10.88 7.11 -5.97
CA THR A 123 -12.10 7.13 -6.75
C THR A 123 -13.04 6.00 -6.33
N LEU A 124 -12.47 4.93 -5.78
CA LEU A 124 -13.26 3.80 -5.32
C LEU A 124 -13.35 3.76 -3.80
N PHE A 125 -14.26 2.95 -3.28
CA PHE A 125 -14.43 2.81 -1.84
C PHE A 125 -14.17 1.39 -1.38
N PRO A 126 -12.92 1.13 -0.96
CA PRO A 126 -12.50 -0.19 -0.48
C PRO A 126 -13.13 -0.55 0.85
N THR A 127 -13.01 0.35 1.83
CA THR A 127 -13.56 0.13 3.15
C THR A 127 -13.24 -1.27 3.66
N LYS A 128 -12.09 -1.41 4.31
CA LYS A 128 -11.66 -2.69 4.85
C LYS A 128 -12.76 -3.33 5.70
N SER A 1 -9.97 -16.14 -12.57
CA SER A 1 -8.65 -15.68 -12.96
C SER A 1 -7.77 -15.44 -11.75
N GLY A 2 -8.33 -14.77 -10.74
CA GLY A 2 -7.58 -14.49 -9.52
C GLY A 2 -8.01 -13.21 -8.85
N LEU A 3 -9.26 -13.17 -8.41
CA LEU A 3 -9.81 -11.98 -7.75
C LEU A 3 -11.03 -12.34 -6.91
N VAL A 4 -10.82 -12.52 -5.61
CA VAL A 4 -11.90 -12.86 -4.70
C VAL A 4 -13.07 -11.89 -4.85
N PRO A 5 -14.28 -12.44 -4.94
CA PRO A 5 -15.51 -11.65 -5.08
C PRO A 5 -15.84 -10.87 -3.81
N ARG A 6 -16.55 -11.52 -2.90
CA ARG A 6 -16.94 -10.89 -1.65
C ARG A 6 -17.72 -9.60 -1.90
N GLY A 7 -18.07 -8.90 -0.83
CA GLY A 7 -18.82 -7.66 -0.95
C GLY A 7 -17.92 -6.45 -1.02
N SER A 8 -16.66 -6.67 -1.36
CA SER A 8 -15.69 -5.58 -1.46
C SER A 8 -14.54 -5.95 -2.38
N HIS A 9 -13.53 -5.09 -2.43
CA HIS A 9 -12.37 -5.32 -3.29
C HIS A 9 -11.07 -4.98 -2.55
N MET A 10 -10.95 -5.50 -1.33
CA MET A 10 -9.75 -5.25 -0.51
C MET A 10 -8.85 -6.48 -0.47
N VAL A 11 -9.23 -7.51 -1.22
CA VAL A 11 -8.46 -8.75 -1.27
C VAL A 11 -8.44 -9.33 -2.69
N ARG A 12 -7.39 -10.08 -3.00
CA ARG A 12 -7.25 -10.69 -4.31
C ARG A 12 -6.22 -11.81 -4.29
N ARG A 13 -6.45 -12.85 -5.08
CA ARG A 13 -5.55 -13.99 -5.15
C ARG A 13 -4.28 -13.62 -5.92
N ALA A 14 -3.41 -12.85 -5.28
CA ALA A 14 -2.16 -12.43 -5.90
C ALA A 14 -0.97 -13.15 -5.29
N ARG A 15 0.10 -13.31 -6.06
CA ARG A 15 1.30 -13.98 -5.59
C ARG A 15 1.76 -13.39 -4.26
N CYS A 16 2.71 -14.07 -3.61
CA CYS A 16 3.24 -13.62 -2.33
C CYS A 16 4.69 -14.08 -2.15
N TYR A 17 5.53 -13.17 -1.69
CA TYR A 17 6.94 -13.47 -1.47
C TYR A 17 7.41 -12.96 -0.12
N PRO A 18 8.42 -13.63 0.46
CA PRO A 18 8.99 -13.26 1.75
C PRO A 18 9.76 -11.94 1.69
N THR A 19 9.28 -10.94 2.42
CA THR A 19 9.93 -9.63 2.45
C THR A 19 11.35 -9.74 2.98
N SER A 20 11.48 -9.96 4.28
CA SER A 20 12.78 -10.08 4.91
C SER A 20 13.04 -11.51 5.38
N ASN A 21 14.21 -11.73 5.97
CA ASN A 21 14.58 -13.05 6.46
C ASN A 21 13.71 -13.45 7.64
N ALA A 22 13.56 -12.54 8.60
CA ALA A 22 12.74 -12.80 9.78
C ALA A 22 11.33 -12.25 9.60
N THR A 23 11.23 -10.96 9.31
CA THR A 23 9.94 -10.31 9.12
C THR A 23 10.11 -8.88 8.63
N ASN A 24 9.17 -8.42 7.81
CA ASN A 24 9.22 -7.06 7.28
C ASN A 24 9.13 -6.04 8.40
N THR A 25 9.85 -4.92 8.24
CA THR A 25 9.86 -3.86 9.24
C THR A 25 9.44 -2.53 8.63
N CYS A 26 8.88 -1.66 9.46
CA CYS A 26 8.44 -0.34 9.00
C CYS A 26 8.74 0.73 10.04
N PHE A 27 9.78 1.51 9.79
CA PHE A 27 10.18 2.57 10.70
C PHE A 27 10.30 2.05 12.12
N GLY A 28 11.17 1.06 12.32
CA GLY A 28 11.36 0.48 13.64
C GLY A 28 10.29 -0.54 13.98
N SER A 29 9.03 -0.12 13.91
CA SER A 29 7.91 -1.00 14.21
C SER A 29 7.78 -2.10 13.16
N LYS A 30 8.01 -3.34 13.58
CA LYS A 30 7.92 -4.48 12.67
C LYS A 30 6.46 -4.77 12.32
N LEU A 31 6.24 -5.16 11.07
CA LEU A 31 4.89 -5.46 10.59
C LEU A 31 4.45 -6.85 11.07
N PRO A 32 3.13 -7.03 11.22
CA PRO A 32 2.55 -8.30 11.66
C PRO A 32 2.69 -9.40 10.60
N TYR A 33 3.15 -9.02 9.43
CA TYR A 33 3.32 -9.97 8.33
C TYR A 33 4.80 -10.09 7.94
N GLU A 34 5.08 -10.99 7.00
CA GLU A 34 6.44 -11.20 6.53
C GLU A 34 6.47 -11.50 5.04
N LEU A 35 5.35 -11.24 4.37
CA LEU A 35 5.24 -11.48 2.94
C LEU A 35 4.80 -10.21 2.20
N SER A 36 4.83 -10.28 0.87
CA SER A 36 4.44 -9.14 0.05
C SER A 36 4.08 -9.59 -1.36
N SER A 37 3.21 -8.82 -2.02
CA SER A 37 2.78 -9.14 -3.37
C SER A 37 3.06 -7.97 -4.32
N LEU A 38 3.95 -8.20 -5.28
CA LEU A 38 4.31 -7.17 -6.25
C LEU A 38 3.08 -6.73 -7.05
N ASP A 39 2.09 -7.60 -7.12
CA ASP A 39 0.86 -7.31 -7.86
C ASP A 39 0.17 -6.08 -7.27
N LEU A 40 0.36 -5.86 -5.98
CA LEU A 40 -0.25 -4.71 -5.30
C LEU A 40 0.13 -3.41 -5.99
N THR A 41 1.26 -3.42 -6.69
CA THR A 41 1.73 -2.23 -7.39
C THR A 41 1.78 -2.47 -8.90
N ASP A 42 2.25 -1.47 -9.63
CA ASP A 42 2.35 -1.56 -11.08
C ASP A 42 3.81 -1.60 -11.52
N PHE A 43 4.58 -2.48 -10.90
CA PHE A 43 6.01 -2.61 -11.22
C PHE A 43 6.29 -3.96 -11.88
N HIS A 44 7.57 -4.26 -12.06
CA HIS A 44 7.98 -5.52 -12.68
C HIS A 44 9.02 -6.24 -11.82
N THR A 45 9.20 -5.76 -10.59
CA THR A 45 10.16 -6.35 -9.67
C THR A 45 10.19 -5.59 -8.35
N GLU A 46 10.66 -6.27 -7.30
CA GLU A 46 10.75 -5.66 -5.98
C GLU A 46 11.62 -4.40 -6.01
N LYS A 47 12.75 -4.50 -6.71
CA LYS A 47 13.67 -3.37 -6.82
C LYS A 47 12.95 -2.12 -7.31
N GLU A 48 11.95 -2.31 -8.18
CA GLU A 48 11.18 -1.20 -8.73
C GLU A 48 10.33 -0.55 -7.64
N LEU A 49 9.76 -1.38 -6.77
CA LEU A 49 8.92 -0.88 -5.68
C LEU A 49 9.75 -0.08 -4.67
N ASN A 50 10.89 -0.63 -4.28
CA ASN A 50 11.77 0.03 -3.34
C ASN A 50 12.45 1.25 -3.96
N ASP A 51 12.65 1.19 -5.27
CA ASP A 51 13.28 2.27 -6.00
C ASP A 51 12.33 3.45 -6.16
N LYS A 52 11.04 3.15 -6.34
CA LYS A 52 10.02 4.19 -6.50
C LYS A 52 9.89 5.02 -5.24
N LEU A 53 10.17 4.40 -4.09
CA LEU A 53 10.09 5.10 -2.82
C LEU A 53 10.86 6.42 -2.85
N ASN A 54 12.02 6.40 -3.52
CA ASN A 54 12.86 7.59 -3.63
C ASN A 54 12.05 8.76 -4.18
N ASP A 55 11.12 8.46 -5.10
CA ASP A 55 10.29 9.49 -5.71
C ASP A 55 9.46 10.21 -4.65
N TYR A 56 8.74 9.44 -3.85
CA TYR A 56 7.89 10.01 -2.80
C TYR A 56 8.75 10.63 -1.70
N TYR A 57 9.94 10.08 -1.50
CA TYR A 57 10.85 10.58 -0.47
C TYR A 57 11.00 12.08 -0.56
N ALA A 58 11.03 12.60 -1.78
CA ALA A 58 11.17 14.04 -2.02
C ALA A 58 10.10 14.82 -1.25
N LEU A 59 8.93 14.20 -1.09
CA LEU A 59 7.82 14.83 -0.39
C LEU A 59 8.19 15.12 1.07
N LYS A 60 9.27 14.50 1.53
CA LYS A 60 9.74 14.68 2.90
C LYS A 60 9.80 16.16 3.25
N HIS A 61 10.11 16.98 2.27
CA HIS A 61 10.21 18.42 2.47
C HIS A 61 8.97 18.96 3.19
N VAL A 62 7.83 18.32 2.94
CA VAL A 62 6.58 18.73 3.56
C VAL A 62 6.13 17.73 4.61
N PRO A 63 6.25 18.12 5.89
CA PRO A 63 5.86 17.27 7.02
C PRO A 63 4.35 17.08 7.11
N LYS A 64 3.60 18.05 6.58
CA LYS A 64 2.15 17.99 6.60
C LYS A 64 1.64 16.73 5.89
N CYS A 65 2.16 16.50 4.69
CA CYS A 65 1.76 15.34 3.89
C CYS A 65 2.65 14.15 4.22
N TRP A 66 3.91 14.41 4.50
CA TRP A 66 4.87 13.34 4.82
C TRP A 66 4.36 12.49 5.97
N ALA A 67 4.06 13.13 7.09
CA ALA A 67 3.56 12.42 8.26
C ALA A 67 2.22 11.77 7.98
N ALA A 68 1.59 12.16 6.88
CA ALA A 68 0.30 11.61 6.49
C ALA A 68 0.45 10.20 5.92
N ILE A 69 1.59 9.94 5.30
CA ILE A 69 1.86 8.63 4.72
C ILE A 69 2.77 7.81 5.62
N GLN A 70 2.96 8.26 6.85
CA GLN A 70 3.80 7.57 7.81
C GLN A 70 3.28 6.16 8.08
N PRO A 71 2.03 6.08 8.56
CA PRO A 71 1.39 4.80 8.87
C PRO A 71 1.06 4.00 7.61
N PHE A 72 0.80 4.70 6.52
CA PHE A 72 0.48 4.06 5.26
C PHE A 72 1.74 3.60 4.53
N LEU A 73 2.88 4.14 4.95
CA LEU A 73 4.16 3.79 4.35
C LEU A 73 4.37 2.28 4.34
N CYS A 74 3.68 1.59 5.24
CA CYS A 74 3.78 0.13 5.34
C CYS A 74 2.64 -0.55 4.57
N ALA A 75 1.45 0.04 4.66
CA ALA A 75 0.28 -0.51 3.98
C ALA A 75 0.24 -0.05 2.52
N VAL A 76 1.28 0.64 2.09
CA VAL A 76 1.35 1.13 0.72
C VAL A 76 2.38 0.35 -0.09
N PHE A 77 3.46 -0.04 0.56
CA PHE A 77 4.52 -0.80 -0.11
C PHE A 77 4.58 -2.22 0.44
N LYS A 78 4.36 -2.36 1.74
CA LYS A 78 4.40 -3.68 2.38
C LYS A 78 3.01 -4.08 2.86
N PRO A 79 2.16 -4.51 1.91
CA PRO A 79 0.79 -4.94 2.22
C PRO A 79 0.75 -6.25 2.99
N LYS A 80 -0.23 -6.38 3.87
CA LYS A 80 -0.39 -7.59 4.67
C LYS A 80 -0.83 -8.76 3.81
N CYS A 81 0.11 -9.64 3.48
CA CYS A 81 -0.18 -10.81 2.65
C CYS A 81 -0.43 -12.03 3.52
N GLU A 82 -1.43 -12.83 3.15
CA GLU A 82 -1.76 -14.03 3.90
C GLU A 82 -2.59 -14.99 3.04
N LYS A 83 -2.82 -16.19 3.57
CA LYS A 83 -3.58 -17.21 2.85
C LYS A 83 -4.98 -17.34 3.44
N ILE A 84 -5.98 -16.84 2.71
CA ILE A 84 -7.36 -16.92 3.16
C ILE A 84 -8.03 -18.21 2.69
N ASN A 85 -8.40 -19.04 3.66
CA ASN A 85 -9.04 -20.32 3.36
C ASN A 85 -8.14 -21.19 2.50
N GLY A 86 -6.85 -20.90 2.52
CA GLY A 86 -5.90 -21.68 1.74
C GLY A 86 -5.60 -21.05 0.40
N GLU A 87 -5.85 -19.74 0.29
CA GLU A 87 -5.61 -19.02 -0.95
C GLU A 87 -4.72 -17.80 -0.71
N ASP A 88 -3.54 -17.82 -1.33
CA ASP A 88 -2.60 -16.71 -1.19
C ASP A 88 -3.21 -15.41 -1.68
N MET A 89 -3.68 -14.59 -0.73
CA MET A 89 -4.28 -13.31 -1.06
C MET A 89 -3.53 -12.16 -0.40
N VAL A 90 -3.95 -10.93 -0.69
CA VAL A 90 -3.31 -9.75 -0.12
C VAL A 90 -4.35 -8.81 0.49
N TYR A 91 -3.88 -7.87 1.29
CA TYR A 91 -4.75 -6.90 1.94
C TYR A 91 -4.45 -5.49 1.45
N LEU A 92 -5.50 -4.78 1.05
CA LEU A 92 -5.35 -3.40 0.57
C LEU A 92 -5.77 -2.40 1.63
N PRO A 93 -5.29 -1.15 1.51
CA PRO A 93 -5.60 -0.08 2.45
C PRO A 93 -7.06 0.37 2.35
N SER A 94 -7.64 0.72 3.49
CA SER A 94 -9.03 1.16 3.54
C SER A 94 -9.12 2.68 3.38
N TYR A 95 -10.35 3.18 3.24
CA TYR A 95 -10.58 4.61 3.08
C TYR A 95 -9.87 5.40 4.17
N GLU A 96 -9.77 4.81 5.35
CA GLU A 96 -9.11 5.46 6.48
C GLU A 96 -7.63 5.68 6.19
N MET A 97 -6.92 4.60 5.88
CA MET A 97 -5.50 4.68 5.58
C MET A 97 -5.22 5.72 4.49
N CYS A 98 -6.06 5.70 3.45
CA CYS A 98 -5.90 6.64 2.34
C CYS A 98 -6.37 8.03 2.74
N ARG A 99 -7.24 8.09 3.74
CA ARG A 99 -7.77 9.37 4.21
C ARG A 99 -6.70 10.14 4.98
N ILE A 100 -5.81 9.41 5.64
CA ILE A 100 -4.73 10.04 6.42
C ILE A 100 -3.99 11.07 5.59
N THR A 101 -3.89 10.81 4.29
CA THR A 101 -3.19 11.73 3.38
C THR A 101 -4.16 12.73 2.78
N MET A 102 -5.44 12.40 2.78
CA MET A 102 -6.46 13.28 2.23
C MET A 102 -6.63 14.53 3.10
N GLU A 103 -6.46 14.36 4.40
CA GLU A 103 -6.59 15.48 5.34
C GLU A 103 -5.69 16.63 4.92
N PRO A 104 -4.37 16.38 4.90
CA PRO A 104 -3.38 17.40 4.53
C PRO A 104 -3.43 17.75 3.05
N CYS A 105 -3.44 16.71 2.21
CA CYS A 105 -3.49 16.91 0.76
C CYS A 105 -4.76 16.28 0.17
N ARG A 106 -5.87 16.99 0.30
CA ARG A 106 -7.15 16.51 -0.21
C ARG A 106 -7.20 16.64 -1.74
N ILE A 107 -6.37 17.52 -2.28
CA ILE A 107 -6.32 17.73 -3.73
C ILE A 107 -5.87 16.47 -4.45
N LEU A 108 -5.29 15.53 -3.70
CA LEU A 108 -4.82 14.27 -4.27
C LEU A 108 -5.85 13.16 -4.07
N TYR A 109 -7.12 13.54 -4.02
CA TYR A 109 -8.20 12.58 -3.82
C TYR A 109 -8.51 11.84 -5.12
N ASN A 110 -7.82 12.22 -6.19
CA ASN A 110 -8.02 11.60 -7.50
C ASN A 110 -7.04 12.16 -8.52
N THR A 111 -6.74 13.45 -8.39
CA THR A 111 -5.82 14.11 -9.31
C THR A 111 -4.51 13.34 -9.43
N THR A 112 -3.93 13.36 -10.63
CA THR A 112 -2.67 12.66 -10.88
C THR A 112 -1.48 13.54 -10.55
N PHE A 113 -1.49 14.13 -9.36
CA PHE A 113 -0.40 14.99 -8.92
C PHE A 113 0.63 14.20 -8.13
N PHE A 114 0.20 13.11 -7.51
CA PHE A 114 1.08 12.27 -6.72
C PHE A 114 0.63 10.81 -6.76
N PRO A 115 0.72 10.19 -7.95
CA PRO A 115 0.32 8.79 -8.15
C PRO A 115 1.27 7.82 -7.46
N LYS A 116 2.56 8.01 -7.68
CA LYS A 116 3.58 7.14 -7.08
C LYS A 116 3.64 7.35 -5.57
N PHE A 117 3.23 8.54 -5.13
CA PHE A 117 3.25 8.85 -3.70
C PHE A 117 1.90 8.52 -3.06
N LEU A 118 0.85 8.47 -3.88
CA LEU A 118 -0.49 8.17 -3.40
C LEU A 118 -1.12 7.04 -4.22
N ARG A 119 -0.35 6.00 -4.48
CA ARG A 119 -0.83 4.87 -5.26
C ARG A 119 -1.73 3.97 -4.40
N CYS A 120 -2.84 4.53 -3.93
CA CYS A 120 -3.78 3.78 -3.11
C CYS A 120 -5.21 4.05 -3.54
N ASN A 121 -6.10 3.09 -3.27
CA ASN A 121 -7.50 3.22 -3.63
C ASN A 121 -8.08 4.53 -3.10
N GLU A 122 -8.47 5.41 -4.01
CA GLU A 122 -9.05 6.70 -3.64
C GLU A 122 -10.43 6.89 -4.25
N THR A 123 -10.48 6.98 -5.57
CA THR A 123 -11.74 7.15 -6.27
C THR A 123 -12.61 5.90 -6.18
N LEU A 124 -11.97 4.77 -5.90
CA LEU A 124 -12.68 3.50 -5.78
C LEU A 124 -13.66 3.54 -4.61
N PHE A 125 -14.19 2.37 -4.24
CA PHE A 125 -15.14 2.27 -3.14
C PHE A 125 -14.54 1.48 -1.99
N PRO A 126 -13.60 2.10 -1.27
CA PRO A 126 -12.92 1.47 -0.12
C PRO A 126 -13.85 1.28 1.06
N THR A 127 -14.56 2.35 1.43
CA THR A 127 -15.49 2.30 2.56
C THR A 127 -16.45 1.13 2.42
N LYS A 128 -17.42 1.26 1.52
CA LYS A 128 -18.40 0.21 1.28
C LYS A 128 -19.29 0.55 0.09
N SER A 1 -6.60 -12.55 -13.89
CA SER A 1 -7.64 -12.50 -12.86
C SER A 1 -7.01 -12.39 -11.48
N GLY A 2 -7.79 -11.87 -10.53
CA GLY A 2 -7.29 -11.72 -9.17
C GLY A 2 -8.29 -11.02 -8.26
N LEU A 3 -9.17 -11.81 -7.64
CA LEU A 3 -10.17 -11.27 -6.74
C LEU A 3 -10.75 -12.35 -5.84
N VAL A 4 -11.58 -11.94 -4.89
CA VAL A 4 -12.19 -12.88 -3.96
C VAL A 4 -13.68 -12.61 -3.80
N PRO A 5 -14.49 -13.68 -3.89
CA PRO A 5 -15.94 -13.58 -3.77
C PRO A 5 -16.38 -13.24 -2.34
N ARG A 6 -16.28 -11.97 -1.98
CA ARG A 6 -16.66 -11.52 -0.65
C ARG A 6 -17.34 -10.16 -0.71
N GLY A 7 -16.58 -9.13 -1.05
CA GLY A 7 -17.12 -7.79 -1.14
C GLY A 7 -16.82 -7.13 -2.47
N SER A 8 -15.85 -6.21 -2.46
CA SER A 8 -15.47 -5.50 -3.67
C SER A 8 -13.98 -5.11 -3.63
N HIS A 9 -13.67 -4.10 -2.83
CA HIS A 9 -12.29 -3.65 -2.70
C HIS A 9 -11.78 -3.86 -1.28
N MET A 10 -11.36 -5.07 -0.98
CA MET A 10 -10.85 -5.41 0.35
C MET A 10 -9.72 -6.43 0.26
N VAL A 11 -9.98 -7.52 -0.44
CA VAL A 11 -8.98 -8.58 -0.60
C VAL A 11 -9.04 -9.19 -2.00
N ARG A 12 -7.92 -9.72 -2.47
CA ARG A 12 -7.85 -10.33 -3.79
C ARG A 12 -6.81 -11.44 -3.81
N ARG A 13 -7.07 -12.47 -4.61
CA ARG A 13 -6.15 -13.60 -4.74
C ARG A 13 -4.94 -13.23 -5.60
N ALA A 14 -4.04 -12.42 -5.03
CA ALA A 14 -2.85 -11.99 -5.75
C ALA A 14 -1.64 -12.84 -5.37
N ARG A 15 -0.46 -12.40 -5.77
CA ARG A 15 0.77 -13.13 -5.47
C ARG A 15 1.46 -12.53 -4.24
N CYS A 16 2.11 -13.38 -3.47
CA CYS A 16 2.81 -12.94 -2.26
C CYS A 16 4.24 -13.47 -2.24
N TYR A 17 5.16 -12.66 -1.73
CA TYR A 17 6.56 -13.05 -1.66
C TYR A 17 7.15 -12.70 -0.30
N PRO A 18 8.16 -13.49 0.13
CA PRO A 18 8.83 -13.27 1.41
C PRO A 18 9.68 -12.01 1.43
N THR A 19 9.27 -11.03 2.22
CA THR A 19 10.00 -9.77 2.32
C THR A 19 11.42 -9.99 2.83
N SER A 20 11.54 -10.29 4.11
CA SER A 20 12.85 -10.54 4.72
C SER A 20 13.02 -12.00 5.11
N ASN A 21 14.21 -12.35 5.56
CA ASN A 21 14.50 -13.73 5.96
C ASN A 21 13.73 -14.09 7.22
N ALA A 22 13.75 -13.20 8.21
CA ALA A 22 13.04 -13.44 9.46
C ALA A 22 11.64 -12.86 9.42
N THR A 23 11.54 -11.56 9.14
CA THR A 23 10.26 -10.89 9.07
C THR A 23 10.39 -9.50 8.46
N ASN A 24 9.30 -8.96 7.95
CA ASN A 24 9.29 -7.63 7.34
C ASN A 24 9.13 -6.55 8.40
N THR A 25 9.93 -5.49 8.30
CA THR A 25 9.88 -4.39 9.24
C THR A 25 9.51 -3.09 8.55
N CYS A 26 8.70 -2.27 9.21
CA CYS A 26 8.28 -0.98 8.66
C CYS A 26 8.40 0.13 9.69
N PHE A 27 9.21 1.14 9.37
CA PHE A 27 9.41 2.26 10.28
C PHE A 27 9.82 1.78 11.66
N GLY A 28 10.80 0.88 11.70
CA GLY A 28 11.27 0.35 12.97
C GLY A 28 10.38 -0.75 13.50
N SER A 29 9.10 -0.46 13.65
CA SER A 29 8.14 -1.44 14.16
C SER A 29 7.96 -2.58 13.17
N LYS A 30 8.23 -3.80 13.63
CA LYS A 30 8.09 -4.98 12.78
C LYS A 30 6.62 -5.27 12.48
N LEU A 31 6.33 -5.61 11.22
CA LEU A 31 4.97 -5.91 10.81
C LEU A 31 4.59 -7.34 11.19
N PRO A 32 3.28 -7.58 11.36
CA PRO A 32 2.75 -8.90 11.72
C PRO A 32 2.89 -9.90 10.59
N TYR A 33 3.28 -9.42 9.41
CA TYR A 33 3.45 -10.28 8.25
C TYR A 33 4.85 -10.14 7.66
N GLU A 34 5.37 -11.23 7.12
CA GLU A 34 6.70 -11.23 6.53
C GLU A 34 6.62 -11.39 5.00
N LEU A 35 5.41 -11.26 4.47
CA LEU A 35 5.20 -11.40 3.03
C LEU A 35 4.78 -10.06 2.42
N SER A 36 4.73 -10.02 1.10
CA SER A 36 4.34 -8.79 0.39
C SER A 36 3.81 -9.12 -1.01
N SER A 37 2.95 -8.26 -1.52
CA SER A 37 2.38 -8.45 -2.85
C SER A 37 2.76 -7.31 -3.78
N LEU A 38 3.72 -7.56 -4.66
CA LEU A 38 4.18 -6.55 -5.61
C LEU A 38 3.04 -6.10 -6.51
N ASP A 39 2.09 -7.00 -6.76
CA ASP A 39 0.95 -6.69 -7.61
C ASP A 39 0.15 -5.52 -7.04
N LEU A 40 0.22 -5.34 -5.73
CA LEU A 40 -0.49 -4.25 -5.07
C LEU A 40 -0.10 -2.90 -5.65
N THR A 41 1.08 -2.85 -6.27
CA THR A 41 1.57 -1.61 -6.87
C THR A 41 1.68 -1.76 -8.39
N ASP A 42 2.17 -0.70 -9.04
CA ASP A 42 2.32 -0.71 -10.49
C ASP A 42 3.80 -0.81 -10.87
N PHE A 43 4.44 -1.88 -10.44
CA PHE A 43 5.86 -2.10 -10.74
C PHE A 43 6.07 -3.43 -11.46
N HIS A 44 7.33 -3.81 -11.62
CA HIS A 44 7.66 -5.06 -12.30
C HIS A 44 8.66 -5.88 -11.48
N THR A 45 8.89 -5.44 -10.24
CA THR A 45 9.83 -6.13 -9.35
C THR A 45 9.95 -5.40 -8.02
N GLU A 46 10.38 -6.13 -6.99
CA GLU A 46 10.53 -5.55 -5.66
C GLU A 46 11.48 -4.34 -5.70
N LYS A 47 12.56 -4.48 -6.44
CA LYS A 47 13.55 -3.39 -6.55
C LYS A 47 12.88 -2.11 -7.01
N GLU A 48 11.85 -2.24 -7.84
CA GLU A 48 11.12 -1.08 -8.35
C GLU A 48 10.32 -0.41 -7.24
N LEU A 49 9.73 -1.24 -6.37
CA LEU A 49 8.91 -0.74 -5.27
C LEU A 49 9.78 0.03 -4.27
N ASN A 50 10.91 -0.55 -3.90
CA ASN A 50 11.82 0.08 -2.95
C ASN A 50 12.52 1.27 -3.59
N ASP A 51 12.75 1.19 -4.90
CA ASP A 51 13.42 2.26 -5.63
C ASP A 51 12.49 3.46 -5.80
N LYS A 52 11.19 3.18 -5.91
CA LYS A 52 10.19 4.23 -6.08
C LYS A 52 10.05 5.05 -4.80
N LEU A 53 10.29 4.42 -3.67
CA LEU A 53 10.19 5.10 -2.37
C LEU A 53 10.98 6.41 -2.38
N ASN A 54 12.12 6.40 -3.09
CA ASN A 54 12.96 7.59 -3.18
C ASN A 54 12.20 8.75 -3.78
N ASP A 55 11.29 8.44 -4.71
CA ASP A 55 10.50 9.47 -5.37
C ASP A 55 9.65 10.24 -4.36
N TYR A 56 8.87 9.51 -3.58
CA TYR A 56 8.02 10.12 -2.56
C TYR A 56 8.84 10.68 -1.41
N TYR A 57 9.99 10.06 -1.16
CA TYR A 57 10.87 10.49 -0.09
C TYR A 57 11.11 12.00 -0.13
N ALA A 58 11.24 12.53 -1.35
CA ALA A 58 11.46 13.95 -1.53
C ALA A 58 10.37 14.77 -0.83
N LEU A 59 9.17 14.21 -0.77
CA LEU A 59 8.05 14.89 -0.12
C LEU A 59 8.34 15.14 1.35
N LYS A 60 9.35 14.46 1.88
CA LYS A 60 9.73 14.60 3.27
C LYS A 60 9.77 16.07 3.69
N HIS A 61 10.13 16.93 2.74
CA HIS A 61 10.21 18.37 3.00
C HIS A 61 8.93 18.87 3.64
N VAL A 62 7.79 18.37 3.15
CA VAL A 62 6.49 18.78 3.67
C VAL A 62 6.00 17.79 4.73
N PRO A 63 6.01 18.25 6.00
CA PRO A 63 5.56 17.43 7.13
C PRO A 63 4.06 17.19 7.12
N LYS A 64 3.32 18.14 6.55
CA LYS A 64 1.87 18.03 6.47
C LYS A 64 1.45 16.76 5.74
N CYS A 65 2.13 16.47 4.63
CA CYS A 65 1.83 15.28 3.84
C CYS A 65 2.73 14.13 4.25
N TRP A 66 3.97 14.43 4.61
CA TRP A 66 4.92 13.41 5.02
C TRP A 66 4.36 12.56 6.14
N ALA A 67 3.96 13.20 7.24
CA ALA A 67 3.41 12.50 8.38
C ALA A 67 2.06 11.87 8.03
N ALA A 68 1.50 12.26 6.89
CA ALA A 68 0.22 11.75 6.44
C ALA A 68 0.35 10.32 5.91
N ILE A 69 1.51 10.03 5.31
CA ILE A 69 1.77 8.71 4.75
C ILE A 69 2.62 7.87 5.70
N GLN A 70 2.75 8.35 6.94
CA GLN A 70 3.54 7.63 7.95
C GLN A 70 2.99 6.23 8.18
N PRO A 71 1.72 6.17 8.63
CA PRO A 71 1.05 4.89 8.89
C PRO A 71 0.75 4.11 7.62
N PHE A 72 0.51 4.83 6.53
CA PHE A 72 0.21 4.20 5.25
C PHE A 72 1.49 3.71 4.57
N LEU A 73 2.62 4.22 5.03
CA LEU A 73 3.92 3.84 4.47
C LEU A 73 4.10 2.33 4.49
N CYS A 74 3.33 1.66 5.34
CA CYS A 74 3.40 0.21 5.46
C CYS A 74 2.31 -0.45 4.63
N ALA A 75 1.11 0.14 4.65
CA ALA A 75 -0.01 -0.40 3.90
C ALA A 75 0.02 0.09 2.46
N VAL A 76 1.09 0.79 2.09
CA VAL A 76 1.23 1.30 0.73
C VAL A 76 2.30 0.53 -0.04
N PHE A 77 3.35 0.12 0.66
CA PHE A 77 4.45 -0.63 0.04
C PHE A 77 4.47 -2.07 0.53
N LYS A 78 4.21 -2.25 1.83
CA LYS A 78 4.19 -3.58 2.44
C LYS A 78 2.78 -3.97 2.88
N PRO A 79 1.93 -4.30 1.90
CA PRO A 79 0.54 -4.68 2.17
C PRO A 79 0.44 -6.04 2.85
N LYS A 80 -0.35 -6.11 3.92
CA LYS A 80 -0.53 -7.35 4.66
C LYS A 80 -0.87 -8.51 3.72
N CYS A 81 0.12 -9.37 3.47
CA CYS A 81 -0.07 -10.52 2.59
C CYS A 81 -0.26 -11.80 3.39
N GLU A 82 -1.42 -12.42 3.24
CA GLU A 82 -1.73 -13.66 3.95
C GLU A 82 -2.47 -14.64 3.06
N LYS A 83 -2.49 -15.91 3.45
CA LYS A 83 -3.16 -16.94 2.68
C LYS A 83 -4.47 -17.34 3.34
N ILE A 84 -5.58 -17.04 2.68
CA ILE A 84 -6.90 -17.38 3.20
C ILE A 84 -7.39 -18.72 2.66
N ASN A 85 -7.66 -19.65 3.57
CA ASN A 85 -8.12 -20.98 3.19
C ASN A 85 -7.14 -21.66 2.25
N GLY A 86 -5.86 -21.27 2.34
CA GLY A 86 -4.84 -21.84 1.49
C GLY A 86 -4.72 -21.13 0.17
N GLU A 87 -5.36 -19.96 0.06
CA GLU A 87 -5.32 -19.18 -1.16
C GLU A 87 -4.56 -17.87 -0.95
N ASP A 88 -3.49 -17.68 -1.71
CA ASP A 88 -2.68 -16.48 -1.61
C ASP A 88 -3.51 -15.24 -1.89
N MET A 89 -3.67 -14.40 -0.87
CA MET A 89 -4.45 -13.17 -1.01
C MET A 89 -3.62 -11.96 -0.59
N VAL A 90 -4.20 -10.78 -0.76
CA VAL A 90 -3.51 -9.54 -0.40
C VAL A 90 -4.48 -8.53 0.20
N TYR A 91 -3.96 -7.67 1.08
CA TYR A 91 -4.79 -6.67 1.73
C TYR A 91 -4.47 -5.27 1.20
N LEU A 92 -5.51 -4.46 1.01
CA LEU A 92 -5.34 -3.11 0.50
C LEU A 92 -5.84 -2.09 1.51
N PRO A 93 -5.38 -0.83 1.36
CA PRO A 93 -5.77 0.26 2.26
C PRO A 93 -7.23 0.68 2.06
N SER A 94 -7.83 1.21 3.12
CA SER A 94 -9.22 1.66 3.06
C SER A 94 -9.31 3.17 2.94
N TYR A 95 -10.53 3.68 2.85
CA TYR A 95 -10.76 5.11 2.73
C TYR A 95 -10.03 5.87 3.84
N GLU A 96 -9.95 5.25 5.01
CA GLU A 96 -9.26 5.87 6.15
C GLU A 96 -7.78 6.05 5.86
N MET A 97 -7.11 4.95 5.54
CA MET A 97 -5.69 4.98 5.25
C MET A 97 -5.36 6.03 4.19
N CYS A 98 -6.19 6.08 3.16
CA CYS A 98 -6.00 7.05 2.08
C CYS A 98 -6.45 8.44 2.50
N ARG A 99 -7.32 8.49 3.50
CA ARG A 99 -7.84 9.77 4.00
C ARG A 99 -6.75 10.51 4.79
N ILE A 100 -5.89 9.75 5.46
CA ILE A 100 -4.82 10.34 6.25
C ILE A 100 -4.02 11.35 5.43
N THR A 101 -3.90 11.09 4.13
CA THR A 101 -3.17 11.98 3.24
C THR A 101 -4.09 13.02 2.62
N MET A 102 -5.39 12.74 2.65
CA MET A 102 -6.38 13.67 2.08
C MET A 102 -6.48 14.93 2.93
N GLU A 103 -6.31 14.78 4.25
CA GLU A 103 -6.38 15.90 5.16
C GLU A 103 -5.43 17.02 4.73
N PRO A 104 -4.12 16.71 4.71
CA PRO A 104 -3.08 17.67 4.32
C PRO A 104 -3.12 17.99 2.84
N CYS A 105 -3.17 16.95 2.01
CA CYS A 105 -3.21 17.12 0.57
C CYS A 105 -4.50 16.55 -0.01
N ARG A 106 -5.56 17.35 0.04
CA ARG A 106 -6.86 16.92 -0.48
C ARG A 106 -6.91 17.09 -2.00
N ILE A 107 -6.07 17.97 -2.52
CA ILE A 107 -6.02 18.23 -3.96
C ILE A 107 -5.85 16.94 -4.74
N LEU A 108 -5.27 15.94 -4.10
CA LEU A 108 -5.05 14.63 -4.74
C LEU A 108 -6.21 13.69 -4.45
N TYR A 109 -7.40 14.24 -4.31
CA TYR A 109 -8.60 13.44 -4.04
C TYR A 109 -8.94 12.55 -5.23
N ASN A 110 -8.29 12.82 -6.36
CA ASN A 110 -8.53 12.05 -7.58
C ASN A 110 -7.50 12.40 -8.65
N THR A 111 -7.11 13.66 -8.69
CA THR A 111 -6.13 14.12 -9.68
C THR A 111 -4.92 13.20 -9.73
N THR A 112 -4.28 13.13 -10.89
CA THR A 112 -3.10 12.29 -11.06
C THR A 112 -1.82 13.10 -10.97
N PHE A 113 -1.81 14.07 -10.06
CA PHE A 113 -0.64 14.92 -9.86
C PHE A 113 0.46 14.17 -9.11
N PHE A 114 0.06 13.16 -8.35
CA PHE A 114 1.01 12.36 -7.58
C PHE A 114 0.45 10.97 -7.31
N PRO A 115 0.26 10.20 -8.39
CA PRO A 115 -0.26 8.83 -8.30
C PRO A 115 0.74 7.86 -7.67
N LYS A 116 1.97 7.89 -8.15
CA LYS A 116 3.02 7.02 -7.63
C LYS A 116 3.27 7.30 -6.15
N PHE A 117 3.18 8.57 -5.78
CA PHE A 117 3.40 8.97 -4.39
C PHE A 117 2.27 8.47 -3.49
N LEU A 118 1.12 8.21 -4.09
CA LEU A 118 -0.04 7.72 -3.34
C LEU A 118 -0.10 6.20 -3.37
N ARG A 119 -0.32 5.65 -4.55
CA ARG A 119 -0.39 4.19 -4.71
C ARG A 119 -1.50 3.61 -3.85
N CYS A 120 -2.71 4.16 -3.98
CA CYS A 120 -3.85 3.70 -3.21
C CYS A 120 -5.16 4.11 -3.88
N ASN A 121 -6.18 3.28 -3.73
CA ASN A 121 -7.49 3.56 -4.33
C ASN A 121 -8.11 4.80 -3.68
N GLU A 122 -8.34 5.82 -4.50
CA GLU A 122 -8.95 7.07 -4.02
C GLU A 122 -10.37 7.22 -4.54
N THR A 123 -10.50 7.25 -5.86
CA THR A 123 -11.81 7.40 -6.50
C THR A 123 -12.25 6.11 -7.15
N LEU A 124 -11.59 5.01 -6.79
CA LEU A 124 -11.92 3.70 -7.36
C LEU A 124 -13.09 3.06 -6.61
N PHE A 125 -12.80 2.53 -5.42
CA PHE A 125 -13.82 1.89 -4.60
C PHE A 125 -13.33 1.69 -3.18
N PRO A 126 -13.08 2.81 -2.47
CA PRO A 126 -12.60 2.79 -1.09
C PRO A 126 -13.67 2.31 -0.11
N THR A 127 -13.40 2.46 1.18
CA THR A 127 -14.33 2.04 2.21
C THR A 127 -14.67 0.56 2.08
N LYS A 128 -14.05 -0.26 2.92
CA LYS A 128 -14.28 -1.71 2.89
C LYS A 128 -15.78 -2.01 2.96
N SER A 1 -5.25 -18.40 -10.62
CA SER A 1 -5.34 -16.96 -10.42
C SER A 1 -6.78 -16.48 -10.58
N GLY A 2 -7.17 -15.51 -9.77
CA GLY A 2 -8.52 -14.99 -9.85
C GLY A 2 -8.68 -13.67 -9.09
N LEU A 3 -9.92 -13.22 -8.95
CA LEU A 3 -10.19 -11.97 -8.24
C LEU A 3 -11.38 -12.14 -7.29
N VAL A 4 -11.08 -12.55 -6.06
CA VAL A 4 -12.11 -12.73 -5.05
C VAL A 4 -12.97 -11.49 -4.90
N PRO A 5 -14.31 -11.68 -4.92
CA PRO A 5 -15.27 -10.59 -4.79
C PRO A 5 -15.28 -9.99 -3.39
N ARG A 6 -15.29 -10.85 -2.38
CA ARG A 6 -15.30 -10.40 -0.99
C ARG A 6 -16.47 -9.46 -0.73
N GLY A 7 -16.53 -8.92 0.48
CA GLY A 7 -17.60 -8.01 0.83
C GLY A 7 -17.43 -6.64 0.19
N SER A 8 -16.21 -6.34 -0.27
CA SER A 8 -15.93 -5.06 -0.89
C SER A 8 -14.67 -5.16 -1.76
N HIS A 9 -14.40 -6.35 -2.26
CA HIS A 9 -13.24 -6.58 -3.11
C HIS A 9 -11.97 -6.04 -2.45
N MET A 10 -11.90 -6.17 -1.13
CA MET A 10 -10.75 -5.71 -0.37
C MET A 10 -9.66 -6.77 -0.34
N VAL A 11 -9.88 -7.86 -1.05
CA VAL A 11 -8.92 -8.95 -1.11
C VAL A 11 -8.88 -9.59 -2.48
N ARG A 12 -7.74 -10.18 -2.84
CA ARG A 12 -7.58 -10.83 -4.13
C ARG A 12 -6.50 -11.91 -4.07
N ARG A 13 -6.67 -12.95 -4.88
CA ARG A 13 -5.72 -14.05 -4.91
C ARG A 13 -4.43 -13.62 -5.60
N ALA A 14 -3.58 -12.91 -4.86
CA ALA A 14 -2.31 -12.45 -5.40
C ALA A 14 -1.14 -13.27 -4.86
N ARG A 15 0.02 -13.13 -5.49
CA ARG A 15 1.21 -13.87 -5.08
C ARG A 15 1.58 -13.54 -3.63
N CYS A 16 2.69 -14.10 -3.17
CA CYS A 16 3.16 -13.86 -1.81
C CYS A 16 4.61 -14.30 -1.66
N TYR A 17 5.48 -13.35 -1.35
CA TYR A 17 6.91 -13.63 -1.17
C TYR A 17 7.41 -13.09 0.17
N PRO A 18 8.45 -13.73 0.71
CA PRO A 18 9.05 -13.34 1.98
C PRO A 18 9.80 -12.02 1.88
N THR A 19 9.31 -11.00 2.60
CA THR A 19 9.93 -9.68 2.60
C THR A 19 11.36 -9.75 3.15
N SER A 20 11.47 -9.90 4.46
CA SER A 20 12.77 -9.98 5.11
C SER A 20 13.04 -11.37 5.64
N ASN A 21 14.22 -11.57 6.22
CA ASN A 21 14.60 -12.86 6.77
C ASN A 21 13.75 -13.21 7.99
N ALA A 22 13.63 -12.26 8.91
CA ALA A 22 12.85 -12.47 10.12
C ALA A 22 11.41 -11.98 9.93
N THR A 23 11.26 -10.71 9.54
CA THR A 23 9.95 -10.13 9.33
C THR A 23 10.07 -8.70 8.79
N ASN A 24 9.16 -8.33 7.90
CA ASN A 24 9.15 -7.00 7.31
C ASN A 24 9.06 -5.93 8.39
N THR A 25 9.82 -4.85 8.21
CA THR A 25 9.82 -3.75 9.17
C THR A 25 9.39 -2.45 8.51
N CYS A 26 8.80 -1.56 9.31
CA CYS A 26 8.34 -0.27 8.80
C CYS A 26 8.70 0.85 9.77
N PHE A 27 9.79 1.56 9.50
CA PHE A 27 10.23 2.65 10.34
C PHE A 27 10.37 2.20 11.79
N GLY A 28 11.06 1.08 12.00
CA GLY A 28 11.25 0.56 13.33
C GLY A 28 10.15 -0.39 13.75
N SER A 29 8.90 0.02 13.51
CA SER A 29 7.74 -0.79 13.87
C SER A 29 7.58 -1.97 12.91
N LYS A 30 7.84 -3.18 13.40
CA LYS A 30 7.73 -4.38 12.60
C LYS A 30 6.28 -4.66 12.23
N LEU A 31 6.05 -5.04 10.97
CA LEU A 31 4.71 -5.33 10.50
C LEU A 31 4.25 -6.71 10.97
N PRO A 32 2.92 -6.88 11.09
CA PRO A 32 2.33 -8.15 11.53
C PRO A 32 2.47 -9.24 10.48
N TYR A 33 2.97 -8.88 9.30
CA TYR A 33 3.15 -9.84 8.22
C TYR A 33 4.62 -9.95 7.84
N GLU A 34 4.98 -11.06 7.22
CA GLU A 34 6.36 -11.30 6.80
C GLU A 34 6.44 -11.56 5.30
N LEU A 35 5.30 -11.43 4.63
CA LEU A 35 5.23 -11.66 3.18
C LEU A 35 4.75 -10.41 2.45
N SER A 36 4.80 -10.44 1.13
CA SER A 36 4.38 -9.31 0.32
C SER A 36 3.96 -9.77 -1.08
N SER A 37 3.18 -8.93 -1.75
CA SER A 37 2.70 -9.26 -3.09
C SER A 37 3.01 -8.12 -4.07
N LEU A 38 3.95 -8.36 -4.97
CA LEU A 38 4.34 -7.37 -5.97
C LEU A 38 3.16 -6.99 -6.86
N ASP A 39 2.17 -7.87 -6.90
CA ASP A 39 0.97 -7.62 -7.72
C ASP A 39 0.25 -6.36 -7.25
N LEU A 40 0.38 -6.05 -5.97
CA LEU A 40 -0.26 -4.87 -5.39
C LEU A 40 0.17 -3.60 -6.13
N THR A 41 1.33 -3.66 -6.78
CA THR A 41 1.84 -2.52 -7.53
C THR A 41 1.91 -2.83 -9.01
N ASP A 42 2.39 -1.86 -9.79
CA ASP A 42 2.51 -2.02 -11.24
C ASP A 42 3.97 -2.17 -11.65
N PHE A 43 4.78 -2.74 -10.76
CA PHE A 43 6.20 -2.94 -11.03
C PHE A 43 6.46 -4.31 -11.63
N HIS A 44 7.72 -4.67 -11.77
CA HIS A 44 8.11 -5.96 -12.34
C HIS A 44 9.15 -6.65 -11.46
N THR A 45 9.33 -6.12 -10.25
CA THR A 45 10.30 -6.69 -9.31
C THR A 45 10.33 -5.89 -8.01
N GLU A 46 10.81 -6.53 -6.95
CA GLU A 46 10.90 -5.88 -5.64
C GLU A 46 11.78 -4.64 -5.72
N LYS A 47 12.90 -4.76 -6.41
CA LYS A 47 13.83 -3.64 -6.56
C LYS A 47 13.12 -2.40 -7.09
N GLU A 48 12.10 -2.62 -7.91
CA GLU A 48 11.34 -1.52 -8.49
C GLU A 48 10.48 -0.84 -7.43
N LEU A 49 9.90 -1.64 -6.54
CA LEU A 49 9.05 -1.11 -5.48
C LEU A 49 9.88 -0.31 -4.47
N ASN A 50 11.02 -0.86 -4.08
CA ASN A 50 11.91 -0.20 -3.13
C ASN A 50 12.55 1.04 -3.75
N ASP A 51 13.12 0.86 -4.93
CA ASP A 51 13.77 1.96 -5.63
C ASP A 51 12.78 3.10 -5.91
N LYS A 52 11.55 2.73 -6.27
CA LYS A 52 10.51 3.71 -6.56
C LYS A 52 10.28 4.63 -5.36
N LEU A 53 10.45 4.09 -4.17
CA LEU A 53 10.27 4.86 -2.94
C LEU A 53 11.07 6.15 -2.98
N ASN A 54 12.24 6.09 -3.63
CA ASN A 54 13.10 7.26 -3.74
C ASN A 54 12.34 8.45 -4.32
N ASP A 55 11.46 8.18 -5.28
CA ASP A 55 10.68 9.23 -5.92
C ASP A 55 9.77 9.91 -4.90
N TYR A 56 9.10 9.11 -4.08
CA TYR A 56 8.20 9.64 -3.06
C TYR A 56 8.98 10.25 -1.90
N TYR A 57 10.18 9.71 -1.65
CA TYR A 57 11.01 10.20 -0.57
C TYR A 57 11.16 11.72 -0.64
N ALA A 58 11.20 12.25 -1.84
CA ALA A 58 11.34 13.69 -2.05
C ALA A 58 10.26 14.44 -1.28
N LEU A 59 9.09 13.83 -1.14
CA LEU A 59 7.98 14.45 -0.43
C LEU A 59 8.35 14.73 1.02
N LYS A 60 9.40 14.06 1.50
CA LYS A 60 9.85 14.23 2.87
C LYS A 60 10.01 15.71 3.22
N HIS A 61 10.37 16.50 2.22
CA HIS A 61 10.54 17.94 2.41
C HIS A 61 9.31 18.55 3.10
N VAL A 62 8.14 18.09 2.69
CA VAL A 62 6.89 18.59 3.26
C VAL A 62 6.33 17.63 4.30
N PRO A 63 6.49 17.98 5.58
CA PRO A 63 6.01 17.15 6.70
C PRO A 63 4.49 17.14 6.79
N LYS A 64 3.86 18.19 6.27
CA LYS A 64 2.41 18.30 6.30
C LYS A 64 1.77 17.09 5.63
N CYS A 65 2.36 16.62 4.56
CA CYS A 65 1.84 15.46 3.83
C CYS A 65 2.70 14.22 4.10
N TRP A 66 4.00 14.44 4.27
CA TRP A 66 4.92 13.34 4.53
C TRP A 66 4.47 12.52 5.74
N ALA A 67 4.18 13.21 6.84
CA ALA A 67 3.74 12.55 8.06
C ALA A 67 2.38 11.89 7.86
N ALA A 68 1.72 12.22 6.75
CA ALA A 68 0.41 11.65 6.44
C ALA A 68 0.54 10.23 5.90
N ILE A 69 1.61 9.98 5.14
CA ILE A 69 1.85 8.68 4.57
C ILE A 69 2.75 7.83 5.47
N GLN A 70 2.96 8.31 6.69
CA GLN A 70 3.80 7.60 7.65
C GLN A 70 3.26 6.20 7.92
N PRO A 71 2.02 6.13 8.41
CA PRO A 71 1.35 4.86 8.72
C PRO A 71 1.01 4.06 7.47
N PHE A 72 0.70 4.77 6.38
CA PHE A 72 0.36 4.13 5.12
C PHE A 72 1.61 3.66 4.39
N LEU A 73 2.76 4.19 4.79
CA LEU A 73 4.03 3.82 4.17
C LEU A 73 4.22 2.31 4.18
N CYS A 74 3.53 1.63 5.09
CA CYS A 74 3.62 0.18 5.20
C CYS A 74 2.48 -0.49 4.45
N ALA A 75 1.30 0.11 4.51
CA ALA A 75 0.12 -0.43 3.84
C ALA A 75 0.08 0.00 2.38
N VAL A 76 1.13 0.69 1.94
CA VAL A 76 1.21 1.17 0.57
C VAL A 76 2.24 0.38 -0.23
N PHE A 77 3.33 0.01 0.43
CA PHE A 77 4.40 -0.75 -0.22
C PHE A 77 4.47 -2.17 0.35
N LYS A 78 4.17 -2.30 1.64
CA LYS A 78 4.20 -3.60 2.30
C LYS A 78 2.79 -4.04 2.70
N PRO A 79 2.01 -4.50 1.71
CA PRO A 79 0.64 -4.96 1.94
C PRO A 79 0.59 -6.26 2.72
N LYS A 80 -0.36 -6.37 3.63
CA LYS A 80 -0.52 -7.57 4.45
C LYS A 80 -0.95 -8.75 3.59
N CYS A 81 0.03 -9.53 3.14
CA CYS A 81 -0.24 -10.70 2.31
C CYS A 81 -0.33 -11.96 3.16
N GLU A 82 -1.54 -12.50 3.30
CA GLU A 82 -1.76 -13.70 4.08
C GLU A 82 -2.56 -14.74 3.28
N LYS A 83 -2.68 -15.93 3.84
CA LYS A 83 -3.41 -17.00 3.18
C LYS A 83 -4.79 -17.19 3.81
N ILE A 84 -5.83 -16.73 3.12
CA ILE A 84 -7.19 -16.85 3.60
C ILE A 84 -7.82 -18.17 3.17
N ASN A 85 -8.26 -18.95 4.15
CA ASN A 85 -8.88 -20.24 3.87
C ASN A 85 -7.92 -21.16 3.10
N GLY A 86 -6.63 -20.84 3.18
CA GLY A 86 -5.63 -21.64 2.50
C GLY A 86 -5.29 -21.10 1.13
N GLU A 87 -5.80 -19.91 0.82
CA GLU A 87 -5.55 -19.28 -0.47
C GLU A 87 -4.70 -18.01 -0.31
N ASP A 88 -3.60 -17.94 -1.05
CA ASP A 88 -2.72 -16.78 -0.99
C ASP A 88 -3.42 -15.53 -1.51
N MET A 89 -3.69 -14.59 -0.60
CA MET A 89 -4.35 -13.35 -0.97
C MET A 89 -3.58 -12.14 -0.44
N VAL A 90 -4.10 -10.95 -0.73
CA VAL A 90 -3.46 -9.72 -0.27
C VAL A 90 -4.48 -8.75 0.32
N TYR A 91 -4.01 -7.83 1.15
CA TYR A 91 -4.88 -6.85 1.78
C TYR A 91 -4.55 -5.44 1.31
N LEU A 92 -5.57 -4.72 0.85
CA LEU A 92 -5.38 -3.35 0.38
C LEU A 92 -5.86 -2.34 1.41
N PRO A 93 -5.38 -1.10 1.29
CA PRO A 93 -5.74 -0.01 2.21
C PRO A 93 -7.20 0.43 2.03
N SER A 94 -7.81 0.88 3.13
CA SER A 94 -9.20 1.33 3.08
C SER A 94 -9.28 2.86 3.04
N TYR A 95 -10.50 3.38 3.00
CA TYR A 95 -10.71 4.82 2.96
C TYR A 95 -9.95 5.52 4.08
N GLU A 96 -9.78 4.82 5.20
CA GLU A 96 -9.08 5.37 6.34
C GLU A 96 -7.59 5.60 6.01
N MET A 97 -6.92 4.53 5.61
CA MET A 97 -5.50 4.60 5.27
C MET A 97 -5.25 5.69 4.22
N CYS A 98 -6.18 5.82 3.27
CA CYS A 98 -6.06 6.82 2.22
C CYS A 98 -6.50 8.19 2.72
N ARG A 99 -7.32 8.20 3.77
CA ARG A 99 -7.81 9.44 4.35
C ARG A 99 -6.70 10.16 5.11
N ILE A 100 -5.80 9.38 5.71
CA ILE A 100 -4.70 9.95 6.47
C ILE A 100 -3.95 11.01 5.67
N THR A 101 -3.93 10.83 4.35
CA THR A 101 -3.24 11.76 3.47
C THR A 101 -4.21 12.83 2.96
N MET A 102 -5.49 12.52 2.97
CA MET A 102 -6.52 13.46 2.52
C MET A 102 -6.63 14.64 3.47
N GLU A 103 -6.42 14.39 4.75
CA GLU A 103 -6.50 15.43 5.77
C GLU A 103 -5.62 16.62 5.38
N PRO A 104 -4.31 16.39 5.29
CA PRO A 104 -3.34 17.43 4.93
C PRO A 104 -3.47 17.86 3.48
N CYS A 105 -3.50 16.89 2.58
CA CYS A 105 -3.61 17.17 1.15
C CYS A 105 -4.99 16.78 0.63
N ARG A 106 -5.99 17.59 0.97
CA ARG A 106 -7.36 17.33 0.55
C ARG A 106 -7.50 17.53 -0.96
N ILE A 107 -6.58 18.29 -1.54
CA ILE A 107 -6.60 18.55 -2.97
C ILE A 107 -6.29 17.30 -3.77
N LEU A 108 -5.85 16.25 -3.07
CA LEU A 108 -5.51 14.99 -3.72
C LEU A 108 -6.70 14.03 -3.70
N TYR A 109 -7.90 14.59 -3.74
CA TYR A 109 -9.12 13.79 -3.73
C TYR A 109 -9.01 12.63 -4.71
N ASN A 110 -8.73 12.95 -5.97
CA ASN A 110 -8.60 11.93 -7.01
C ASN A 110 -7.90 12.50 -8.24
N THR A 111 -8.25 13.74 -8.58
CA THR A 111 -7.65 14.39 -9.75
C THR A 111 -6.13 14.30 -9.72
N THR A 112 -5.51 14.47 -10.88
CA THR A 112 -4.06 14.42 -10.99
C THR A 112 -3.41 15.61 -10.30
N PHE A 113 -3.20 15.49 -8.99
CA PHE A 113 -2.59 16.56 -8.21
C PHE A 113 -1.16 16.18 -7.80
N PHE A 114 -0.96 14.90 -7.52
CA PHE A 114 0.35 14.40 -7.11
C PHE A 114 0.79 13.24 -7.98
N PRO A 115 2.11 12.97 -7.99
CA PRO A 115 2.69 11.87 -8.78
C PRO A 115 2.31 10.50 -8.23
N LYS A 116 3.03 9.48 -8.66
CA LYS A 116 2.78 8.11 -8.21
C LYS A 116 2.89 8.01 -6.69
N PHE A 117 3.52 9.01 -6.08
CA PHE A 117 3.70 9.03 -4.63
C PHE A 117 2.40 8.66 -3.92
N LEU A 118 1.28 9.08 -4.50
CA LEU A 118 -0.03 8.80 -3.92
C LEU A 118 -0.71 7.64 -4.65
N ARG A 119 -0.02 6.51 -4.71
CA ARG A 119 -0.56 5.32 -5.38
C ARG A 119 -1.61 4.64 -4.50
N CYS A 120 -2.72 5.33 -4.27
CA CYS A 120 -3.80 4.79 -3.46
C CYS A 120 -5.14 4.95 -4.17
N ASN A 121 -5.95 3.90 -4.12
CA ASN A 121 -7.27 3.92 -4.76
C ASN A 121 -8.28 4.66 -3.89
N GLU A 122 -8.78 5.78 -4.39
CA GLU A 122 -9.75 6.59 -3.66
C GLU A 122 -11.10 6.60 -4.39
N THR A 123 -11.05 6.73 -5.70
CA THR A 123 -12.26 6.76 -6.52
C THR A 123 -12.59 5.38 -7.07
N LEU A 124 -11.95 4.35 -6.50
CA LEU A 124 -12.17 2.98 -6.93
C LEU A 124 -13.07 2.24 -5.95
N PHE A 125 -12.50 1.86 -4.82
CA PHE A 125 -13.25 1.14 -3.79
C PHE A 125 -12.53 1.18 -2.45
N PRO A 126 -12.42 2.39 -1.88
CA PRO A 126 -11.75 2.60 -0.59
C PRO A 126 -12.54 2.01 0.57
N THR A 127 -13.82 2.33 0.63
CA THR A 127 -14.69 1.83 1.70
C THR A 127 -15.97 1.24 1.13
N LYS A 128 -16.58 1.94 0.18
CA LYS A 128 -17.81 1.48 -0.45
C LYS A 128 -18.84 1.10 0.61
N SER A 1 -8.82 -6.60 -12.68
CA SER A 1 -9.94 -7.53 -12.59
C SER A 1 -9.60 -8.71 -11.70
N GLY A 2 -10.30 -8.81 -10.57
CA GLY A 2 -10.06 -9.89 -9.64
C GLY A 2 -10.83 -9.72 -8.35
N LEU A 3 -12.02 -10.31 -8.29
CA LEU A 3 -12.85 -10.22 -7.08
C LEU A 3 -12.64 -11.42 -6.18
N VAL A 4 -13.02 -11.29 -4.91
CA VAL A 4 -12.88 -12.37 -3.95
C VAL A 4 -14.24 -12.87 -3.48
N PRO A 5 -14.27 -14.13 -3.01
CA PRO A 5 -15.50 -14.76 -2.52
C PRO A 5 -15.99 -14.16 -1.21
N ARG A 6 -15.12 -13.38 -0.57
CA ARG A 6 -15.46 -12.74 0.70
C ARG A 6 -16.72 -11.90 0.56
N GLY A 7 -16.90 -11.30 -0.61
CA GLY A 7 -18.07 -10.47 -0.86
C GLY A 7 -17.74 -8.99 -0.81
N SER A 8 -16.62 -8.61 -1.40
CA SER A 8 -16.19 -7.22 -1.41
C SER A 8 -14.87 -7.06 -2.17
N HIS A 9 -14.55 -5.82 -2.54
CA HIS A 9 -13.32 -5.53 -3.26
C HIS A 9 -12.22 -5.11 -2.30
N MET A 10 -12.17 -5.74 -1.14
CA MET A 10 -11.17 -5.42 -0.12
C MET A 10 -10.02 -6.41 -0.18
N VAL A 11 -10.19 -7.47 -0.97
CA VAL A 11 -9.16 -8.49 -1.10
C VAL A 11 -9.12 -9.05 -2.52
N ARG A 12 -7.96 -9.55 -2.92
CA ARG A 12 -7.79 -10.11 -4.26
C ARG A 12 -6.91 -11.36 -4.22
N ARG A 13 -7.15 -12.27 -5.15
CA ARG A 13 -6.38 -13.51 -5.21
C ARG A 13 -5.04 -13.29 -5.91
N ALA A 14 -4.14 -12.57 -5.23
CA ALA A 14 -2.83 -12.29 -5.79
C ALA A 14 -1.76 -13.16 -5.14
N ARG A 15 -0.51 -12.96 -5.55
CA ARG A 15 0.60 -13.74 -5.01
C ARG A 15 1.48 -12.87 -4.11
N CYS A 16 2.23 -13.53 -3.23
CA CYS A 16 3.12 -12.82 -2.31
C CYS A 16 4.55 -13.35 -2.41
N TYR A 17 5.50 -12.63 -1.81
CA TYR A 17 6.89 -13.04 -1.83
C TYR A 17 7.57 -12.68 -0.51
N PRO A 18 8.59 -13.47 -0.14
CA PRO A 18 9.36 -13.26 1.09
C PRO A 18 10.22 -12.01 1.03
N THR A 19 9.84 -10.98 1.78
CA THR A 19 10.58 -9.73 1.81
C THR A 19 12.01 -9.96 2.29
N SER A 20 12.16 -10.27 3.57
CA SER A 20 13.48 -10.50 4.15
C SER A 20 13.66 -11.97 4.51
N ASN A 21 14.83 -12.30 5.04
CA ASN A 21 15.13 -13.68 5.42
C ASN A 21 14.27 -14.11 6.61
N ALA A 22 14.21 -13.27 7.63
CA ALA A 22 13.42 -13.56 8.81
C ALA A 22 12.04 -12.93 8.73
N THR A 23 12.01 -11.61 8.52
CA THR A 23 10.75 -10.88 8.43
C THR A 23 10.98 -9.46 7.93
N ASN A 24 9.94 -8.86 7.36
CA ASN A 24 10.03 -7.49 6.85
C ASN A 24 9.80 -6.49 7.97
N THR A 25 10.38 -5.30 7.82
CA THR A 25 10.23 -4.24 8.82
C THR A 25 9.86 -2.91 8.15
N CYS A 26 9.01 -2.14 8.83
CA CYS A 26 8.58 -0.86 8.31
C CYS A 26 8.64 0.21 9.40
N PHE A 27 9.42 1.27 9.16
CA PHE A 27 9.56 2.36 10.12
C PHE A 27 10.03 1.83 11.48
N GLY A 28 11.18 1.17 11.49
CA GLY A 28 11.72 0.63 12.72
C GLY A 28 10.69 -0.18 13.49
N SER A 29 9.76 -0.78 12.76
CA SER A 29 8.71 -1.59 13.38
C SER A 29 8.40 -2.82 12.53
N LYS A 30 8.87 -3.98 12.97
CA LYS A 30 8.65 -5.23 12.26
C LYS A 30 7.16 -5.42 11.95
N LEU A 31 6.86 -5.74 10.70
CA LEU A 31 5.48 -5.95 10.28
C LEU A 31 5.00 -7.35 10.65
N PRO A 32 3.68 -7.50 10.83
CA PRO A 32 3.07 -8.79 11.17
C PRO A 32 3.13 -9.79 10.03
N TYR A 33 3.55 -9.32 8.86
CA TYR A 33 3.64 -10.18 7.69
C TYR A 33 5.03 -10.07 7.04
N GLU A 34 5.63 -11.22 6.76
CA GLU A 34 6.95 -11.25 6.14
C GLU A 34 6.84 -11.37 4.63
N LEU A 35 5.62 -11.43 4.13
CA LEU A 35 5.38 -11.54 2.69
C LEU A 35 4.93 -10.21 2.10
N SER A 36 5.04 -10.08 0.79
CA SER A 36 4.65 -8.85 0.11
C SER A 36 4.09 -9.16 -1.28
N SER A 37 3.14 -8.34 -1.73
CA SER A 37 2.53 -8.53 -3.03
C SER A 37 2.90 -7.40 -3.98
N LEU A 38 3.85 -7.68 -4.87
CA LEU A 38 4.30 -6.68 -5.84
C LEU A 38 3.16 -6.26 -6.76
N ASP A 39 2.16 -7.12 -6.89
CA ASP A 39 1.01 -6.82 -7.74
C ASP A 39 0.26 -5.60 -7.23
N LEU A 40 0.36 -5.34 -5.94
CA LEU A 40 -0.31 -4.20 -5.32
C LEU A 40 0.15 -2.89 -5.97
N THR A 41 1.29 -2.93 -6.63
CA THR A 41 1.83 -1.75 -7.30
C THR A 41 1.94 -1.97 -8.79
N ASP A 42 2.47 -0.97 -9.50
CA ASP A 42 2.64 -1.05 -10.95
C ASP A 42 4.11 -1.16 -11.31
N PHE A 43 4.81 -2.12 -10.71
CA PHE A 43 6.22 -2.32 -10.98
C PHE A 43 6.47 -3.70 -11.59
N HIS A 44 7.74 -4.03 -11.79
CA HIS A 44 8.11 -5.32 -12.37
C HIS A 44 8.91 -6.15 -11.38
N THR A 45 9.49 -5.48 -10.37
CA THR A 45 10.29 -6.16 -9.36
C THR A 45 10.16 -5.47 -8.01
N GLU A 46 11.02 -5.84 -7.07
CA GLU A 46 11.00 -5.26 -5.74
C GLU A 46 11.81 -3.96 -5.70
N LYS A 47 12.97 -3.98 -6.34
CA LYS A 47 13.84 -2.81 -6.38
C LYS A 47 13.08 -1.59 -6.89
N GLU A 48 12.14 -1.82 -7.79
CA GLU A 48 11.34 -0.73 -8.36
C GLU A 48 10.50 -0.06 -7.28
N LEU A 49 9.83 -0.87 -6.46
CA LEU A 49 8.99 -0.34 -5.39
C LEU A 49 9.83 0.39 -4.35
N ASN A 50 10.93 -0.23 -3.94
CA ASN A 50 11.82 0.38 -2.95
C ASN A 50 12.54 1.59 -3.54
N ASP A 51 12.63 1.63 -4.86
CA ASP A 51 13.29 2.74 -5.54
C ASP A 51 12.41 3.99 -5.53
N LYS A 52 11.15 3.82 -5.90
CA LYS A 52 10.21 4.93 -5.94
C LYS A 52 10.12 5.61 -4.57
N LEU A 53 10.33 4.83 -3.51
CA LEU A 53 10.27 5.35 -2.15
C LEU A 53 11.11 6.62 -2.02
N ASN A 54 12.33 6.58 -2.55
CA ASN A 54 13.22 7.72 -2.49
C ASN A 54 12.56 8.97 -3.07
N ASP A 55 11.72 8.76 -4.09
CA ASP A 55 11.03 9.87 -4.74
C ASP A 55 10.12 10.59 -3.74
N TYR A 56 9.26 9.84 -3.07
CA TYR A 56 8.34 10.41 -2.10
C TYR A 56 9.09 10.90 -0.87
N TYR A 57 10.21 10.27 -0.57
CA TYR A 57 11.02 10.65 0.58
C TYR A 57 11.25 12.16 0.62
N ALA A 58 11.49 12.74 -0.55
CA ALA A 58 11.71 14.17 -0.65
C ALA A 58 10.58 14.96 -0.01
N LEU A 59 9.38 14.39 -0.03
CA LEU A 59 8.21 15.05 0.56
C LEU A 59 8.39 15.24 2.06
N LYS A 60 9.37 14.55 2.63
CA LYS A 60 9.66 14.65 4.06
C LYS A 60 9.72 16.11 4.49
N HIS A 61 10.19 16.97 3.60
CA HIS A 61 10.29 18.40 3.89
C HIS A 61 8.97 18.94 4.43
N VAL A 62 7.86 18.44 3.88
CA VAL A 62 6.54 18.87 4.30
C VAL A 62 5.93 17.88 5.31
N PRO A 63 5.92 18.28 6.58
CA PRO A 63 5.36 17.45 7.65
C PRO A 63 3.84 17.32 7.57
N LYS A 64 3.21 18.31 6.96
CA LYS A 64 1.76 18.31 6.81
C LYS A 64 1.28 17.05 6.11
N CYS A 65 2.03 16.62 5.10
CA CYS A 65 1.68 15.41 4.36
C CYS A 65 2.57 14.24 4.76
N TRP A 66 3.83 14.55 5.07
CA TRP A 66 4.79 13.51 5.49
C TRP A 66 4.24 12.70 6.66
N ALA A 67 3.80 13.39 7.69
CA ALA A 67 3.24 12.73 8.87
C ALA A 67 1.87 12.14 8.58
N ALA A 68 1.30 12.51 7.44
CA ALA A 68 -0.01 12.01 7.04
C ALA A 68 0.09 10.64 6.39
N ILE A 69 1.31 10.27 6.00
CA ILE A 69 1.55 8.98 5.37
C ILE A 69 2.47 8.11 6.21
N GLN A 70 2.67 8.51 7.46
CA GLN A 70 3.53 7.77 8.38
C GLN A 70 3.02 6.35 8.57
N PRO A 71 1.80 6.22 9.09
CA PRO A 71 1.16 4.92 9.34
C PRO A 71 0.79 4.20 8.05
N PHE A 72 0.52 4.97 7.01
CA PHE A 72 0.16 4.40 5.71
C PHE A 72 1.40 4.00 4.92
N LEU A 73 2.55 4.51 5.34
CA LEU A 73 3.81 4.20 4.67
C LEU A 73 4.04 2.70 4.61
N CYS A 74 3.38 1.97 5.50
CA CYS A 74 3.51 0.51 5.55
C CYS A 74 2.37 -0.15 4.78
N ALA A 75 1.18 0.41 4.89
CA ALA A 75 0.01 -0.13 4.20
C ALA A 75 -0.07 0.40 2.77
N VAL A 76 0.93 1.16 2.37
CA VAL A 76 0.97 1.73 1.02
C VAL A 76 2.02 1.04 0.15
N PHE A 77 3.13 0.67 0.78
CA PHE A 77 4.20 -0.01 0.06
C PHE A 77 4.34 -1.46 0.51
N LYS A 78 4.02 -1.71 1.79
CA LYS A 78 4.11 -3.06 2.34
C LYS A 78 2.72 -3.59 2.65
N PRO A 79 2.03 -4.10 1.62
CA PRO A 79 0.68 -4.66 1.76
C PRO A 79 0.67 -5.97 2.52
N LYS A 80 -0.44 -6.27 3.18
CA LYS A 80 -0.57 -7.50 3.95
C LYS A 80 -1.08 -8.64 3.07
N CYS A 81 -0.22 -9.62 2.80
CA CYS A 81 -0.59 -10.76 1.97
C CYS A 81 -0.58 -12.04 2.79
N GLU A 82 -1.64 -12.83 2.66
CA GLU A 82 -1.76 -14.09 3.38
C GLU A 82 -2.67 -15.06 2.63
N LYS A 83 -2.82 -16.26 3.19
CA LYS A 83 -3.66 -17.29 2.58
C LYS A 83 -4.98 -17.43 3.33
N ILE A 84 -6.05 -16.93 2.72
CA ILE A 84 -7.38 -17.00 3.34
C ILE A 84 -8.07 -18.30 2.97
N ASN A 85 -8.27 -19.17 3.96
CA ASN A 85 -8.93 -20.44 3.74
C ASN A 85 -8.15 -21.30 2.75
N GLY A 86 -6.86 -21.00 2.60
CA GLY A 86 -6.03 -21.75 1.68
C GLY A 86 -5.90 -21.06 0.33
N GLU A 87 -6.19 -19.77 0.30
CA GLU A 87 -6.11 -19.00 -0.94
C GLU A 87 -5.24 -17.77 -0.76
N ASP A 88 -4.12 -17.73 -1.47
CA ASP A 88 -3.20 -16.60 -1.40
C ASP A 88 -3.85 -15.32 -1.90
N MET A 89 -4.17 -14.41 -0.98
CA MET A 89 -4.81 -13.15 -1.34
C MET A 89 -4.03 -11.97 -0.77
N VAL A 90 -4.30 -10.78 -1.29
CA VAL A 90 -3.63 -9.57 -0.83
C VAL A 90 -4.61 -8.60 -0.20
N TYR A 91 -4.18 -7.91 0.85
CA TYR A 91 -5.03 -6.95 1.53
C TYR A 91 -4.68 -5.51 1.11
N LEU A 92 -5.70 -4.67 1.04
CA LEU A 92 -5.51 -3.28 0.65
C LEU A 92 -5.83 -2.34 1.80
N PRO A 93 -5.31 -1.10 1.73
CA PRO A 93 -5.53 -0.09 2.76
C PRO A 93 -6.96 0.43 2.77
N SER A 94 -7.47 0.73 3.96
CA SER A 94 -8.83 1.22 4.12
C SER A 94 -8.93 2.70 3.73
N TYR A 95 -10.13 3.13 3.39
CA TYR A 95 -10.35 4.52 2.99
C TYR A 95 -9.79 5.48 4.04
N GLU A 96 -9.88 5.07 5.30
CA GLU A 96 -9.39 5.89 6.41
C GLU A 96 -7.88 6.09 6.32
N MET A 97 -7.14 4.97 6.28
CA MET A 97 -5.69 5.01 6.19
C MET A 97 -5.24 5.90 5.02
N CYS A 98 -5.93 5.76 3.89
CA CYS A 98 -5.61 6.56 2.70
C CYS A 98 -6.11 7.99 2.85
N ARG A 99 -7.12 8.17 3.69
CA ARG A 99 -7.70 9.50 3.92
C ARG A 99 -6.76 10.36 4.76
N ILE A 100 -5.94 9.71 5.57
CA ILE A 100 -4.99 10.42 6.42
C ILE A 100 -4.18 11.43 5.62
N THR A 101 -3.78 11.03 4.42
CA THR A 101 -3.00 11.91 3.55
C THR A 101 -3.91 12.86 2.77
N MET A 102 -5.18 12.48 2.63
CA MET A 102 -6.14 13.30 1.91
C MET A 102 -6.41 14.61 2.66
N GLU A 103 -6.37 14.55 3.98
CA GLU A 103 -6.61 15.73 4.80
C GLU A 103 -5.72 16.89 4.37
N PRO A 104 -4.40 16.70 4.49
CA PRO A 104 -3.42 17.71 4.11
C PRO A 104 -3.34 17.92 2.61
N CYS A 105 -3.22 16.83 1.86
CA CYS A 105 -3.15 16.89 0.41
C CYS A 105 -4.41 16.31 -0.23
N ARG A 106 -5.46 17.12 -0.30
CA ARG A 106 -6.72 16.69 -0.89
C ARG A 106 -6.68 16.80 -2.41
N ILE A 107 -5.77 17.62 -2.91
CA ILE A 107 -5.62 17.82 -4.35
C ILE A 107 -5.46 16.49 -5.07
N LEU A 108 -5.00 15.48 -4.34
CA LEU A 108 -4.79 14.15 -4.91
C LEU A 108 -6.01 13.27 -4.68
N TYR A 109 -7.19 13.89 -4.65
CA TYR A 109 -8.43 13.16 -4.44
C TYR A 109 -8.49 11.92 -5.33
N ASN A 110 -7.88 12.02 -6.51
CA ASN A 110 -7.87 10.91 -7.46
C ASN A 110 -7.10 11.29 -8.72
N THR A 111 -7.16 12.56 -9.09
CA THR A 111 -6.47 13.05 -10.28
C THR A 111 -5.01 12.59 -10.29
N THR A 112 -4.38 12.70 -11.46
CA THR A 112 -2.99 12.30 -11.61
C THR A 112 -2.04 13.47 -11.36
N PHE A 113 -2.32 14.23 -10.31
CA PHE A 113 -1.49 15.37 -9.95
C PHE A 113 -0.20 14.94 -9.27
N PHE A 114 -0.22 13.73 -8.72
CA PHE A 114 0.94 13.19 -8.03
C PHE A 114 0.80 11.68 -7.81
N PRO A 115 0.87 10.91 -8.90
CA PRO A 115 0.75 9.46 -8.85
C PRO A 115 1.95 8.79 -8.19
N LYS A 116 3.15 9.18 -8.62
CA LYS A 116 4.37 8.63 -8.06
C LYS A 116 4.63 9.17 -6.65
N PHE A 117 3.71 8.88 -5.74
CA PHE A 117 3.83 9.33 -4.36
C PHE A 117 2.55 9.05 -3.58
N LEU A 118 1.41 9.17 -4.26
CA LEU A 118 0.12 8.93 -3.63
C LEU A 118 -0.59 7.73 -4.26
N ARG A 119 0.20 6.72 -4.62
CA ARG A 119 -0.35 5.51 -5.25
C ARG A 119 -1.35 4.83 -4.32
N CYS A 120 -2.62 5.20 -4.44
CA CYS A 120 -3.66 4.62 -3.61
C CYS A 120 -4.84 4.16 -4.46
N ASN A 121 -5.84 3.56 -3.82
CA ASN A 121 -7.01 3.07 -4.52
C ASN A 121 -7.60 4.15 -5.42
N GLU A 122 -7.66 3.86 -6.72
CA GLU A 122 -8.19 4.82 -7.69
C GLU A 122 -9.72 4.83 -7.65
N THR A 123 -10.28 5.55 -6.69
CA THR A 123 -11.72 5.64 -6.54
C THR A 123 -12.35 4.28 -6.34
N LEU A 124 -11.55 3.34 -5.82
CA LEU A 124 -12.03 1.97 -5.58
C LEU A 124 -13.11 1.97 -4.51
N PHE A 125 -13.44 0.77 -4.02
CA PHE A 125 -14.46 0.63 -2.99
C PHE A 125 -13.86 0.05 -1.71
N PRO A 126 -13.00 0.84 -1.05
CA PRO A 126 -12.34 0.43 0.19
C PRO A 126 -13.31 0.35 1.37
N THR A 127 -14.11 1.39 1.53
CA THR A 127 -15.08 1.45 2.62
C THR A 127 -15.94 0.18 2.65
N LYS A 128 -16.85 0.07 1.70
CA LYS A 128 -17.73 -1.08 1.61
C LYS A 128 -18.59 -1.03 0.35
N SER A 1 -5.04 -16.11 -11.64
CA SER A 1 -6.08 -17.06 -12.00
C SER A 1 -7.02 -17.32 -10.84
N GLY A 2 -7.69 -16.25 -10.38
CA GLY A 2 -8.62 -16.39 -9.28
C GLY A 2 -8.89 -15.07 -8.58
N LEU A 3 -9.94 -15.03 -7.77
CA LEU A 3 -10.30 -13.81 -7.04
C LEU A 3 -11.22 -14.14 -5.88
N VAL A 4 -11.50 -13.12 -5.05
CA VAL A 4 -12.37 -13.29 -3.91
C VAL A 4 -13.73 -12.64 -4.15
N PRO A 5 -14.81 -13.37 -3.82
CA PRO A 5 -16.18 -12.88 -4.00
C PRO A 5 -16.52 -11.77 -3.00
N ARG A 6 -16.19 -10.54 -3.36
CA ARG A 6 -16.46 -9.39 -2.50
C ARG A 6 -16.91 -8.20 -3.33
N GLY A 7 -17.87 -7.45 -2.80
CA GLY A 7 -18.39 -6.29 -3.50
C GLY A 7 -17.29 -5.33 -3.92
N SER A 8 -16.20 -5.32 -3.16
CA SER A 8 -15.07 -4.44 -3.46
C SER A 8 -13.80 -5.25 -3.72
N HIS A 9 -12.93 -4.71 -4.56
CA HIS A 9 -11.68 -5.38 -4.89
C HIS A 9 -10.60 -5.05 -3.88
N MET A 10 -10.89 -5.30 -2.60
CA MET A 10 -9.94 -5.02 -1.53
C MET A 10 -8.95 -6.17 -1.38
N VAL A 11 -9.34 -7.35 -1.86
CA VAL A 11 -8.49 -8.53 -1.77
C VAL A 11 -8.47 -9.28 -3.10
N ARG A 12 -7.35 -9.94 -3.39
CA ARG A 12 -7.21 -10.71 -4.63
C ARG A 12 -6.17 -11.82 -4.46
N ARG A 13 -6.39 -12.93 -5.17
CA ARG A 13 -5.48 -14.06 -5.10
C ARG A 13 -4.15 -13.74 -5.75
N ALA A 14 -3.28 -13.05 -5.02
CA ALA A 14 -1.96 -12.68 -5.55
C ALA A 14 -0.86 -13.51 -4.89
N ARG A 15 0.31 -13.54 -5.53
CA ARG A 15 1.44 -14.30 -5.02
C ARG A 15 1.82 -13.81 -3.62
N CYS A 16 2.92 -14.36 -3.11
CA CYS A 16 3.40 -13.98 -1.77
C CYS A 16 4.83 -14.44 -1.57
N TYR A 17 5.72 -13.49 -1.31
CA TYR A 17 7.13 -13.79 -1.09
C TYR A 17 7.62 -13.21 0.24
N PRO A 18 8.64 -13.85 0.82
CA PRO A 18 9.22 -13.42 2.10
C PRO A 18 9.98 -12.10 1.98
N THR A 19 9.50 -11.09 2.69
CA THR A 19 10.12 -9.78 2.67
C THR A 19 11.54 -9.83 3.22
N SER A 20 11.66 -9.92 4.55
CA SER A 20 12.95 -9.98 5.20
C SER A 20 13.19 -11.36 5.82
N ASN A 21 14.36 -11.53 6.44
CA ASN A 21 14.70 -12.80 7.07
C ASN A 21 13.80 -13.08 8.28
N ALA A 22 13.67 -12.09 9.14
CA ALA A 22 12.84 -12.22 10.33
C ALA A 22 11.41 -11.78 10.06
N THR A 23 11.25 -10.55 9.60
CA THR A 23 9.94 -10.00 9.29
C THR A 23 10.04 -8.56 8.81
N ASN A 24 9.19 -8.20 7.83
CA ASN A 24 9.19 -6.86 7.28
C ASN A 24 8.98 -5.83 8.38
N THR A 25 9.69 -4.69 8.26
CA THR A 25 9.58 -3.63 9.25
C THR A 25 9.19 -2.31 8.59
N CYS A 26 8.55 -1.44 9.36
CA CYS A 26 8.13 -0.13 8.85
C CYS A 26 8.38 0.96 9.87
N PHE A 27 9.45 1.71 9.67
CA PHE A 27 9.81 2.80 10.59
C PHE A 27 9.87 2.30 12.02
N GLY A 28 10.82 1.42 12.30
CA GLY A 28 10.98 0.88 13.64
C GLY A 28 9.72 0.20 14.13
N SER A 29 8.84 -0.16 13.21
CA SER A 29 7.58 -0.82 13.56
C SER A 29 7.39 -2.09 12.73
N LYS A 30 7.78 -3.22 13.29
CA LYS A 30 7.65 -4.51 12.61
C LYS A 30 6.19 -4.76 12.22
N LEU A 31 5.98 -5.03 10.93
CA LEU A 31 4.63 -5.30 10.43
C LEU A 31 4.14 -6.68 10.88
N PRO A 32 2.81 -6.83 10.95
CA PRO A 32 2.19 -8.10 11.36
C PRO A 32 2.36 -9.19 10.32
N TYR A 33 2.92 -8.84 9.16
CA TYR A 33 3.13 -9.79 8.09
C TYR A 33 4.62 -9.90 7.75
N GLU A 34 5.02 -11.06 7.23
CA GLU A 34 6.41 -11.29 6.86
C GLU A 34 6.55 -11.56 5.37
N LEU A 35 5.43 -11.45 4.65
CA LEU A 35 5.43 -11.68 3.22
C LEU A 35 4.96 -10.44 2.46
N SER A 36 5.06 -10.49 1.14
CA SER A 36 4.65 -9.37 0.30
C SER A 36 4.24 -9.85 -1.08
N SER A 37 3.46 -9.01 -1.78
CA SER A 37 2.99 -9.37 -3.12
C SER A 37 3.25 -8.22 -4.09
N LEU A 38 4.21 -8.42 -4.99
CA LEU A 38 4.57 -7.40 -5.97
C LEU A 38 3.37 -7.08 -6.87
N ASP A 39 2.38 -7.97 -6.87
CA ASP A 39 1.18 -7.78 -7.68
C ASP A 39 0.47 -6.48 -7.30
N LEU A 40 0.54 -6.13 -6.02
CA LEU A 40 -0.09 -4.92 -5.52
C LEU A 40 0.36 -3.69 -6.31
N THR A 41 1.55 -3.79 -6.89
CA THR A 41 2.12 -2.70 -7.68
C THR A 41 2.23 -3.07 -9.15
N ASP A 42 2.78 -2.17 -9.96
CA ASP A 42 2.95 -2.41 -11.38
C ASP A 42 4.41 -2.76 -11.70
N PHE A 43 5.27 -2.68 -10.69
CA PHE A 43 6.68 -2.98 -10.86
C PHE A 43 6.88 -4.43 -11.30
N HIS A 44 8.04 -4.72 -11.87
CA HIS A 44 8.35 -6.07 -12.32
C HIS A 44 9.37 -6.72 -11.41
N THR A 45 9.61 -6.11 -10.24
CA THR A 45 10.56 -6.63 -9.28
C THR A 45 10.57 -5.80 -8.01
N GLU A 46 11.03 -6.40 -6.91
CA GLU A 46 11.07 -5.71 -5.63
C GLU A 46 12.03 -4.52 -5.70
N LYS A 47 13.09 -4.66 -6.49
CA LYS A 47 14.06 -3.59 -6.65
C LYS A 47 13.41 -2.31 -7.16
N GLU A 48 12.41 -2.47 -8.02
CA GLU A 48 11.70 -1.33 -8.58
C GLU A 48 10.79 -0.68 -7.53
N LEU A 49 10.20 -1.52 -6.68
CA LEU A 49 9.32 -1.03 -5.63
C LEU A 49 10.08 -0.23 -4.58
N ASN A 50 11.21 -0.78 -4.14
CA ASN A 50 12.04 -0.12 -3.14
C ASN A 50 12.73 1.11 -3.74
N ASP A 51 13.21 0.99 -4.96
CA ASP A 51 13.89 2.08 -5.65
C ASP A 51 12.93 3.24 -5.89
N LYS A 52 11.69 2.91 -6.25
CA LYS A 52 10.68 3.93 -6.51
C LYS A 52 10.49 4.83 -5.30
N LEU A 53 10.67 4.27 -4.12
CA LEU A 53 10.51 5.02 -2.87
C LEU A 53 11.31 6.31 -2.93
N ASN A 54 12.48 6.26 -3.57
CA ASN A 54 13.33 7.43 -3.70
C ASN A 54 12.57 8.61 -4.27
N ASP A 55 11.71 8.34 -5.24
CA ASP A 55 10.92 9.38 -5.88
C ASP A 55 9.99 10.05 -4.86
N TYR A 56 9.33 9.25 -4.04
CA TYR A 56 8.42 9.76 -3.03
C TYR A 56 9.19 10.39 -1.87
N TYR A 57 10.38 9.86 -1.60
CA TYR A 57 11.21 10.37 -0.52
C TYR A 57 11.35 11.89 -0.60
N ALA A 58 11.35 12.41 -1.82
CA ALA A 58 11.47 13.84 -2.04
C ALA A 58 10.41 14.61 -1.26
N LEU A 59 9.25 13.98 -1.09
CA LEU A 59 8.14 14.61 -0.35
C LEU A 59 8.55 14.91 1.08
N LYS A 60 9.60 14.25 1.55
CA LYS A 60 10.09 14.45 2.91
C LYS A 60 10.25 15.93 3.22
N HIS A 61 10.55 16.72 2.19
CA HIS A 61 10.73 18.16 2.36
C HIS A 61 9.55 18.76 3.11
N VAL A 62 8.35 18.27 2.82
CA VAL A 62 7.14 18.76 3.47
C VAL A 62 6.71 17.83 4.60
N PRO A 63 6.72 18.35 5.84
CA PRO A 63 6.33 17.58 7.02
C PRO A 63 4.84 17.29 7.06
N LYS A 64 4.04 18.32 6.77
CA LYS A 64 2.59 18.18 6.76
C LYS A 64 2.16 17.00 5.90
N CYS A 65 2.71 16.91 4.70
CA CYS A 65 2.39 15.83 3.78
C CYS A 65 3.22 14.59 4.09
N TRP A 66 4.39 14.79 4.67
CA TRP A 66 5.28 13.69 5.02
C TRP A 66 4.56 12.66 5.88
N ALA A 67 4.02 13.11 7.01
CA ALA A 67 3.31 12.23 7.93
C ALA A 67 2.01 11.74 7.31
N ALA A 68 1.62 12.36 6.20
CA ALA A 68 0.39 11.98 5.51
C ALA A 68 0.48 10.56 4.95
N ILE A 69 1.71 10.09 4.76
CA ILE A 69 1.94 8.75 4.22
C ILE A 69 2.77 7.91 5.19
N GLN A 70 2.86 8.37 6.43
CA GLN A 70 3.62 7.66 7.46
C GLN A 70 3.04 6.27 7.71
N PRO A 71 1.75 6.23 8.12
CA PRO A 71 1.05 4.98 8.41
C PRO A 71 0.77 4.18 7.14
N PHE A 72 0.62 4.88 6.03
CA PHE A 72 0.34 4.23 4.74
C PHE A 72 1.63 3.75 4.09
N LEU A 73 2.76 4.27 4.56
CA LEU A 73 4.06 3.90 4.02
C LEU A 73 4.24 2.38 4.04
N CYS A 74 3.50 1.71 4.91
CA CYS A 74 3.57 0.26 5.04
C CYS A 74 2.46 -0.41 4.23
N ALA A 75 1.28 0.21 4.23
CA ALA A 75 0.14 -0.32 3.49
C ALA A 75 0.17 0.10 2.03
N VAL A 76 1.25 0.78 1.64
CA VAL A 76 1.41 1.25 0.27
C VAL A 76 2.47 0.45 -0.47
N PHE A 77 3.52 0.08 0.25
CA PHE A 77 4.61 -0.70 -0.34
C PHE A 77 4.64 -2.11 0.23
N LYS A 78 4.28 -2.24 1.50
CA LYS A 78 4.26 -3.54 2.16
C LYS A 78 2.83 -3.96 2.50
N PRO A 79 2.08 -4.37 1.46
CA PRO A 79 0.69 -4.81 1.62
C PRO A 79 0.59 -6.14 2.35
N LYS A 80 -0.25 -6.18 3.39
CA LYS A 80 -0.44 -7.40 4.18
C LYS A 80 -0.86 -8.55 3.28
N CYS A 81 0.09 -9.41 2.93
CA CYS A 81 -0.19 -10.56 2.08
C CYS A 81 -0.26 -11.85 2.91
N GLU A 82 -1.45 -12.40 3.02
CA GLU A 82 -1.65 -13.64 3.79
C GLU A 82 -2.41 -14.68 2.96
N LYS A 83 -2.48 -15.89 3.49
CA LYS A 83 -3.18 -16.98 2.80
C LYS A 83 -4.52 -17.26 3.45
N ILE A 84 -5.60 -16.94 2.75
CA ILE A 84 -6.95 -17.16 3.27
C ILE A 84 -7.49 -18.50 2.79
N ASN A 85 -7.69 -19.42 3.73
CA ASN A 85 -8.22 -20.74 3.41
C ASN A 85 -7.25 -21.51 2.51
N GLY A 86 -5.98 -21.11 2.55
CA GLY A 86 -4.97 -21.77 1.72
C GLY A 86 -4.80 -21.10 0.37
N GLU A 87 -5.26 -19.86 0.27
CA GLU A 87 -5.16 -19.10 -0.98
C GLU A 87 -4.37 -17.82 -0.76
N ASP A 88 -3.23 -17.69 -1.44
CA ASP A 88 -2.39 -16.51 -1.33
C ASP A 88 -3.14 -15.26 -1.78
N MET A 89 -3.57 -14.46 -0.83
CA MET A 89 -4.30 -13.23 -1.13
C MET A 89 -3.51 -12.00 -0.67
N VAL A 90 -3.99 -10.83 -1.05
CA VAL A 90 -3.33 -9.58 -0.69
C VAL A 90 -4.34 -8.58 -0.12
N TYR A 91 -3.87 -7.72 0.78
CA TYR A 91 -4.72 -6.72 1.40
C TYR A 91 -4.39 -5.32 0.88
N LEU A 92 -5.43 -4.57 0.54
CA LEU A 92 -5.26 -3.22 0.02
C LEU A 92 -5.74 -2.19 1.04
N PRO A 93 -5.26 -0.94 0.89
CA PRO A 93 -5.63 0.16 1.78
C PRO A 93 -7.08 0.60 1.60
N SER A 94 -7.76 0.87 2.71
CA SER A 94 -9.15 1.30 2.67
C SER A 94 -9.26 2.81 2.70
N TYR A 95 -10.49 3.32 2.71
CA TYR A 95 -10.73 4.75 2.74
C TYR A 95 -9.97 5.40 3.89
N GLU A 96 -9.73 4.64 4.95
CA GLU A 96 -9.02 5.15 6.11
C GLU A 96 -7.60 5.56 5.74
N MET A 97 -6.85 4.61 5.17
CA MET A 97 -5.47 4.88 4.77
C MET A 97 -5.40 6.06 3.80
N CYS A 98 -6.32 6.07 2.83
CA CYS A 98 -6.36 7.14 1.84
C CYS A 98 -6.82 8.45 2.47
N ARG A 99 -7.64 8.34 3.51
CA ARG A 99 -8.16 9.51 4.21
C ARG A 99 -7.07 10.18 5.03
N ILE A 100 -6.15 9.37 5.56
CA ILE A 100 -5.05 9.88 6.37
C ILE A 100 -4.26 10.95 5.62
N THR A 101 -4.33 10.91 4.30
CA THR A 101 -3.63 11.88 3.46
C THR A 101 -4.51 13.08 3.14
N MET A 102 -5.81 12.91 3.32
CA MET A 102 -6.76 13.99 3.05
C MET A 102 -6.58 15.13 4.05
N GLU A 103 -6.45 14.77 5.33
CA GLU A 103 -6.28 15.76 6.39
C GLU A 103 -5.17 16.75 6.02
N PRO A 104 -3.95 16.23 5.87
CA PRO A 104 -2.78 17.05 5.53
C PRO A 104 -2.84 17.58 4.10
N CYS A 105 -3.10 16.70 3.15
CA CYS A 105 -3.20 17.08 1.74
C CYS A 105 -4.49 16.57 1.13
N ARG A 106 -5.53 17.40 1.20
CA ARG A 106 -6.84 17.04 0.65
C ARG A 106 -6.88 17.30 -0.86
N ILE A 107 -5.91 18.06 -1.34
CA ILE A 107 -5.84 18.39 -2.76
C ILE A 107 -5.88 17.12 -3.62
N LEU A 108 -5.49 16.00 -3.02
CA LEU A 108 -5.48 14.73 -3.73
C LEU A 108 -6.79 13.98 -3.51
N TYR A 109 -7.87 14.73 -3.34
CA TYR A 109 -9.19 14.13 -3.11
C TYR A 109 -9.44 13.00 -4.11
N ASN A 110 -8.94 13.17 -5.33
CA ASN A 110 -9.12 12.17 -6.37
C ASN A 110 -8.42 12.60 -7.66
N THR A 111 -8.56 13.88 -8.01
CA THR A 111 -7.94 14.41 -9.22
C THR A 111 -6.44 14.18 -9.21
N THR A 112 -5.92 13.63 -10.30
CA THR A 112 -4.49 13.36 -10.43
C THR A 112 -3.67 14.61 -10.16
N PHE A 113 -3.11 14.70 -8.96
CA PHE A 113 -2.30 15.85 -8.57
C PHE A 113 -0.86 15.43 -8.30
N PHE A 114 -0.69 14.35 -7.53
CA PHE A 114 0.63 13.85 -7.19
C PHE A 114 0.92 12.56 -7.95
N PRO A 115 2.22 12.20 -8.03
CA PRO A 115 2.66 11.00 -8.72
C PRO A 115 2.27 9.73 -7.98
N LYS A 116 2.90 8.61 -8.34
CA LYS A 116 2.61 7.33 -7.71
C LYS A 116 2.71 7.44 -6.19
N PHE A 117 3.45 8.43 -5.72
CA PHE A 117 3.61 8.65 -4.29
C PHE A 117 2.27 8.54 -3.56
N LEU A 118 1.22 9.02 -4.21
CA LEU A 118 -0.12 8.98 -3.63
C LEU A 118 -1.00 7.96 -4.35
N ARG A 119 -0.67 6.69 -4.17
CA ARG A 119 -1.43 5.61 -4.81
C ARG A 119 -2.44 5.01 -3.84
N CYS A 120 -3.65 5.56 -3.83
CA CYS A 120 -4.70 5.08 -2.94
C CYS A 120 -6.07 5.18 -3.61
N ASN A 121 -6.91 4.18 -3.36
CA ASN A 121 -8.25 4.16 -3.94
C ASN A 121 -9.13 5.25 -3.33
N GLU A 122 -9.70 6.10 -4.18
CA GLU A 122 -10.57 7.17 -3.72
C GLU A 122 -11.79 7.31 -4.61
N THR A 123 -11.58 7.18 -5.92
CA THR A 123 -12.68 7.28 -6.88
C THR A 123 -13.68 6.15 -6.70
N LEU A 124 -13.17 4.96 -6.41
CA LEU A 124 -14.03 3.79 -6.22
C LEU A 124 -14.71 3.83 -4.85
N PHE A 125 -15.34 2.73 -4.48
CA PHE A 125 -16.04 2.64 -3.20
C PHE A 125 -15.29 1.71 -2.24
N PRO A 126 -14.27 2.25 -1.57
CA PRO A 126 -13.46 1.49 -0.61
C PRO A 126 -14.23 1.14 0.65
N THR A 127 -14.90 2.13 1.23
CA THR A 127 -15.68 1.92 2.44
C THR A 127 -16.61 0.73 2.31
N LYS A 128 -17.67 0.90 1.54
CA LYS A 128 -18.64 -0.17 1.33
C LYS A 128 -19.62 0.19 0.20
N SER A 1 -8.51 -12.96 -13.94
CA SER A 1 -9.15 -12.02 -13.02
C SER A 1 -8.82 -12.39 -11.57
N GLY A 2 -8.92 -11.41 -10.68
CA GLY A 2 -8.64 -11.65 -9.28
C GLY A 2 -9.72 -11.08 -8.37
N LEU A 3 -10.81 -11.82 -8.20
CA LEU A 3 -11.91 -11.38 -7.35
C LEU A 3 -12.10 -12.34 -6.17
N VAL A 4 -12.84 -11.89 -5.17
CA VAL A 4 -13.11 -12.70 -3.99
C VAL A 4 -14.54 -12.52 -3.51
N PRO A 5 -15.21 -13.64 -3.22
CA PRO A 5 -16.60 -13.62 -2.74
C PRO A 5 -16.72 -13.07 -1.32
N ARG A 6 -16.67 -11.75 -1.19
CA ARG A 6 -16.77 -11.10 0.11
C ARG A 6 -17.75 -9.94 0.06
N GLY A 7 -17.35 -8.87 -0.61
CA GLY A 7 -18.21 -7.69 -0.72
C GLY A 7 -17.68 -6.68 -1.70
N SER A 8 -16.46 -6.22 -1.47
CA SER A 8 -15.84 -5.23 -2.35
C SER A 8 -14.44 -5.68 -2.78
N HIS A 9 -13.85 -4.93 -3.71
CA HIS A 9 -12.52 -5.26 -4.21
C HIS A 9 -11.45 -4.88 -3.19
N MET A 10 -11.36 -5.65 -2.11
CA MET A 10 -10.38 -5.41 -1.07
C MET A 10 -9.33 -6.51 -1.01
N VAL A 11 -9.62 -7.62 -1.70
CA VAL A 11 -8.70 -8.75 -1.73
C VAL A 11 -8.67 -9.39 -3.12
N ARG A 12 -7.51 -9.94 -3.48
CA ARG A 12 -7.35 -10.58 -4.79
C ARG A 12 -6.50 -11.83 -4.67
N ARG A 13 -6.46 -12.63 -5.72
CA ARG A 13 -5.70 -13.86 -5.74
C ARG A 13 -4.25 -13.60 -6.20
N ALA A 14 -3.62 -12.62 -5.56
CA ALA A 14 -2.24 -12.26 -5.90
C ALA A 14 -1.25 -13.20 -5.22
N ARG A 15 -0.07 -13.35 -5.82
CA ARG A 15 0.96 -14.22 -5.28
C ARG A 15 1.47 -13.68 -3.95
N CYS A 16 2.56 -14.27 -3.46
CA CYS A 16 3.15 -13.85 -2.20
C CYS A 16 4.58 -14.38 -2.06
N TYR A 17 5.50 -13.52 -1.66
CA TYR A 17 6.89 -13.89 -1.49
C TYR A 17 7.45 -13.35 -0.18
N PRO A 18 8.45 -14.06 0.38
CA PRO A 18 9.10 -13.67 1.63
C PRO A 18 9.95 -12.41 1.48
N THR A 19 9.59 -11.37 2.24
CA THR A 19 10.32 -10.11 2.18
C THR A 19 11.72 -10.25 2.77
N SER A 20 11.80 -10.34 4.09
CA SER A 20 13.07 -10.49 4.78
C SER A 20 13.21 -11.87 5.40
N ASN A 21 14.30 -12.09 6.13
CA ASN A 21 14.55 -13.38 6.77
C ASN A 21 13.52 -13.64 7.88
N ALA A 22 13.32 -12.66 8.74
CA ALA A 22 12.38 -12.79 9.84
C ALA A 22 11.01 -12.23 9.45
N THR A 23 10.98 -10.96 9.03
CA THR A 23 9.75 -10.32 8.62
C THR A 23 9.99 -8.86 8.22
N ASN A 24 9.29 -8.43 7.17
CA ASN A 24 9.44 -7.06 6.69
C ASN A 24 9.26 -6.05 7.82
N THR A 25 9.95 -4.92 7.71
CA THR A 25 9.86 -3.88 8.73
C THR A 25 9.49 -2.54 8.11
N CYS A 26 8.77 -1.72 8.87
CA CYS A 26 8.35 -0.41 8.40
C CYS A 26 8.53 0.64 9.49
N PHE A 27 9.31 1.68 9.20
CA PHE A 27 9.55 2.74 10.15
C PHE A 27 9.98 2.18 11.50
N GLY A 28 10.93 1.26 11.49
CA GLY A 28 11.41 0.66 12.72
C GLY A 28 10.51 -0.47 13.19
N SER A 29 9.23 -0.17 13.35
CA SER A 29 8.27 -1.17 13.81
C SER A 29 8.07 -2.26 12.77
N LYS A 30 8.36 -3.49 13.14
CA LYS A 30 8.22 -4.63 12.24
C LYS A 30 6.74 -4.90 11.94
N LEU A 31 6.45 -5.30 10.71
CA LEU A 31 5.09 -5.59 10.31
C LEU A 31 4.67 -6.99 10.77
N PRO A 32 3.36 -7.19 10.95
CA PRO A 32 2.81 -8.47 11.39
C PRO A 32 2.93 -9.56 10.32
N TYR A 33 3.36 -9.15 9.13
CA TYR A 33 3.53 -10.09 8.02
C TYR A 33 4.98 -10.14 7.55
N GLU A 34 5.37 -11.26 6.98
CA GLU A 34 6.74 -11.43 6.48
C GLU A 34 6.73 -11.72 4.98
N LEU A 35 5.58 -11.51 4.35
CA LEU A 35 5.46 -11.75 2.91
C LEU A 35 5.02 -10.48 2.18
N SER A 36 5.02 -10.54 0.85
CA SER A 36 4.64 -9.39 0.04
C SER A 36 4.18 -9.84 -1.34
N SER A 37 3.40 -8.99 -2.01
CA SER A 37 2.89 -9.30 -3.33
C SER A 37 3.18 -8.16 -4.31
N LEU A 38 4.11 -8.39 -5.22
CA LEU A 38 4.49 -7.39 -6.20
C LEU A 38 3.28 -6.95 -7.03
N ASP A 39 2.26 -7.81 -7.08
CA ASP A 39 1.04 -7.52 -7.82
C ASP A 39 0.40 -6.23 -7.32
N LEU A 40 0.49 -6.00 -6.01
CA LEU A 40 -0.09 -4.80 -5.40
C LEU A 40 0.42 -3.55 -6.09
N THR A 41 1.62 -3.63 -6.67
CA THR A 41 2.22 -2.50 -7.36
C THR A 41 2.40 -2.79 -8.85
N ASP A 42 2.94 -1.82 -9.57
CA ASP A 42 3.17 -1.97 -11.01
C ASP A 42 4.65 -2.16 -11.31
N PHE A 43 5.39 -2.62 -10.31
CA PHE A 43 6.82 -2.83 -10.47
C PHE A 43 7.11 -4.23 -11.01
N HIS A 44 8.33 -4.44 -11.48
CA HIS A 44 8.74 -5.74 -12.03
C HIS A 44 9.84 -6.36 -11.19
N THR A 45 9.98 -5.88 -9.96
CA THR A 45 11.00 -6.40 -9.05
C THR A 45 10.97 -5.66 -7.71
N GLU A 46 11.51 -6.31 -6.68
CA GLU A 46 11.54 -5.71 -5.35
C GLU A 46 12.36 -4.43 -5.35
N LYS A 47 13.50 -4.45 -6.02
CA LYS A 47 14.37 -3.29 -6.10
C LYS A 47 13.61 -2.07 -6.60
N GLU A 48 12.65 -2.30 -7.49
CA GLU A 48 11.85 -1.22 -8.05
C GLU A 48 10.97 -0.59 -6.98
N LEU A 49 10.34 -1.43 -6.16
CA LEU A 49 9.47 -0.95 -5.09
C LEU A 49 10.26 -0.15 -4.06
N ASN A 50 11.42 -0.68 -3.67
CA ASN A 50 12.26 -0.01 -2.69
C ASN A 50 12.86 1.27 -3.28
N ASP A 51 13.47 1.15 -4.45
CA ASP A 51 14.07 2.30 -5.11
C ASP A 51 13.03 3.37 -5.41
N LYS A 52 11.79 2.94 -5.63
CA LYS A 52 10.70 3.87 -5.92
C LYS A 52 10.46 4.81 -4.74
N LEU A 53 10.60 4.28 -3.53
CA LEU A 53 10.40 5.07 -2.32
C LEU A 53 11.22 6.36 -2.36
N ASN A 54 12.43 6.26 -2.91
CA ASN A 54 13.31 7.42 -3.01
C ASN A 54 12.60 8.58 -3.69
N ASP A 55 11.76 8.28 -4.66
CA ASP A 55 11.01 9.30 -5.39
C ASP A 55 10.10 10.07 -4.45
N TYR A 56 9.35 9.35 -3.62
CA TYR A 56 8.43 9.96 -2.67
C TYR A 56 9.19 10.57 -1.50
N TYR A 57 10.35 10.00 -1.18
CA TYR A 57 11.17 10.48 -0.08
C TYR A 57 11.34 12.00 -0.16
N ALA A 58 11.52 12.50 -1.37
CA ALA A 58 11.70 13.94 -1.58
C ALA A 58 10.57 14.73 -0.95
N LEU A 59 9.38 14.13 -0.89
CA LEU A 59 8.21 14.78 -0.31
C LEU A 59 8.45 15.08 1.17
N LYS A 60 9.46 14.44 1.75
CA LYS A 60 9.79 14.65 3.15
C LYS A 60 9.83 16.14 3.49
N HIS A 61 10.23 16.94 2.52
CA HIS A 61 10.34 18.39 2.72
C HIS A 61 9.03 18.94 3.29
N VAL A 62 7.91 18.41 2.80
CA VAL A 62 6.59 18.85 3.26
C VAL A 62 6.05 17.94 4.35
N PRO A 63 6.05 18.44 5.60
CA PRO A 63 5.57 17.67 6.75
C PRO A 63 4.06 17.47 6.72
N LYS A 64 3.36 18.35 6.01
CA LYS A 64 1.91 18.27 5.89
C LYS A 64 1.48 16.91 5.33
N CYS A 65 2.01 16.57 4.15
CA CYS A 65 1.69 15.30 3.50
C CYS A 65 2.60 14.20 4.00
N TRP A 66 3.82 14.56 4.36
CA TRP A 66 4.79 13.59 4.86
C TRP A 66 4.22 12.80 6.03
N ALA A 67 3.81 13.51 7.08
CA ALA A 67 3.25 12.87 8.26
C ALA A 67 1.91 12.21 7.94
N ALA A 68 1.35 12.55 6.79
CA ALA A 68 0.07 11.99 6.36
C ALA A 68 0.24 10.57 5.83
N ILE A 69 1.39 10.30 5.23
CA ILE A 69 1.68 8.98 4.69
C ILE A 69 2.55 8.17 5.64
N GLN A 70 2.69 8.66 6.87
CA GLN A 70 3.50 7.98 7.87
C GLN A 70 2.99 6.56 8.12
N PRO A 71 1.72 6.47 8.57
CA PRO A 71 1.08 5.18 8.86
C PRO A 71 0.80 4.38 7.59
N PHE A 72 0.52 5.08 6.50
CA PHE A 72 0.23 4.43 5.22
C PHE A 72 1.52 3.97 4.55
N LEU A 73 2.64 4.51 4.99
CA LEU A 73 3.93 4.15 4.43
C LEU A 73 4.14 2.64 4.46
N CYS A 74 3.42 1.98 5.35
CA CYS A 74 3.52 0.53 5.49
C CYS A 74 2.41 -0.17 4.70
N ALA A 75 1.22 0.43 4.70
CA ALA A 75 0.09 -0.13 4.00
C ALA A 75 0.09 0.29 2.52
N VAL A 76 1.14 1.00 2.12
CA VAL A 76 1.27 1.46 0.74
C VAL A 76 2.34 0.67 -0.01
N PHE A 77 3.41 0.34 0.69
CA PHE A 77 4.51 -0.42 0.08
C PHE A 77 4.59 -1.82 0.66
N LYS A 78 4.18 -1.96 1.93
CA LYS A 78 4.21 -3.25 2.60
C LYS A 78 2.79 -3.75 2.86
N PRO A 79 2.14 -4.27 1.81
CA PRO A 79 0.77 -4.80 1.91
C PRO A 79 0.71 -6.09 2.71
N LYS A 80 -0.39 -6.27 3.43
CA LYS A 80 -0.59 -7.47 4.25
C LYS A 80 -1.02 -8.65 3.39
N CYS A 81 -0.09 -9.21 2.64
CA CYS A 81 -0.39 -10.34 1.76
C CYS A 81 -0.35 -11.66 2.55
N GLU A 82 -1.52 -12.21 2.81
CA GLU A 82 -1.63 -13.46 3.55
C GLU A 82 -2.39 -14.50 2.76
N LYS A 83 -2.52 -15.70 3.33
CA LYS A 83 -3.24 -16.78 2.67
C LYS A 83 -4.63 -16.96 3.25
N ILE A 84 -5.64 -16.53 2.51
CA ILE A 84 -7.03 -16.64 2.95
C ILE A 84 -7.64 -17.98 2.54
N ASN A 85 -8.00 -18.79 3.53
CA ASN A 85 -8.60 -20.09 3.26
C ASN A 85 -7.62 -21.00 2.52
N GLY A 86 -6.33 -20.67 2.61
CA GLY A 86 -5.32 -21.47 1.95
C GLY A 86 -4.97 -20.94 0.57
N GLU A 87 -5.38 -19.71 0.30
CA GLU A 87 -5.12 -19.09 -1.00
C GLU A 87 -4.39 -17.76 -0.82
N ASP A 88 -3.21 -17.66 -1.42
CA ASP A 88 -2.40 -16.44 -1.34
C ASP A 88 -3.18 -15.24 -1.90
N MET A 89 -3.52 -14.31 -1.02
CA MET A 89 -4.26 -13.12 -1.42
C MET A 89 -3.63 -11.86 -0.83
N VAL A 90 -3.98 -10.71 -1.39
CA VAL A 90 -3.45 -9.44 -0.91
C VAL A 90 -4.52 -8.63 -0.19
N TYR A 91 -4.09 -7.77 0.72
CA TYR A 91 -5.02 -6.93 1.48
C TYR A 91 -4.80 -5.46 1.17
N LEU A 92 -5.65 -4.92 0.30
CA LEU A 92 -5.56 -3.52 -0.09
C LEU A 92 -5.78 -2.61 1.11
N PRO A 93 -5.31 -1.35 1.01
CA PRO A 93 -5.43 -0.35 2.07
C PRO A 93 -6.88 0.10 2.26
N SER A 94 -7.22 0.47 3.50
CA SER A 94 -8.57 0.92 3.81
C SER A 94 -8.72 2.43 3.55
N TYR A 95 -9.94 2.84 3.23
CA TYR A 95 -10.21 4.25 2.95
C TYR A 95 -9.67 5.15 4.07
N GLU A 96 -9.68 4.62 5.29
CA GLU A 96 -9.19 5.37 6.44
C GLU A 96 -7.70 5.66 6.30
N MET A 97 -6.91 4.60 6.14
CA MET A 97 -5.46 4.74 6.00
C MET A 97 -5.11 5.76 4.92
N CYS A 98 -5.87 5.73 3.83
CA CYS A 98 -5.64 6.65 2.71
C CYS A 98 -6.25 8.02 3.01
N ARG A 99 -7.24 8.04 3.90
CA ARG A 99 -7.91 9.28 4.27
C ARG A 99 -7.02 10.14 5.15
N ILE A 100 -6.08 9.50 5.84
CA ILE A 100 -5.16 10.20 6.72
C ILE A 100 -4.45 11.34 5.99
N THR A 101 -4.36 11.21 4.67
CA THR A 101 -3.71 12.23 3.84
C THR A 101 -4.73 13.22 3.29
N MET A 102 -5.89 13.28 3.94
CA MET A 102 -6.95 14.20 3.52
C MET A 102 -6.70 15.61 4.04
N GLU A 103 -6.12 15.70 5.23
CA GLU A 103 -5.83 16.99 5.84
C GLU A 103 -4.93 17.83 4.94
N PRO A 104 -3.71 17.32 4.69
CA PRO A 104 -2.73 18.00 3.84
C PRO A 104 -3.14 18.01 2.37
N CYS A 105 -2.77 16.95 1.66
CA CYS A 105 -3.10 16.83 0.23
C CYS A 105 -4.58 16.53 0.05
N ARG A 106 -5.42 17.55 0.19
CA ARG A 106 -6.85 17.39 0.03
C ARG A 106 -7.25 17.46 -1.43
N ILE A 107 -6.53 18.26 -2.21
CA ILE A 107 -6.80 18.40 -3.63
C ILE A 107 -6.47 17.12 -4.39
N LEU A 108 -5.81 16.19 -3.71
CA LEU A 108 -5.43 14.92 -4.32
C LEU A 108 -6.51 13.86 -4.06
N TYR A 109 -7.75 14.30 -3.94
CA TYR A 109 -8.85 13.38 -3.69
C TYR A 109 -8.84 12.22 -4.68
N ASN A 110 -8.84 12.57 -5.97
CA ASN A 110 -8.83 11.56 -7.02
C ASN A 110 -7.40 11.25 -7.46
N THR A 111 -6.48 12.17 -7.18
CA THR A 111 -5.09 12.00 -7.55
C THR A 111 -4.91 12.00 -9.06
N THR A 112 -4.38 13.10 -9.60
CA THR A 112 -4.15 13.22 -11.02
C THR A 112 -2.86 13.99 -11.32
N PHE A 113 -2.04 14.15 -10.30
CA PHE A 113 -0.78 14.87 -10.44
C PHE A 113 0.40 13.94 -10.17
N PHE A 114 0.44 13.37 -8.97
CA PHE A 114 1.51 12.46 -8.58
C PHE A 114 0.94 11.16 -8.02
N PRO A 115 0.40 10.33 -8.91
CA PRO A 115 -0.19 9.03 -8.53
C PRO A 115 0.87 8.03 -8.09
N LYS A 116 2.09 8.18 -8.62
CA LYS A 116 3.18 7.29 -8.28
C LYS A 116 3.65 7.51 -6.85
N PHE A 117 3.55 8.74 -6.38
CA PHE A 117 3.95 9.09 -5.02
C PHE A 117 2.89 8.66 -4.02
N LEU A 118 1.63 8.73 -4.43
CA LEU A 118 0.52 8.35 -3.57
C LEU A 118 0.33 6.83 -3.55
N ARG A 119 0.38 6.22 -4.73
CA ARG A 119 0.21 4.78 -4.85
C ARG A 119 -1.04 4.31 -4.13
N CYS A 120 -2.05 5.18 -4.07
CA CYS A 120 -3.30 4.85 -3.40
C CYS A 120 -4.49 5.08 -4.33
N ASN A 121 -5.62 4.47 -3.99
CA ASN A 121 -6.83 4.61 -4.80
C ASN A 121 -7.93 5.32 -4.01
N GLU A 122 -8.74 6.10 -4.71
CA GLU A 122 -9.84 6.83 -4.08
C GLU A 122 -11.08 6.84 -4.97
N THR A 123 -10.86 6.99 -6.27
CA THR A 123 -11.96 7.02 -7.23
C THR A 123 -12.89 5.82 -7.03
N LEU A 124 -12.30 4.65 -6.82
CA LEU A 124 -13.08 3.43 -6.62
C LEU A 124 -13.77 3.45 -5.25
N PHE A 125 -14.39 2.33 -4.89
CA PHE A 125 -15.08 2.21 -3.61
C PHE A 125 -14.31 1.30 -2.66
N PRO A 126 -13.38 1.88 -1.90
CA PRO A 126 -12.56 1.13 -0.93
C PRO A 126 -13.38 0.64 0.26
N THR A 127 -14.15 1.55 0.85
CA THR A 127 -14.98 1.20 2.00
C THR A 127 -15.82 -0.05 1.73
N LYS A 128 -16.85 0.11 0.92
CA LYS A 128 -17.73 -1.00 0.57
C LYS A 128 -18.83 -0.55 -0.39
N SER A 1 -12.18 -19.33 -8.10
CA SER A 1 -12.61 -18.26 -8.99
C SER A 1 -11.45 -17.36 -9.37
N GLY A 2 -10.80 -16.77 -8.37
CA GLY A 2 -9.68 -15.90 -8.62
C GLY A 2 -9.78 -14.59 -7.87
N LEU A 3 -10.98 -14.26 -7.43
CA LEU A 3 -11.21 -13.03 -6.68
C LEU A 3 -12.30 -13.21 -5.64
N VAL A 4 -11.93 -13.06 -4.36
CA VAL A 4 -12.88 -13.20 -3.27
C VAL A 4 -14.08 -12.28 -3.46
N PRO A 5 -15.29 -12.84 -3.27
CA PRO A 5 -16.55 -12.09 -3.41
C PRO A 5 -16.74 -11.07 -2.31
N ARG A 6 -16.50 -9.80 -2.62
CA ARG A 6 -16.64 -8.72 -1.65
C ARG A 6 -17.32 -7.51 -2.28
N GLY A 7 -17.40 -6.42 -1.52
CA GLY A 7 -18.03 -5.21 -2.02
C GLY A 7 -17.39 -4.72 -3.31
N SER A 8 -16.07 -4.51 -3.27
CA SER A 8 -15.35 -4.04 -4.44
C SER A 8 -13.84 -4.19 -4.25
N HIS A 9 -13.27 -3.34 -3.40
CA HIS A 9 -11.84 -3.39 -3.12
C HIS A 9 -11.58 -3.77 -1.67
N MET A 10 -11.06 -4.98 -1.47
CA MET A 10 -10.77 -5.47 -0.13
C MET A 10 -9.65 -6.52 -0.17
N VAL A 11 -9.93 -7.63 -0.83
CA VAL A 11 -8.95 -8.71 -0.95
C VAL A 11 -9.02 -9.37 -2.32
N ARG A 12 -7.93 -10.01 -2.72
CA ARG A 12 -7.87 -10.68 -4.01
C ARG A 12 -6.78 -11.75 -4.02
N ARG A 13 -7.02 -12.83 -4.74
CA ARG A 13 -6.05 -13.93 -4.83
C ARG A 13 -4.84 -13.52 -5.66
N ALA A 14 -3.92 -12.79 -5.05
CA ALA A 14 -2.72 -12.34 -5.74
C ALA A 14 -1.52 -13.20 -5.37
N ARG A 15 -0.33 -12.75 -5.76
CA ARG A 15 0.90 -13.49 -5.46
C ARG A 15 1.40 -13.18 -4.06
N CYS A 16 2.52 -13.79 -3.68
CA CYS A 16 3.10 -13.59 -2.37
C CYS A 16 4.54 -14.08 -2.33
N TYR A 17 5.46 -13.16 -2.08
CA TYR A 17 6.88 -13.49 -2.02
C TYR A 17 7.50 -12.98 -0.72
N PRO A 18 8.55 -13.69 -0.25
CA PRO A 18 9.26 -13.33 0.99
C PRO A 18 10.07 -12.04 0.83
N THR A 19 9.71 -11.02 1.61
CA THR A 19 10.40 -9.75 1.56
C THR A 19 11.84 -9.88 2.07
N SER A 20 11.98 -10.00 3.39
CA SER A 20 13.29 -10.13 4.01
C SER A 20 13.49 -11.54 4.57
N ASN A 21 14.65 -11.77 5.17
CA ASN A 21 14.97 -13.07 5.74
C ASN A 21 13.99 -13.42 6.86
N ALA A 22 13.80 -12.50 7.79
CA ALA A 22 12.89 -12.70 8.90
C ALA A 22 11.50 -12.16 8.60
N THR A 23 11.44 -10.88 8.25
CA THR A 23 10.16 -10.24 7.93
C THR A 23 10.37 -8.77 7.59
N ASN A 24 9.61 -8.28 6.61
CA ASN A 24 9.71 -6.88 6.19
C ASN A 24 9.57 -5.94 7.39
N THR A 25 10.25 -4.81 7.32
CA THR A 25 10.20 -3.82 8.39
C THR A 25 9.78 -2.45 7.87
N CYS A 26 9.09 -1.69 8.71
CA CYS A 26 8.62 -0.36 8.34
C CYS A 26 8.91 0.65 9.45
N PHE A 27 9.77 1.61 9.15
CA PHE A 27 10.13 2.64 10.13
C PHE A 27 10.55 2.01 11.46
N GLY A 28 11.50 1.07 11.38
CA GLY A 28 11.97 0.40 12.58
C GLY A 28 11.06 -0.71 13.02
N SER A 29 9.78 -0.40 13.23
CA SER A 29 8.80 -1.38 13.66
C SER A 29 8.57 -2.42 12.58
N LYS A 30 8.91 -3.68 12.88
CA LYS A 30 8.73 -4.77 11.93
C LYS A 30 7.25 -5.05 11.70
N LEU A 31 6.91 -5.38 10.45
CA LEU A 31 5.52 -5.68 10.10
C LEU A 31 5.15 -7.08 10.52
N PRO A 32 3.84 -7.30 10.75
CA PRO A 32 3.31 -8.61 11.16
C PRO A 32 3.40 -9.64 10.05
N TYR A 33 3.78 -9.20 8.86
CA TYR A 33 3.89 -10.09 7.71
C TYR A 33 5.31 -10.09 7.16
N GLU A 34 5.71 -11.20 6.55
CA GLU A 34 7.05 -11.33 5.99
C GLU A 34 6.98 -11.55 4.48
N LEU A 35 5.79 -11.37 3.91
CA LEU A 35 5.60 -11.56 2.48
C LEU A 35 5.11 -10.28 1.83
N SER A 36 5.05 -10.27 0.51
CA SER A 36 4.60 -9.10 -0.25
C SER A 36 4.03 -9.50 -1.60
N SER A 37 3.22 -8.62 -2.18
CA SER A 37 2.61 -8.89 -3.48
C SER A 37 2.94 -7.78 -4.47
N LEU A 38 3.88 -8.06 -5.36
CA LEU A 38 4.30 -7.09 -6.37
C LEU A 38 3.13 -6.74 -7.30
N ASP A 39 2.22 -7.68 -7.47
CA ASP A 39 1.05 -7.47 -8.33
C ASP A 39 0.15 -6.38 -7.75
N LEU A 40 0.28 -6.13 -6.46
CA LEU A 40 -0.52 -5.11 -5.80
C LEU A 40 -0.02 -3.70 -6.14
N THR A 41 1.11 -3.64 -6.86
CA THR A 41 1.69 -2.37 -7.25
C THR A 41 2.00 -2.34 -8.74
N ASP A 42 2.57 -1.24 -9.20
CA ASP A 42 2.92 -1.09 -10.61
C ASP A 42 4.43 -0.98 -10.79
N PHE A 43 5.14 -2.06 -10.48
CA PHE A 43 6.59 -2.10 -10.59
C PHE A 43 7.04 -3.28 -11.44
N HIS A 44 8.35 -3.46 -11.54
CA HIS A 44 8.92 -4.56 -12.32
C HIS A 44 9.88 -5.39 -11.46
N THR A 45 10.05 -4.99 -10.21
CA THR A 45 10.95 -5.69 -9.30
C THR A 45 11.00 -5.00 -7.94
N GLU A 46 11.38 -5.76 -6.91
CA GLU A 46 11.46 -5.23 -5.55
C GLU A 46 12.27 -3.93 -5.53
N LYS A 47 13.41 -3.95 -6.20
CA LYS A 47 14.29 -2.77 -6.26
C LYS A 47 13.52 -1.55 -6.74
N GLU A 48 12.56 -1.78 -7.64
CA GLU A 48 11.75 -0.68 -8.17
C GLU A 48 10.85 -0.09 -7.10
N LEU A 49 10.24 -0.96 -6.30
CA LEU A 49 9.36 -0.52 -5.22
C LEU A 49 10.12 0.29 -4.19
N ASN A 50 11.28 -0.21 -3.78
CA ASN A 50 12.11 0.45 -2.79
C ASN A 50 12.72 1.73 -3.37
N ASP A 51 13.31 1.61 -4.56
CA ASP A 51 13.93 2.76 -5.21
C ASP A 51 12.89 3.85 -5.48
N LYS A 52 11.70 3.44 -5.87
CA LYS A 52 10.62 4.39 -6.16
C LYS A 52 10.35 5.28 -4.96
N LEU A 53 10.52 4.72 -3.76
CA LEU A 53 10.29 5.48 -2.54
C LEU A 53 11.02 6.81 -2.57
N ASN A 54 12.19 6.82 -3.20
CA ASN A 54 12.99 8.03 -3.30
C ASN A 54 12.18 9.18 -3.90
N ASP A 55 11.28 8.85 -4.81
CA ASP A 55 10.44 9.85 -5.45
C ASP A 55 9.57 10.57 -4.42
N TYR A 56 8.85 9.80 -3.62
CA TYR A 56 7.98 10.36 -2.59
C TYR A 56 8.80 10.92 -1.43
N TYR A 57 9.97 10.33 -1.20
CA TYR A 57 10.84 10.78 -0.12
C TYR A 57 11.03 12.29 -0.15
N ALA A 58 11.12 12.85 -1.36
CA ALA A 58 11.29 14.28 -1.52
C ALA A 58 10.21 15.06 -0.78
N LEU A 59 9.03 14.47 -0.69
CA LEU A 59 7.91 15.10 -0.01
C LEU A 59 8.23 15.33 1.47
N LYS A 60 9.25 14.65 1.96
CA LYS A 60 9.67 14.79 3.35
C LYS A 60 9.77 16.26 3.74
N HIS A 61 10.16 17.10 2.78
CA HIS A 61 10.29 18.53 3.02
C HIS A 61 9.04 19.10 3.68
N VAL A 62 7.88 18.61 3.26
CA VAL A 62 6.61 19.07 3.80
C VAL A 62 6.07 18.07 4.81
N PRO A 63 6.17 18.43 6.11
CA PRO A 63 5.69 17.59 7.21
C PRO A 63 4.17 17.50 7.25
N LYS A 64 3.51 18.55 6.79
CA LYS A 64 2.04 18.59 6.77
C LYS A 64 1.47 17.36 6.08
N CYS A 65 2.22 16.83 5.11
CA CYS A 65 1.79 15.65 4.37
C CYS A 65 2.71 14.47 4.64
N TRP A 66 4.00 14.76 4.80
CA TRP A 66 4.99 13.72 5.07
C TRP A 66 4.59 12.88 6.27
N ALA A 67 4.31 13.55 7.38
CA ALA A 67 3.90 12.87 8.60
C ALA A 67 2.56 12.18 8.44
N ALA A 68 1.87 12.50 7.34
CA ALA A 68 0.56 11.91 7.07
C ALA A 68 0.70 10.50 6.50
N ILE A 69 1.67 10.33 5.61
CA ILE A 69 1.90 9.03 4.99
C ILE A 69 2.80 8.16 5.87
N GLN A 70 3.05 8.62 7.09
CA GLN A 70 3.89 7.88 8.03
C GLN A 70 3.32 6.49 8.29
N PRO A 71 2.06 6.45 8.77
CA PRO A 71 1.37 5.19 9.07
C PRO A 71 1.02 4.40 7.82
N PHE A 72 0.74 5.13 6.73
CA PHE A 72 0.39 4.49 5.47
C PHE A 72 1.64 4.03 4.73
N LEU A 73 2.80 4.52 5.16
CA LEU A 73 4.07 4.16 4.53
C LEU A 73 4.26 2.65 4.53
N CYS A 74 3.55 1.97 5.43
CA CYS A 74 3.65 0.51 5.54
C CYS A 74 2.53 -0.16 4.75
N ALA A 75 1.35 0.44 4.78
CA ALA A 75 0.19 -0.10 4.07
C ALA A 75 0.16 0.38 2.63
N VAL A 76 1.20 1.09 2.22
CA VAL A 76 1.31 1.61 0.86
C VAL A 76 2.35 0.84 0.06
N PHE A 77 3.45 0.49 0.72
CA PHE A 77 4.53 -0.24 0.07
C PHE A 77 4.63 -1.67 0.60
N LYS A 78 4.24 -1.85 1.86
CA LYS A 78 4.27 -3.16 2.49
C LYS A 78 2.87 -3.69 2.76
N PRO A 79 2.22 -4.19 1.69
CA PRO A 79 0.86 -4.73 1.78
C PRO A 79 0.81 -6.04 2.55
N LYS A 80 -0.18 -6.17 3.43
CA LYS A 80 -0.34 -7.38 4.23
C LYS A 80 -0.80 -8.55 3.36
N CYS A 81 0.17 -9.33 2.88
CA CYS A 81 -0.14 -10.49 2.05
C CYS A 81 -0.15 -11.77 2.88
N GLU A 82 -1.32 -12.39 2.98
CA GLU A 82 -1.46 -13.62 3.74
C GLU A 82 -2.30 -14.65 2.98
N LYS A 83 -2.40 -15.85 3.53
CA LYS A 83 -3.17 -16.92 2.90
C LYS A 83 -4.51 -17.11 3.61
N ILE A 84 -5.58 -16.63 3.00
CA ILE A 84 -6.91 -16.76 3.57
C ILE A 84 -7.57 -18.08 3.15
N ASN A 85 -7.94 -18.88 4.13
CA ASN A 85 -8.58 -20.17 3.87
C ASN A 85 -7.67 -21.06 3.02
N GLY A 86 -6.38 -20.74 3.01
CA GLY A 86 -5.43 -21.53 2.25
C GLY A 86 -5.17 -20.94 0.87
N GLU A 87 -5.70 -19.75 0.63
CA GLU A 87 -5.53 -19.09 -0.66
C GLU A 87 -4.69 -17.82 -0.52
N ASP A 88 -3.63 -17.74 -1.32
CA ASP A 88 -2.74 -16.59 -1.29
C ASP A 88 -3.45 -15.33 -1.76
N MET A 89 -3.76 -14.44 -0.83
CA MET A 89 -4.44 -13.19 -1.16
C MET A 89 -3.63 -11.99 -0.70
N VAL A 90 -4.16 -10.80 -0.96
CA VAL A 90 -3.47 -9.56 -0.58
C VAL A 90 -4.45 -8.57 0.04
N TYR A 91 -3.95 -7.79 1.01
CA TYR A 91 -4.79 -6.80 1.69
C TYR A 91 -4.44 -5.40 1.21
N LEU A 92 -5.47 -4.61 0.89
CA LEU A 92 -5.27 -3.25 0.42
C LEU A 92 -5.69 -2.25 1.50
N PRO A 93 -5.18 -1.01 1.38
CA PRO A 93 -5.49 0.07 2.33
C PRO A 93 -6.93 0.55 2.22
N SER A 94 -7.66 0.51 3.33
CA SER A 94 -9.05 0.93 3.35
C SER A 94 -9.15 2.45 3.21
N TYR A 95 -10.38 2.94 3.06
CA TYR A 95 -10.61 4.38 2.92
C TYR A 95 -9.94 5.15 4.04
N GLU A 96 -9.81 4.52 5.20
CA GLU A 96 -9.18 5.16 6.35
C GLU A 96 -7.71 5.46 6.06
N MET A 97 -6.96 4.43 5.71
CA MET A 97 -5.54 4.58 5.41
C MET A 97 -5.32 5.63 4.31
N CYS A 98 -6.18 5.59 3.30
CA CYS A 98 -6.09 6.53 2.19
C CYS A 98 -6.48 7.93 2.63
N ARG A 99 -7.47 8.03 3.51
CA ARG A 99 -7.94 9.31 4.01
C ARG A 99 -6.87 9.99 4.85
N ILE A 100 -6.08 9.18 5.56
CA ILE A 100 -5.02 9.70 6.41
C ILE A 100 -4.18 10.74 5.65
N THR A 101 -4.04 10.55 4.35
CA THR A 101 -3.27 11.47 3.52
C THR A 101 -4.16 12.52 2.89
N MET A 102 -5.42 12.17 2.69
CA MET A 102 -6.38 13.09 2.08
C MET A 102 -6.66 14.27 3.02
N GLU A 103 -6.65 14.00 4.32
CA GLU A 103 -6.90 15.04 5.32
C GLU A 103 -6.03 16.26 5.06
N PRO A 104 -4.71 16.07 5.16
CA PRO A 104 -3.73 17.15 4.94
C PRO A 104 -3.67 17.59 3.48
N CYS A 105 -3.52 16.62 2.58
CA CYS A 105 -3.44 16.91 1.15
C CYS A 105 -4.80 16.69 0.48
N ARG A 106 -5.62 17.74 0.46
CA ARG A 106 -6.93 17.67 -0.15
C ARG A 106 -6.82 17.53 -1.67
N ILE A 107 -5.67 17.89 -2.21
CA ILE A 107 -5.44 17.80 -3.65
C ILE A 107 -5.30 16.36 -4.09
N LEU A 108 -5.22 15.45 -3.13
CA LEU A 108 -5.09 14.02 -3.42
C LEU A 108 -6.46 13.36 -3.51
N TYR A 109 -7.46 14.13 -3.93
CA TYR A 109 -8.81 13.61 -4.05
C TYR A 109 -8.83 12.30 -4.84
N ASN A 110 -8.22 12.32 -6.03
CA ASN A 110 -8.16 11.14 -6.87
C ASN A 110 -7.40 11.43 -8.16
N THR A 111 -7.53 12.66 -8.65
CA THR A 111 -6.85 13.08 -9.87
C THR A 111 -5.38 12.70 -9.84
N THR A 112 -4.73 12.77 -11.01
CA THR A 112 -3.32 12.43 -11.10
C THR A 112 -2.44 13.54 -10.54
N PHE A 113 -2.28 13.55 -9.22
CA PHE A 113 -1.46 14.55 -8.55
C PHE A 113 -0.25 13.93 -7.88
N PHE A 114 -0.45 12.73 -7.31
CA PHE A 114 0.63 12.03 -6.63
C PHE A 114 0.32 10.54 -6.53
N PRO A 115 0.42 9.84 -7.67
CA PRO A 115 0.15 8.40 -7.74
C PRO A 115 1.22 7.57 -7.03
N LYS A 116 2.48 7.86 -7.34
CA LYS A 116 3.60 7.14 -6.74
C LYS A 116 3.67 7.43 -5.24
N PHE A 117 3.26 8.63 -4.85
CA PHE A 117 3.27 9.02 -3.45
C PHE A 117 1.98 8.62 -2.75
N LEU A 118 0.93 8.42 -3.54
CA LEU A 118 -0.37 8.04 -3.00
C LEU A 118 -0.98 6.90 -3.81
N ARG A 119 -0.35 5.74 -3.75
CA ARG A 119 -0.83 4.57 -4.48
C ARG A 119 -2.04 3.97 -3.79
N CYS A 120 -3.10 4.74 -3.68
CA CYS A 120 -4.34 4.29 -3.05
C CYS A 120 -5.48 4.20 -4.05
N ASN A 121 -6.64 3.73 -3.59
CA ASN A 121 -7.80 3.61 -4.45
C ASN A 121 -8.08 4.92 -5.18
N GLU A 122 -8.59 4.80 -6.41
CA GLU A 122 -8.90 5.97 -7.22
C GLU A 122 -10.01 5.67 -8.22
N THR A 123 -11.07 6.46 -8.19
CA THR A 123 -12.20 6.28 -9.09
C THR A 123 -12.88 4.93 -8.85
N LEU A 124 -12.80 4.44 -7.62
CA LEU A 124 -13.40 3.16 -7.26
C LEU A 124 -14.07 3.25 -5.89
N PHE A 125 -14.74 2.16 -5.51
CA PHE A 125 -15.43 2.11 -4.22
C PHE A 125 -14.69 1.19 -3.25
N PRO A 126 -13.73 1.76 -2.50
CA PRO A 126 -12.93 1.01 -1.53
C PRO A 126 -13.76 0.58 -0.31
N THR A 127 -14.49 1.52 0.26
CA THR A 127 -15.32 1.24 1.43
C THR A 127 -16.22 0.03 1.18
N LYS A 128 -17.26 0.22 0.38
CA LYS A 128 -18.18 -0.85 0.06
C LYS A 128 -19.17 -0.42 -1.02
N SER A 1 -9.47 -11.54 -14.89
CA SER A 1 -10.48 -11.16 -13.91
C SER A 1 -10.25 -11.89 -12.58
N GLY A 2 -9.31 -11.38 -11.79
CA GLY A 2 -9.01 -11.99 -10.51
C GLY A 2 -9.57 -11.19 -9.35
N LEU A 3 -10.49 -11.80 -8.61
CA LEU A 3 -11.10 -11.15 -7.45
C LEU A 3 -11.54 -12.16 -6.41
N VAL A 4 -11.97 -11.67 -5.25
CA VAL A 4 -12.41 -12.54 -4.17
C VAL A 4 -13.93 -12.50 -4.03
N PRO A 5 -14.55 -13.69 -3.93
CA PRO A 5 -16.00 -13.82 -3.79
C PRO A 5 -16.49 -13.33 -2.42
N ARG A 6 -15.55 -13.02 -1.54
CA ARG A 6 -15.89 -12.55 -0.20
C ARG A 6 -16.76 -11.30 -0.27
N GLY A 7 -16.27 -10.29 -0.97
CA GLY A 7 -17.02 -9.05 -1.10
C GLY A 7 -16.13 -7.83 -1.16
N SER A 8 -16.41 -6.94 -2.10
CA SER A 8 -15.62 -5.72 -2.27
C SER A 8 -14.18 -6.06 -2.66
N HIS A 9 -13.48 -5.08 -3.23
CA HIS A 9 -12.09 -5.29 -3.64
C HIS A 9 -11.13 -5.04 -2.48
N MET A 10 -11.18 -5.94 -1.50
CA MET A 10 -10.31 -5.82 -0.33
C MET A 10 -9.28 -6.95 -0.31
N VAL A 11 -9.60 -8.06 -0.97
CA VAL A 11 -8.70 -9.20 -1.03
C VAL A 11 -8.73 -9.85 -2.40
N ARG A 12 -7.61 -10.47 -2.78
CA ARG A 12 -7.52 -11.14 -4.08
C ARG A 12 -6.39 -12.17 -4.06
N ARG A 13 -6.57 -13.23 -4.85
CA ARG A 13 -5.57 -14.30 -4.93
C ARG A 13 -4.33 -13.81 -5.68
N ALA A 14 -3.47 -13.08 -4.98
CA ALA A 14 -2.23 -12.57 -5.57
C ALA A 14 -1.03 -13.42 -5.17
N ARG A 15 0.16 -12.92 -5.47
CA ARG A 15 1.39 -13.63 -5.14
C ARG A 15 1.83 -13.33 -3.72
N CYS A 16 2.94 -13.93 -3.30
CA CYS A 16 3.46 -13.73 -1.96
C CYS A 16 4.91 -14.20 -1.87
N TYR A 17 5.80 -13.30 -1.47
CA TYR A 17 7.22 -13.62 -1.35
C TYR A 17 7.77 -13.16 0.00
N PRO A 18 8.80 -13.85 0.48
CA PRO A 18 9.45 -13.52 1.77
C PRO A 18 10.22 -12.21 1.72
N THR A 19 9.76 -11.24 2.50
CA THR A 19 10.41 -9.92 2.55
C THR A 19 11.80 -10.02 3.17
N SER A 20 11.83 -10.23 4.49
CA SER A 20 13.10 -10.33 5.21
C SER A 20 13.33 -11.76 5.71
N ASN A 21 14.47 -11.99 6.33
CA ASN A 21 14.82 -13.30 6.85
C ASN A 21 13.86 -13.70 7.97
N ALA A 22 13.63 -12.79 8.91
CA ALA A 22 12.73 -13.06 10.03
C ALA A 22 11.35 -12.48 9.77
N THR A 23 11.30 -11.18 9.48
CA THR A 23 10.03 -10.51 9.20
C THR A 23 10.25 -9.10 8.65
N ASN A 24 9.26 -8.59 7.95
CA ASN A 24 9.35 -7.25 7.37
C ASN A 24 9.14 -6.17 8.43
N THR A 25 9.75 -5.02 8.23
CA THR A 25 9.62 -3.91 9.17
C THR A 25 9.13 -2.65 8.46
N CYS A 26 8.38 -1.83 9.19
CA CYS A 26 7.84 -0.59 8.64
C CYS A 26 7.98 0.55 9.64
N PHE A 27 8.85 1.51 9.32
CA PHE A 27 9.08 2.66 10.18
C PHE A 27 9.56 2.21 11.55
N GLY A 28 10.30 1.10 11.59
CA GLY A 28 10.81 0.59 12.85
C GLY A 28 9.89 -0.45 13.46
N SER A 29 8.59 -0.31 13.22
CA SER A 29 7.60 -1.23 13.76
C SER A 29 7.47 -2.46 12.87
N LYS A 30 7.87 -3.61 13.39
CA LYS A 30 7.79 -4.86 12.63
C LYS A 30 6.35 -5.19 12.30
N LEU A 31 6.11 -5.57 11.05
CA LEU A 31 4.76 -5.93 10.59
C LEU A 31 4.40 -7.35 11.02
N PRO A 32 3.09 -7.61 11.16
CA PRO A 32 2.59 -8.92 11.56
C PRO A 32 2.78 -9.97 10.47
N TYR A 33 3.23 -9.53 9.31
CA TYR A 33 3.46 -10.44 8.18
C TYR A 33 4.93 -10.45 7.78
N GLU A 34 5.37 -11.56 7.20
CA GLU A 34 6.75 -11.69 6.76
C GLU A 34 6.83 -11.86 5.25
N LEU A 35 5.69 -11.78 4.59
CA LEU A 35 5.63 -11.92 3.14
C LEU A 35 5.10 -10.64 2.48
N SER A 36 5.16 -10.59 1.16
CA SER A 36 4.70 -9.43 0.42
C SER A 36 4.29 -9.82 -1.01
N SER A 37 3.33 -9.09 -1.56
CA SER A 37 2.85 -9.35 -2.91
C SER A 37 3.11 -8.16 -3.83
N LEU A 38 4.06 -8.32 -4.74
CA LEU A 38 4.40 -7.26 -5.68
C LEU A 38 3.21 -6.88 -6.54
N ASP A 39 2.21 -7.76 -6.59
CA ASP A 39 1.00 -7.52 -7.37
C ASP A 39 0.30 -6.25 -6.89
N LEU A 40 0.43 -5.96 -5.60
CA LEU A 40 -0.20 -4.77 -5.03
C LEU A 40 0.20 -3.51 -5.79
N THR A 41 1.36 -3.57 -6.44
CA THR A 41 1.86 -2.43 -7.21
C THR A 41 1.85 -2.73 -8.70
N ASP A 42 2.34 -1.79 -9.50
CA ASP A 42 2.39 -1.95 -10.94
C ASP A 42 3.82 -2.23 -11.41
N PHE A 43 4.72 -2.40 -10.45
CA PHE A 43 6.13 -2.66 -10.76
C PHE A 43 6.30 -4.06 -11.35
N HIS A 44 7.55 -4.48 -11.47
CA HIS A 44 7.86 -5.80 -12.01
C HIS A 44 8.95 -6.48 -11.20
N THR A 45 9.19 -5.97 -10.00
CA THR A 45 10.21 -6.54 -9.12
C THR A 45 10.30 -5.76 -7.82
N GLU A 46 10.83 -6.39 -6.78
CA GLU A 46 10.98 -5.75 -5.48
C GLU A 46 11.86 -4.51 -5.59
N LYS A 47 12.97 -4.64 -6.32
CA LYS A 47 13.89 -3.52 -6.51
C LYS A 47 13.16 -2.28 -7.02
N GLU A 48 12.18 -2.50 -7.89
CA GLU A 48 11.40 -1.40 -8.45
C GLU A 48 10.56 -0.72 -7.38
N LEU A 49 10.02 -1.52 -6.46
CA LEU A 49 9.19 -1.00 -5.38
C LEU A 49 10.04 -0.25 -4.36
N ASN A 50 11.18 -0.83 -4.01
CA ASN A 50 12.09 -0.21 -3.04
C ASN A 50 12.76 1.02 -3.64
N ASP A 51 13.19 0.91 -4.89
CA ASP A 51 13.85 2.01 -5.58
C ASP A 51 12.88 3.16 -5.82
N LYS A 52 11.64 2.82 -6.16
CA LYS A 52 10.62 3.81 -6.42
C LYS A 52 10.44 4.74 -5.22
N LEU A 53 10.67 4.21 -4.02
CA LEU A 53 10.54 4.99 -2.79
C LEU A 53 11.29 6.31 -2.91
N ASN A 54 12.42 6.28 -3.62
CA ASN A 54 13.25 7.47 -3.80
C ASN A 54 12.40 8.63 -4.34
N ASP A 55 11.53 8.33 -5.29
CA ASP A 55 10.67 9.33 -5.89
C ASP A 55 9.73 9.94 -4.84
N TYR A 56 9.19 9.10 -3.98
CA TYR A 56 8.28 9.55 -2.93
C TYR A 56 9.05 10.26 -1.82
N TYR A 57 10.29 9.83 -1.59
CA TYR A 57 11.13 10.42 -0.55
C TYR A 57 11.16 11.94 -0.69
N ALA A 58 11.09 12.42 -1.92
CA ALA A 58 11.11 13.86 -2.19
C ALA A 58 9.98 14.57 -1.44
N LEU A 59 8.86 13.88 -1.28
CA LEU A 59 7.71 14.45 -0.59
C LEU A 59 8.06 14.81 0.85
N LYS A 60 9.15 14.23 1.36
CA LYS A 60 9.60 14.49 2.71
C LYS A 60 9.64 15.99 2.99
N HIS A 61 9.94 16.77 1.96
CA HIS A 61 10.00 18.22 2.09
C HIS A 61 8.75 18.77 2.76
N VAL A 62 7.60 18.22 2.40
CA VAL A 62 6.33 18.65 2.98
C VAL A 62 5.90 17.73 4.12
N PRO A 63 6.01 18.25 5.35
CA PRO A 63 5.64 17.51 6.56
C PRO A 63 4.14 17.30 6.68
N LYS A 64 3.37 18.24 6.14
CA LYS A 64 1.91 18.16 6.18
C LYS A 64 1.42 16.88 5.50
N CYS A 65 1.95 16.61 4.31
CA CYS A 65 1.57 15.42 3.55
C CYS A 65 2.46 14.23 3.93
N TRP A 66 3.71 14.52 4.27
CA TRP A 66 4.66 13.47 4.64
C TRP A 66 4.10 12.62 5.78
N ALA A 67 3.70 13.27 6.87
CA ALA A 67 3.16 12.57 8.02
C ALA A 67 1.81 11.93 7.68
N ALA A 68 1.26 12.31 6.54
CA ALA A 68 -0.03 11.78 6.10
C ALA A 68 0.11 10.34 5.60
N ILE A 69 1.27 10.04 5.00
CA ILE A 69 1.53 8.70 4.49
C ILE A 69 2.37 7.89 5.46
N GLN A 70 2.44 8.34 6.71
CA GLN A 70 3.21 7.66 7.73
C GLN A 70 2.71 6.23 7.94
N PRO A 71 1.45 6.11 8.38
CA PRO A 71 0.82 4.81 8.63
C PRO A 71 0.53 4.05 7.34
N PHE A 72 0.22 4.79 6.29
CA PHE A 72 -0.09 4.20 4.98
C PHE A 72 1.19 3.69 4.32
N LEU A 73 2.31 4.28 4.68
CA LEU A 73 3.61 3.89 4.12
C LEU A 73 3.75 2.37 4.10
N CYS A 74 3.11 1.71 5.05
CA CYS A 74 3.17 0.26 5.15
C CYS A 74 2.22 -0.39 4.14
N ALA A 75 0.98 0.09 4.11
CA ALA A 75 -0.01 -0.44 3.19
C ALA A 75 0.22 0.06 1.77
N VAL A 76 1.37 0.69 1.55
CA VAL A 76 1.71 1.21 0.24
C VAL A 76 2.82 0.38 -0.41
N PHE A 77 3.88 0.13 0.35
CA PHE A 77 5.01 -0.66 -0.16
C PHE A 77 5.09 -2.01 0.55
N LYS A 78 4.71 -2.03 1.81
CA LYS A 78 4.73 -3.26 2.61
C LYS A 78 3.32 -3.69 2.99
N PRO A 79 2.54 -4.14 2.00
CA PRO A 79 1.16 -4.59 2.21
C PRO A 79 1.09 -5.90 2.99
N LYS A 80 -0.07 -6.18 3.55
CA LYS A 80 -0.28 -7.41 4.33
C LYS A 80 -0.69 -8.56 3.42
N CYS A 81 0.25 -9.45 3.14
CA CYS A 81 -0.02 -10.60 2.29
C CYS A 81 0.02 -11.90 3.09
N GLU A 82 -1.12 -12.57 3.16
CA GLU A 82 -1.23 -13.83 3.90
C GLU A 82 -1.99 -14.87 3.10
N LYS A 83 -2.11 -16.07 3.66
CA LYS A 83 -2.80 -17.16 2.99
C LYS A 83 -4.17 -17.40 3.63
N ILE A 84 -5.22 -16.97 2.93
CA ILE A 84 -6.58 -17.15 3.43
C ILE A 84 -7.16 -18.49 3.01
N ASN A 85 -7.45 -19.34 3.98
CA ASN A 85 -8.02 -20.66 3.71
C ASN A 85 -7.05 -21.49 2.87
N GLY A 86 -5.78 -21.12 2.89
CA GLY A 86 -4.78 -21.84 2.13
C GLY A 86 -4.54 -21.25 0.76
N GLU A 87 -4.93 -19.98 0.60
CA GLU A 87 -4.77 -19.29 -0.69
C GLU A 87 -4.01 -17.99 -0.49
N ASP A 88 -2.87 -17.87 -1.15
CA ASP A 88 -2.05 -16.66 -1.06
C ASP A 88 -2.81 -15.44 -1.55
N MET A 89 -3.35 -14.66 -0.62
CA MET A 89 -4.11 -13.47 -0.97
C MET A 89 -3.40 -12.21 -0.46
N VAL A 90 -3.96 -11.05 -0.79
CA VAL A 90 -3.39 -9.78 -0.38
C VAL A 90 -4.43 -8.90 0.30
N TYR A 91 -3.96 -7.93 1.08
CA TYR A 91 -4.85 -7.01 1.79
C TYR A 91 -4.68 -5.59 1.29
N LEU A 92 -5.79 -4.94 0.97
CA LEU A 92 -5.76 -3.57 0.48
C LEU A 92 -6.13 -2.58 1.59
N PRO A 93 -5.66 -1.33 1.45
CA PRO A 93 -5.93 -0.28 2.43
C PRO A 93 -7.39 0.16 2.44
N SER A 94 -7.87 0.59 3.60
CA SER A 94 -9.25 1.03 3.74
C SER A 94 -9.37 2.54 3.55
N TYR A 95 -10.59 3.03 3.48
CA TYR A 95 -10.85 4.46 3.29
C TYR A 95 -10.11 5.28 4.33
N GLU A 96 -9.95 4.71 5.53
CA GLU A 96 -9.25 5.40 6.61
C GLU A 96 -7.79 5.62 6.26
N MET A 97 -7.08 4.53 5.95
CA MET A 97 -5.66 4.61 5.60
C MET A 97 -5.44 5.61 4.48
N CYS A 98 -6.31 5.57 3.48
CA CYS A 98 -6.21 6.47 2.33
C CYS A 98 -6.68 7.88 2.70
N ARG A 99 -7.51 7.96 3.74
CA ARG A 99 -8.04 9.24 4.20
C ARG A 99 -6.95 10.05 4.90
N ILE A 100 -6.05 9.37 5.59
CA ILE A 100 -4.97 10.03 6.30
C ILE A 100 -4.24 11.02 5.39
N THR A 101 -4.16 10.69 4.11
CA THR A 101 -3.50 11.55 3.14
C THR A 101 -4.48 12.52 2.50
N MET A 102 -5.76 12.16 2.50
CA MET A 102 -6.80 13.00 1.93
C MET A 102 -6.98 14.28 2.74
N GLU A 103 -6.80 14.17 4.05
CA GLU A 103 -6.94 15.32 4.93
C GLU A 103 -6.08 16.49 4.45
N PRO A 104 -4.76 16.29 4.45
CA PRO A 104 -3.80 17.32 4.02
C PRO A 104 -3.86 17.56 2.51
N CYS A 105 -2.87 18.28 2.00
CA CYS A 105 -2.81 18.59 0.58
C CYS A 105 -4.21 18.87 0.02
N ARG A 106 -4.66 20.11 0.16
CA ARG A 106 -5.97 20.51 -0.32
C ARG A 106 -6.16 20.10 -1.79
N ILE A 107 -5.17 20.41 -2.61
CA ILE A 107 -5.22 20.08 -4.03
C ILE A 107 -5.44 18.58 -4.24
N LEU A 108 -5.11 17.80 -3.22
CA LEU A 108 -5.28 16.35 -3.29
C LEU A 108 -6.62 15.93 -2.70
N TYR A 109 -7.63 16.77 -2.88
CA TYR A 109 -8.97 16.48 -2.38
C TYR A 109 -9.37 15.04 -2.69
N ASN A 110 -8.96 14.55 -3.85
CA ASN A 110 -9.28 13.20 -4.27
C ASN A 110 -8.68 12.90 -5.64
N THR A 111 -8.85 13.82 -6.57
CA THR A 111 -8.33 13.66 -7.93
C THR A 111 -6.84 13.33 -7.90
N THR A 112 -6.45 12.30 -8.65
CA THR A 112 -5.04 11.89 -8.72
C THR A 112 -4.18 12.98 -9.32
N PHE A 113 -3.53 13.76 -8.45
CA PHE A 113 -2.67 14.84 -8.90
C PHE A 113 -1.20 14.51 -8.64
N PHE A 114 -0.96 13.66 -7.65
CA PHE A 114 0.40 13.26 -7.31
C PHE A 114 0.80 11.97 -8.04
N PRO A 115 2.11 11.72 -8.12
CA PRO A 115 2.65 10.53 -8.79
C PRO A 115 2.34 9.25 -8.02
N LYS A 116 3.07 8.18 -8.34
CA LYS A 116 2.87 6.90 -7.70
C LYS A 116 3.09 7.01 -6.19
N PHE A 117 3.72 8.10 -5.77
CA PHE A 117 3.99 8.34 -4.36
C PHE A 117 2.80 7.94 -3.50
N LEU A 118 1.60 8.21 -4.02
CA LEU A 118 0.37 7.88 -3.30
C LEU A 118 0.02 6.41 -3.47
N ARG A 119 -0.04 5.96 -4.72
CA ARG A 119 -0.37 4.58 -5.02
C ARG A 119 -1.77 4.23 -4.52
N CYS A 120 -2.57 5.25 -4.26
CA CYS A 120 -3.92 5.06 -3.77
C CYS A 120 -4.95 5.40 -4.85
N ASN A 121 -6.22 5.17 -4.55
CA ASN A 121 -7.29 5.46 -5.51
C ASN A 121 -8.05 6.72 -5.10
N GLU A 122 -8.52 7.46 -6.10
CA GLU A 122 -9.27 8.69 -5.84
C GLU A 122 -10.67 8.38 -5.36
N THR A 123 -10.79 7.92 -4.13
CA THR A 123 -12.08 7.58 -3.54
C THR A 123 -12.84 6.59 -4.43
N LEU A 124 -12.11 5.66 -5.02
CA LEU A 124 -12.71 4.65 -5.90
C LEU A 124 -13.79 3.88 -5.16
N PHE A 125 -13.39 2.90 -4.35
CA PHE A 125 -14.33 2.10 -3.59
C PHE A 125 -13.64 1.43 -2.40
N PRO A 126 -13.14 2.26 -1.47
CA PRO A 126 -12.45 1.77 -0.27
C PRO A 126 -13.39 1.08 0.71
N THR A 127 -14.50 1.76 1.01
CA THR A 127 -15.49 1.22 1.94
C THR A 127 -15.97 -0.16 1.48
N LYS A 128 -16.80 -0.18 0.45
CA LYS A 128 -17.33 -1.42 -0.08
C LYS A 128 -17.94 -1.21 -1.47
N SER A 1 -3.49 -12.26 -11.71
CA SER A 1 -4.16 -11.15 -11.03
C SER A 1 -5.68 -11.26 -11.19
N GLY A 2 -6.40 -10.78 -10.18
CA GLY A 2 -7.85 -10.83 -10.23
C GLY A 2 -8.47 -10.81 -8.84
N LEU A 3 -9.60 -10.10 -8.71
CA LEU A 3 -10.29 -10.01 -7.43
C LEU A 3 -10.81 -11.37 -6.99
N VAL A 4 -11.17 -11.47 -5.71
CA VAL A 4 -11.68 -12.72 -5.15
C VAL A 4 -13.19 -12.66 -4.96
N PRO A 5 -13.90 -13.71 -5.40
CA PRO A 5 -15.35 -13.80 -5.28
C PRO A 5 -15.80 -13.98 -3.83
N ARG A 6 -15.91 -12.87 -3.11
CA ARG A 6 -16.33 -12.90 -1.71
C ARG A 6 -17.26 -11.73 -1.39
N GLY A 7 -17.91 -11.20 -2.42
CA GLY A 7 -18.81 -10.07 -2.23
C GLY A 7 -18.07 -8.76 -2.04
N SER A 8 -17.27 -8.68 -0.99
CA SER A 8 -16.51 -7.47 -0.70
C SER A 8 -15.20 -7.46 -1.48
N HIS A 9 -14.90 -6.32 -2.10
CA HIS A 9 -13.68 -6.16 -2.88
C HIS A 9 -12.54 -5.65 -2.00
N MET A 10 -12.36 -6.28 -0.84
CA MET A 10 -11.30 -5.89 0.08
C MET A 10 -10.11 -6.84 -0.03
N VAL A 11 -10.22 -7.83 -0.91
CA VAL A 11 -9.15 -8.80 -1.11
C VAL A 11 -9.08 -9.24 -2.56
N ARG A 12 -7.90 -9.70 -2.97
CA ARG A 12 -7.69 -10.16 -4.34
C ARG A 12 -6.61 -11.24 -4.40
N ARG A 13 -6.81 -12.21 -5.29
CA ARG A 13 -5.84 -13.30 -5.44
C ARG A 13 -4.56 -12.81 -6.12
N ALA A 14 -3.69 -12.18 -5.33
CA ALA A 14 -2.44 -11.67 -5.86
C ALA A 14 -1.28 -12.59 -5.51
N ARG A 15 -0.06 -12.12 -5.74
CA ARG A 15 1.13 -12.91 -5.45
C ARG A 15 1.61 -12.68 -4.02
N CYS A 16 2.80 -13.19 -3.71
CA CYS A 16 3.37 -13.04 -2.38
C CYS A 16 4.86 -13.35 -2.39
N TYR A 17 5.64 -12.51 -1.72
CA TYR A 17 7.09 -12.70 -1.66
C TYR A 17 7.62 -12.32 -0.28
N PRO A 18 8.72 -12.97 0.13
CA PRO A 18 9.35 -12.73 1.42
C PRO A 18 10.03 -11.35 1.49
N THR A 19 9.46 -10.46 2.30
CA THR A 19 10.01 -9.11 2.44
C THR A 19 11.44 -9.15 2.98
N SER A 20 11.57 -9.46 4.27
CA SER A 20 12.87 -9.53 4.90
C SER A 20 13.22 -10.97 5.27
N ASN A 21 14.45 -11.18 5.73
CA ASN A 21 14.91 -12.50 6.12
C ASN A 21 14.11 -13.04 7.30
N ALA A 22 13.97 -12.21 8.33
CA ALA A 22 13.22 -12.60 9.52
C ALA A 22 11.79 -12.07 9.47
N THR A 23 11.65 -10.76 9.23
CA THR A 23 10.34 -10.14 9.16
C THR A 23 10.44 -8.72 8.59
N ASN A 24 9.33 -8.25 8.01
CA ASN A 24 9.30 -6.91 7.44
C ASN A 24 9.20 -5.85 8.53
N THR A 25 9.90 -4.74 8.34
CA THR A 25 9.89 -3.64 9.31
C THR A 25 9.47 -2.33 8.65
N CYS A 26 8.65 -1.56 9.36
CA CYS A 26 8.17 -0.28 8.85
C CYS A 26 8.54 0.85 9.80
N PHE A 27 9.60 1.57 9.49
CA PHE A 27 10.05 2.68 10.32
C PHE A 27 10.19 2.25 11.78
N GLY A 28 10.99 1.21 12.01
CA GLY A 28 11.19 0.71 13.36
C GLY A 28 9.96 0.02 13.92
N SER A 29 8.97 -0.18 13.06
CA SER A 29 7.73 -0.83 13.48
C SER A 29 7.53 -2.15 12.73
N LYS A 30 8.04 -3.23 13.32
CA LYS A 30 7.92 -4.55 12.71
C LYS A 30 6.47 -4.87 12.38
N LEU A 31 6.22 -5.21 11.12
CA LEU A 31 4.86 -5.54 10.67
C LEU A 31 4.49 -6.95 11.09
N PRO A 32 3.17 -7.19 11.23
CA PRO A 32 2.64 -8.50 11.63
C PRO A 32 2.81 -9.55 10.54
N TYR A 33 3.25 -9.11 9.37
CA TYR A 33 3.46 -10.02 8.24
C TYR A 33 4.93 -10.01 7.81
N GLU A 34 5.32 -11.06 7.08
CA GLU A 34 6.69 -11.18 6.60
C GLU A 34 6.73 -11.30 5.07
N LEU A 35 5.55 -11.24 4.46
CA LEU A 35 5.45 -11.34 3.01
C LEU A 35 4.86 -10.06 2.42
N SER A 36 4.88 -9.96 1.09
CA SER A 36 4.34 -8.80 0.40
C SER A 36 3.96 -9.14 -1.03
N SER A 37 3.10 -8.32 -1.63
CA SER A 37 2.66 -8.53 -2.99
C SER A 37 2.85 -7.28 -3.83
N LEU A 38 3.80 -7.33 -4.76
CA LEU A 38 4.08 -6.19 -5.62
C LEU A 38 2.85 -5.79 -6.43
N ASP A 39 1.92 -6.74 -6.58
CA ASP A 39 0.69 -6.49 -7.32
C ASP A 39 -0.03 -5.25 -6.78
N LEU A 40 0.17 -4.98 -5.51
CA LEU A 40 -0.46 -3.83 -4.86
C LEU A 40 -0.05 -2.53 -5.54
N THR A 41 1.07 -2.58 -6.26
CA THR A 41 1.57 -1.40 -6.96
C THR A 41 1.59 -1.64 -8.48
N ASP A 42 2.73 -2.11 -8.97
CA ASP A 42 2.88 -2.38 -10.40
C ASP A 42 4.32 -2.73 -10.74
N PHE A 43 4.99 -3.43 -9.81
CA PHE A 43 6.38 -3.83 -10.01
C PHE A 43 6.48 -5.34 -10.14
N HIS A 44 7.61 -5.80 -10.69
CA HIS A 44 7.85 -7.23 -10.88
C HIS A 44 8.89 -7.73 -9.89
N THR A 45 9.70 -6.82 -9.37
CA THR A 45 10.74 -7.18 -8.41
C THR A 45 10.77 -6.22 -7.23
N GLU A 46 11.25 -6.70 -6.09
CA GLU A 46 11.32 -5.88 -4.89
C GLU A 46 12.20 -4.66 -5.11
N LYS A 47 13.31 -4.86 -5.82
CA LYS A 47 14.23 -3.76 -6.10
C LYS A 47 13.53 -2.62 -6.81
N GLU A 48 12.55 -2.96 -7.64
CA GLU A 48 11.79 -1.96 -8.38
C GLU A 48 10.98 -1.07 -7.43
N LEU A 49 10.23 -1.72 -6.54
CA LEU A 49 9.41 -1.00 -5.57
C LEU A 49 10.28 -0.20 -4.60
N ASN A 50 11.21 -0.88 -3.96
CA ASN A 50 12.11 -0.24 -3.01
C ASN A 50 12.80 0.97 -3.64
N ASP A 51 13.25 0.80 -4.88
CA ASP A 51 13.93 1.88 -5.60
C ASP A 51 12.96 2.99 -5.96
N LYS A 52 11.72 2.62 -6.27
CA LYS A 52 10.69 3.58 -6.63
C LYS A 52 10.40 4.53 -5.47
N LEU A 53 10.55 4.02 -4.25
CA LEU A 53 10.30 4.81 -3.05
C LEU A 53 11.06 6.14 -3.12
N ASN A 54 12.21 6.13 -3.77
CA ASN A 54 13.02 7.33 -3.91
C ASN A 54 12.21 8.48 -4.50
N ASP A 55 11.33 8.15 -5.44
CA ASP A 55 10.48 9.14 -6.08
C ASP A 55 9.57 9.82 -5.05
N TYR A 56 8.94 9.02 -4.21
CA TYR A 56 8.05 9.54 -3.18
C TYR A 56 8.83 10.20 -2.04
N TYR A 57 10.04 9.69 -1.80
CA TYR A 57 10.88 10.23 -0.75
C TYR A 57 11.00 11.75 -0.86
N ALA A 58 10.98 12.24 -2.09
CA ALA A 58 11.08 13.69 -2.34
C ALA A 58 10.01 14.44 -1.56
N LEU A 59 8.86 13.81 -1.37
CA LEU A 59 7.76 14.43 -0.64
C LEU A 59 8.16 14.75 0.80
N LYS A 60 9.24 14.13 1.26
CA LYS A 60 9.74 14.34 2.61
C LYS A 60 9.87 15.84 2.91
N HIS A 61 10.20 16.61 1.88
CA HIS A 61 10.36 18.06 2.04
C HIS A 61 9.13 18.66 2.71
N VAL A 62 7.97 18.04 2.49
CA VAL A 62 6.72 18.52 3.07
C VAL A 62 6.23 17.58 4.16
N PRO A 63 6.46 17.98 5.43
CA PRO A 63 6.04 17.18 6.59
C PRO A 63 4.53 17.16 6.76
N LYS A 64 3.87 18.21 6.29
CA LYS A 64 2.42 18.31 6.39
C LYS A 64 1.74 17.17 5.63
N CYS A 65 2.41 16.66 4.61
CA CYS A 65 1.88 15.57 3.80
C CYS A 65 2.69 14.30 4.00
N TRP A 66 3.97 14.46 4.33
CA TRP A 66 4.85 13.32 4.56
C TRP A 66 4.43 12.53 5.77
N ALA A 67 4.20 13.24 6.88
CA ALA A 67 3.78 12.60 8.13
C ALA A 67 2.39 11.99 7.99
N ALA A 68 1.70 12.35 6.92
CA ALA A 68 0.35 11.84 6.67
C ALA A 68 0.39 10.40 6.16
N ILE A 69 1.47 10.06 5.46
CA ILE A 69 1.64 8.72 4.91
C ILE A 69 2.59 7.89 5.76
N GLN A 70 2.81 8.34 7.00
CA GLN A 70 3.70 7.65 7.91
C GLN A 70 3.17 6.25 8.24
N PRO A 71 1.96 6.20 8.83
CA PRO A 71 1.32 4.94 9.20
C PRO A 71 0.86 4.14 7.98
N PHE A 72 0.58 4.84 6.90
CA PHE A 72 0.14 4.20 5.66
C PHE A 72 1.33 3.68 4.86
N LEU A 73 2.48 4.28 5.09
CA LEU A 73 3.70 3.88 4.38
C LEU A 73 3.87 2.37 4.40
N CYS A 74 3.33 1.73 5.43
CA CYS A 74 3.42 0.27 5.56
C CYS A 74 2.37 -0.41 4.69
N ALA A 75 1.16 0.12 4.70
CA ALA A 75 0.06 -0.44 3.91
C ALA A 75 0.13 0.04 2.46
N VAL A 76 1.24 0.69 2.11
CA VAL A 76 1.42 1.20 0.76
C VAL A 76 2.41 0.36 -0.02
N PHE A 77 3.55 0.07 0.59
CA PHE A 77 4.58 -0.74 -0.05
C PHE A 77 4.70 -2.10 0.63
N LYS A 78 4.29 -2.17 1.89
CA LYS A 78 4.35 -3.42 2.65
C LYS A 78 2.95 -3.84 3.10
N PRO A 79 2.10 -4.18 2.13
CA PRO A 79 0.72 -4.60 2.41
C PRO A 79 0.67 -5.98 3.06
N LYS A 80 -0.45 -6.28 3.72
CA LYS A 80 -0.63 -7.56 4.39
C LYS A 80 -1.02 -8.65 3.39
N CYS A 81 -0.08 -9.54 3.09
CA CYS A 81 -0.33 -10.62 2.15
C CYS A 81 -0.35 -11.97 2.88
N GLU A 82 -1.25 -12.84 2.44
CA GLU A 82 -1.38 -14.17 3.04
C GLU A 82 -2.15 -15.11 2.13
N LYS A 83 -2.14 -16.40 2.47
CA LYS A 83 -2.83 -17.40 1.67
C LYS A 83 -4.12 -17.85 2.37
N ILE A 84 -5.26 -17.39 1.87
CA ILE A 84 -6.55 -17.74 2.45
C ILE A 84 -7.08 -19.04 1.84
N ASN A 85 -7.24 -20.06 2.68
CA ASN A 85 -7.74 -21.35 2.22
C ASN A 85 -6.85 -21.92 1.14
N GLY A 86 -5.60 -21.48 1.10
CA GLY A 86 -4.66 -21.97 0.11
C GLY A 86 -4.62 -21.09 -1.12
N GLU A 87 -5.11 -19.87 -0.99
CA GLU A 87 -5.13 -18.93 -2.11
C GLU A 87 -4.36 -17.66 -1.77
N ASP A 88 -3.27 -17.42 -2.49
CA ASP A 88 -2.43 -16.25 -2.26
C ASP A 88 -3.21 -14.97 -2.54
N MET A 89 -3.57 -14.26 -1.48
CA MET A 89 -4.32 -13.01 -1.61
C MET A 89 -3.58 -11.85 -0.94
N VAL A 90 -4.15 -10.66 -1.05
CA VAL A 90 -3.54 -9.47 -0.45
C VAL A 90 -4.59 -8.60 0.23
N TYR A 91 -4.16 -7.86 1.25
CA TYR A 91 -5.07 -6.98 1.98
C TYR A 91 -4.84 -5.52 1.59
N LEU A 92 -5.94 -4.79 1.39
CA LEU A 92 -5.87 -3.39 1.01
C LEU A 92 -6.24 -2.50 2.19
N PRO A 93 -5.77 -1.25 2.16
CA PRO A 93 -6.04 -0.26 3.22
C PRO A 93 -7.50 0.18 3.22
N SER A 94 -7.88 0.94 4.25
CA SER A 94 -9.24 1.44 4.37
C SER A 94 -9.31 2.93 4.09
N TYR A 95 -10.52 3.44 3.88
CA TYR A 95 -10.73 4.85 3.59
C TYR A 95 -10.02 5.72 4.62
N GLU A 96 -9.98 5.23 5.86
CA GLU A 96 -9.34 5.97 6.95
C GLU A 96 -7.84 6.12 6.70
N MET A 97 -7.16 4.98 6.54
CA MET A 97 -5.73 4.98 6.30
C MET A 97 -5.37 5.89 5.12
N CYS A 98 -6.17 5.84 4.07
CA CYS A 98 -5.95 6.65 2.88
C CYS A 98 -6.38 8.09 3.13
N ARG A 99 -7.29 8.28 4.07
CA ARG A 99 -7.79 9.61 4.40
C ARG A 99 -6.74 10.42 5.15
N ILE A 100 -5.87 9.72 5.88
CA ILE A 100 -4.81 10.37 6.64
C ILE A 100 -4.03 11.35 5.78
N THR A 101 -3.88 11.01 4.50
CA THR A 101 -3.16 11.86 3.56
C THR A 101 -4.10 12.81 2.85
N MET A 102 -5.38 12.46 2.81
CA MET A 102 -6.38 13.30 2.15
C MET A 102 -6.54 14.63 2.87
N GLU A 103 -6.51 14.58 4.20
CA GLU A 103 -6.65 15.79 5.01
C GLU A 103 -5.66 16.86 4.56
N PRO A 104 -4.36 16.55 4.68
CA PRO A 104 -3.29 17.48 4.29
C PRO A 104 -3.22 17.66 2.78
N CYS A 105 -3.20 16.55 2.05
CA CYS A 105 -3.13 16.60 0.59
C CYS A 105 -4.53 16.59 -0.02
N ARG A 106 -5.15 17.76 -0.08
CA ARG A 106 -6.49 17.90 -0.64
C ARG A 106 -6.42 18.00 -2.16
N ILE A 107 -5.35 18.59 -2.67
CA ILE A 107 -5.17 18.74 -4.11
C ILE A 107 -5.22 17.40 -4.83
N LEU A 108 -4.99 16.33 -4.07
CA LEU A 108 -5.02 14.98 -4.63
C LEU A 108 -6.39 14.34 -4.45
N TYR A 109 -7.43 15.17 -4.47
CA TYR A 109 -8.79 14.69 -4.31
C TYR A 109 -9.04 13.46 -5.17
N ASN A 110 -8.45 13.46 -6.37
CA ASN A 110 -8.60 12.34 -7.30
C ASN A 110 -7.74 12.54 -8.53
N THR A 111 -7.60 13.80 -8.95
CA THR A 111 -6.80 14.12 -10.13
C THR A 111 -5.44 13.44 -10.08
N THR A 112 -4.76 13.41 -11.22
CA THR A 112 -3.44 12.78 -11.30
C THR A 112 -2.34 13.79 -10.99
N PHE A 113 -1.99 13.89 -9.70
CA PHE A 113 -0.96 14.81 -9.26
C PHE A 113 0.23 14.06 -8.68
N PHE A 114 -0.06 13.10 -7.80
CA PHE A 114 0.98 12.30 -7.16
C PHE A 114 0.45 10.91 -6.80
N PRO A 115 0.12 10.13 -7.84
CA PRO A 115 -0.41 8.77 -7.66
C PRO A 115 0.66 7.81 -7.15
N LYS A 116 1.81 7.79 -7.82
CA LYS A 116 2.91 6.91 -7.43
C LYS A 116 3.32 7.17 -5.99
N PHE A 117 3.31 8.44 -5.59
CA PHE A 117 3.69 8.82 -4.23
C PHE A 117 2.77 8.16 -3.20
N LEU A 118 1.48 8.11 -3.52
CA LEU A 118 0.49 7.50 -2.62
C LEU A 118 -0.32 6.44 -3.35
N ARG A 119 0.27 5.26 -3.51
CA ARG A 119 -0.40 4.15 -4.18
C ARG A 119 -1.62 3.69 -3.39
N CYS A 120 -2.75 4.33 -3.61
CA CYS A 120 -3.98 3.99 -2.91
C CYS A 120 -5.20 4.38 -3.74
N ASN A 121 -6.23 3.53 -3.72
CA ASN A 121 -7.46 3.79 -4.47
C ASN A 121 -8.40 4.68 -3.66
N GLU A 122 -8.87 5.76 -4.29
CA GLU A 122 -9.78 6.69 -3.64
C GLU A 122 -11.01 6.95 -4.50
N THR A 123 -10.80 7.02 -5.82
CA THR A 123 -11.89 7.27 -6.74
C THR A 123 -13.04 6.28 -6.51
N LEU A 124 -12.70 5.01 -6.38
CA LEU A 124 -13.71 3.97 -6.15
C LEU A 124 -14.29 4.08 -4.75
N PHE A 125 -15.09 3.08 -4.37
CA PHE A 125 -15.70 3.06 -3.05
C PHE A 125 -15.04 2.00 -2.16
N PRO A 126 -14.00 2.41 -1.43
CA PRO A 126 -13.26 1.51 -0.53
C PRO A 126 -14.09 1.11 0.70
N THR A 127 -14.69 2.11 1.34
CA THR A 127 -15.51 1.85 2.52
C THR A 127 -16.52 0.75 2.27
N LYS A 128 -17.49 1.02 1.40
CA LYS A 128 -18.52 0.04 1.07
C LYS A 128 -19.42 0.56 -0.04
N SER A 1 -13.98 -19.28 -9.02
CA SER A 1 -12.57 -19.05 -8.73
C SER A 1 -12.13 -17.66 -9.18
N GLY A 2 -10.88 -17.31 -8.90
CA GLY A 2 -10.37 -16.00 -9.29
C GLY A 2 -10.15 -15.10 -8.08
N LEU A 3 -10.95 -14.04 -7.99
CA LEU A 3 -10.84 -13.09 -6.89
C LEU A 3 -11.90 -13.35 -5.83
N VAL A 4 -11.50 -13.33 -4.57
CA VAL A 4 -12.43 -13.56 -3.47
C VAL A 4 -13.63 -12.61 -3.55
N PRO A 5 -14.83 -13.18 -3.38
CA PRO A 5 -16.08 -12.41 -3.43
C PRO A 5 -16.23 -11.47 -2.24
N ARG A 6 -16.78 -12.01 -1.16
CA ARG A 6 -17.00 -11.23 0.06
C ARG A 6 -17.89 -10.02 -0.22
N GLY A 7 -18.66 -10.10 -1.29
CA GLY A 7 -19.55 -9.01 -1.65
C GLY A 7 -18.84 -7.68 -1.71
N SER A 8 -17.54 -7.72 -2.02
CA SER A 8 -16.74 -6.50 -2.11
C SER A 8 -15.42 -6.77 -2.84
N HIS A 9 -14.54 -5.79 -2.79
CA HIS A 9 -13.23 -5.92 -3.44
C HIS A 9 -12.11 -5.43 -2.52
N MET A 10 -12.10 -5.95 -1.30
CA MET A 10 -11.08 -5.56 -0.32
C MET A 10 -9.92 -6.56 -0.32
N VAL A 11 -10.13 -7.70 -0.98
CA VAL A 11 -9.10 -8.73 -1.05
C VAL A 11 -9.14 -9.44 -2.40
N ARG A 12 -8.00 -10.03 -2.77
CA ARG A 12 -7.90 -10.74 -4.04
C ARG A 12 -6.77 -11.77 -4.01
N ARG A 13 -6.96 -12.88 -4.69
CA ARG A 13 -5.96 -13.93 -4.74
C ARG A 13 -4.75 -13.51 -5.58
N ALA A 14 -3.87 -12.72 -4.98
CA ALA A 14 -2.69 -12.24 -5.68
C ALA A 14 -1.47 -13.12 -5.35
N ARG A 15 -0.29 -12.64 -5.74
CA ARG A 15 0.94 -13.38 -5.48
C ARG A 15 1.46 -13.12 -4.07
N CYS A 16 2.57 -13.76 -3.72
CA CYS A 16 3.15 -13.60 -2.39
C CYS A 16 4.59 -14.11 -2.37
N TYR A 17 5.49 -13.32 -1.80
CA TYR A 17 6.90 -13.70 -1.72
C TYR A 17 7.50 -13.26 -0.39
N PRO A 18 8.50 -14.01 0.08
CA PRO A 18 9.19 -13.72 1.35
C PRO A 18 10.04 -12.45 1.26
N THR A 19 9.64 -11.44 2.03
CA THR A 19 10.36 -10.17 2.05
C THR A 19 11.78 -10.35 2.59
N SER A 20 11.89 -10.54 3.90
CA SER A 20 13.19 -10.73 4.53
C SER A 20 13.35 -12.16 5.05
N ASN A 21 14.49 -12.43 5.67
CA ASN A 21 14.76 -13.76 6.21
C ASN A 21 13.85 -14.07 7.38
N ALA A 22 13.69 -13.11 8.28
CA ALA A 22 12.83 -13.28 9.44
C ALA A 22 11.44 -12.69 9.20
N THR A 23 11.41 -11.41 8.84
CA THR A 23 10.15 -10.72 8.59
C THR A 23 10.39 -9.29 8.13
N ASN A 24 9.43 -8.74 7.39
CA ASN A 24 9.54 -7.37 6.89
C ASN A 24 9.29 -6.37 8.02
N THR A 25 9.93 -5.21 7.91
CA THR A 25 9.78 -4.16 8.91
C THR A 25 9.33 -2.85 8.28
N CYS A 26 8.58 -2.06 9.03
CA CYS A 26 8.08 -0.78 8.55
C CYS A 26 8.23 0.31 9.61
N PHE A 27 9.02 1.33 9.29
CA PHE A 27 9.26 2.42 10.22
C PHE A 27 9.66 1.90 11.59
N GLY A 28 10.65 1.00 11.62
CA GLY A 28 11.10 0.44 12.87
C GLY A 28 10.23 -0.70 13.36
N SER A 29 8.94 -0.44 13.47
CA SER A 29 8.00 -1.46 13.93
C SER A 29 7.86 -2.58 12.89
N LYS A 30 8.22 -3.79 13.29
CA LYS A 30 8.14 -4.95 12.40
C LYS A 30 6.69 -5.29 12.11
N LEU A 31 6.42 -5.71 10.86
CA LEU A 31 5.07 -6.09 10.45
C LEU A 31 4.72 -7.48 10.96
N PRO A 32 3.42 -7.73 11.13
CA PRO A 32 2.92 -9.03 11.60
C PRO A 32 3.09 -10.13 10.56
N TYR A 33 3.51 -9.74 9.36
CA TYR A 33 3.70 -10.70 8.28
C TYR A 33 5.16 -10.70 7.83
N GLU A 34 5.48 -11.60 6.89
CA GLU A 34 6.83 -11.72 6.37
C GLU A 34 6.83 -11.90 4.86
N LEU A 35 5.66 -11.73 4.26
CA LEU A 35 5.51 -11.88 2.82
C LEU A 35 5.11 -10.57 2.16
N SER A 36 5.10 -10.55 0.83
CA SER A 36 4.73 -9.34 0.09
C SER A 36 4.19 -9.72 -1.29
N SER A 37 3.32 -8.86 -1.82
CA SER A 37 2.72 -9.09 -3.14
C SER A 37 3.02 -7.93 -4.08
N LEU A 38 3.96 -8.15 -4.99
CA LEU A 38 4.34 -7.12 -5.96
C LEU A 38 3.16 -6.76 -6.86
N ASP A 39 2.15 -7.63 -6.88
CA ASP A 39 0.97 -7.40 -7.70
C ASP A 39 0.23 -6.15 -7.25
N LEU A 40 0.42 -5.77 -5.99
CA LEU A 40 -0.23 -4.58 -5.43
C LEU A 40 0.40 -3.31 -5.98
N THR A 41 1.50 -3.47 -6.71
CA THR A 41 2.20 -2.33 -7.30
C THR A 41 2.69 -2.64 -8.70
N ASP A 42 3.16 -1.62 -9.40
CA ASP A 42 3.66 -1.78 -10.76
C ASP A 42 5.17 -1.56 -10.81
N PHE A 43 5.92 -2.48 -10.22
CA PHE A 43 7.37 -2.38 -10.21
C PHE A 43 8.01 -3.57 -10.92
N HIS A 44 7.30 -4.70 -10.93
CA HIS A 44 7.79 -5.91 -11.58
C HIS A 44 9.01 -6.47 -10.84
N THR A 45 9.28 -5.91 -9.67
CA THR A 45 10.42 -6.34 -8.86
C THR A 45 10.56 -5.52 -7.60
N GLU A 46 11.22 -6.07 -6.59
CA GLU A 46 11.42 -5.37 -5.32
C GLU A 46 12.43 -4.23 -5.49
N LYS A 47 13.30 -4.36 -6.48
CA LYS A 47 14.31 -3.35 -6.75
C LYS A 47 13.67 -2.04 -7.16
N GLU A 48 12.63 -2.12 -7.98
CA GLU A 48 11.92 -0.94 -8.45
C GLU A 48 11.05 -0.34 -7.36
N LEU A 49 10.44 -1.21 -6.55
CA LEU A 49 9.58 -0.77 -5.46
C LEU A 49 10.36 0.06 -4.45
N ASN A 50 11.51 -0.46 -4.02
CA ASN A 50 12.36 0.23 -3.06
C ASN A 50 13.05 1.43 -3.71
N ASP A 51 13.37 1.29 -4.98
CA ASP A 51 14.04 2.36 -5.72
C ASP A 51 13.10 3.54 -5.93
N LYS A 52 11.81 3.26 -6.03
CA LYS A 52 10.81 4.30 -6.24
C LYS A 52 10.58 5.08 -4.94
N LEU A 53 10.77 4.42 -3.81
CA LEU A 53 10.59 5.07 -2.51
C LEU A 53 11.35 6.39 -2.45
N ASN A 54 12.53 6.41 -3.06
CA ASN A 54 13.36 7.63 -3.07
C ASN A 54 12.58 8.80 -3.64
N ASP A 55 11.80 8.54 -4.68
CA ASP A 55 11.00 9.58 -5.32
C ASP A 55 10.01 10.19 -4.34
N TYR A 56 9.22 9.33 -3.71
CA TYR A 56 8.22 9.78 -2.74
C TYR A 56 8.88 10.48 -1.56
N TYR A 57 10.07 10.02 -1.21
CA TYR A 57 10.82 10.59 -0.09
C TYR A 57 10.90 12.11 -0.22
N ALA A 58 10.97 12.59 -1.46
CA ALA A 58 11.05 14.02 -1.72
C ALA A 58 9.92 14.77 -1.03
N LEU A 59 8.79 14.09 -0.85
CA LEU A 59 7.63 14.70 -0.20
C LEU A 59 7.95 15.11 1.22
N LYS A 60 9.05 14.59 1.75
CA LYS A 60 9.47 14.91 3.11
C LYS A 60 9.46 16.42 3.34
N HIS A 61 9.70 17.18 2.28
CA HIS A 61 9.71 18.64 2.37
C HIS A 61 8.46 19.14 3.10
N VAL A 62 7.32 18.51 2.82
CA VAL A 62 6.07 18.90 3.45
C VAL A 62 5.75 18.02 4.66
N PRO A 63 5.80 18.62 5.86
CA PRO A 63 5.53 17.91 7.11
C PRO A 63 4.07 17.52 7.24
N LYS A 64 3.18 18.48 7.01
CA LYS A 64 1.74 18.23 7.10
C LYS A 64 1.33 17.03 6.28
N CYS A 65 1.94 16.89 5.09
CA CYS A 65 1.65 15.77 4.21
C CYS A 65 2.56 14.59 4.50
N TRP A 66 3.74 14.88 5.03
CA TRP A 66 4.71 13.84 5.35
C TRP A 66 4.11 12.81 6.31
N ALA A 67 3.64 13.28 7.46
CA ALA A 67 3.03 12.41 8.45
C ALA A 67 1.72 11.82 7.94
N ALA A 68 1.23 12.35 6.82
CA ALA A 68 -0.01 11.88 6.23
C ALA A 68 0.14 10.48 5.68
N ILE A 69 1.33 10.15 5.21
CA ILE A 69 1.61 8.84 4.65
C ILE A 69 2.47 8.01 5.60
N GLN A 70 2.58 8.46 6.84
CA GLN A 70 3.37 7.76 7.85
C GLN A 70 2.82 6.36 8.09
N PRO A 71 1.56 6.28 8.53
CA PRO A 71 0.90 5.00 8.81
C PRO A 71 0.60 4.22 7.54
N PHE A 72 0.39 4.93 6.44
CA PHE A 72 0.09 4.30 5.16
C PHE A 72 1.36 3.76 4.51
N LEU A 73 2.50 4.34 4.87
CA LEU A 73 3.78 3.91 4.33
C LEU A 73 3.92 2.39 4.40
N CYS A 74 3.23 1.78 5.36
CA CYS A 74 3.27 0.33 5.53
C CYS A 74 2.35 -0.36 4.53
N ALA A 75 1.14 0.19 4.38
CA ALA A 75 0.17 -0.38 3.45
C ALA A 75 0.41 0.11 2.03
N VAL A 76 1.54 0.76 1.82
CA VAL A 76 1.90 1.28 0.51
C VAL A 76 2.94 0.40 -0.16
N PHE A 77 4.03 0.14 0.54
CA PHE A 77 5.11 -0.69 0.01
C PHE A 77 5.16 -2.04 0.72
N LYS A 78 4.55 -2.11 1.90
CA LYS A 78 4.52 -3.33 2.69
C LYS A 78 3.09 -3.82 2.87
N PRO A 79 2.47 -4.28 1.76
CA PRO A 79 1.09 -4.80 1.78
C PRO A 79 0.98 -6.13 2.51
N LYS A 80 -0.04 -6.25 3.35
CA LYS A 80 -0.26 -7.48 4.11
C LYS A 80 -0.81 -8.58 3.22
N CYS A 81 0.06 -9.51 2.84
CA CYS A 81 -0.33 -10.63 1.98
C CYS A 81 -0.30 -11.93 2.75
N GLU A 82 -1.50 -12.45 3.06
CA GLU A 82 -1.62 -13.71 3.80
C GLU A 82 -2.43 -14.72 3.01
N LYS A 83 -2.49 -15.95 3.51
CA LYS A 83 -3.22 -17.02 2.85
C LYS A 83 -4.53 -17.31 3.59
N ILE A 84 -5.64 -16.96 2.96
CA ILE A 84 -6.96 -17.18 3.56
C ILE A 84 -7.55 -18.51 3.11
N ASN A 85 -7.68 -19.44 4.05
CA ASN A 85 -8.23 -20.76 3.74
C ASN A 85 -7.34 -21.50 2.75
N GLY A 86 -6.08 -21.09 2.67
CA GLY A 86 -5.14 -21.74 1.77
C GLY A 86 -5.05 -21.02 0.44
N GLU A 87 -5.47 -19.77 0.40
CA GLU A 87 -5.43 -18.98 -0.83
C GLU A 87 -4.62 -17.70 -0.62
N ASP A 88 -3.51 -17.59 -1.34
CA ASP A 88 -2.65 -16.42 -1.24
C ASP A 88 -3.38 -15.16 -1.70
N MET A 89 -3.75 -14.32 -0.74
CA MET A 89 -4.46 -13.08 -1.04
C MET A 89 -3.68 -11.87 -0.53
N VAL A 90 -4.11 -10.68 -0.95
CA VAL A 90 -3.45 -9.44 -0.53
C VAL A 90 -4.44 -8.49 0.12
N TYR A 91 -3.94 -7.68 1.05
CA TYR A 91 -4.78 -6.72 1.75
C TYR A 91 -4.52 -5.30 1.26
N LEU A 92 -5.58 -4.59 0.90
CA LEU A 92 -5.46 -3.21 0.42
C LEU A 92 -5.95 -2.23 1.47
N PRO A 93 -5.50 -0.97 1.36
CA PRO A 93 -5.88 0.09 2.29
C PRO A 93 -7.33 0.51 2.12
N SER A 94 -7.93 1.03 3.18
CA SER A 94 -9.33 1.46 3.15
C SER A 94 -9.41 2.98 3.00
N TYR A 95 -10.64 3.48 2.88
CA TYR A 95 -10.87 4.91 2.71
C TYR A 95 -10.17 5.70 3.82
N GLU A 96 -10.09 5.10 5.01
CA GLU A 96 -9.46 5.75 6.15
C GLU A 96 -7.98 6.02 5.86
N MET A 97 -7.24 4.97 5.54
CA MET A 97 -5.82 5.09 5.23
C MET A 97 -5.59 6.11 4.13
N CYS A 98 -6.43 6.06 3.10
CA CYS A 98 -6.32 6.98 1.98
C CYS A 98 -6.74 8.40 2.38
N ARG A 99 -7.59 8.49 3.40
CA ARG A 99 -8.06 9.77 3.89
C ARG A 99 -6.97 10.52 4.64
N ILE A 100 -6.12 9.76 5.33
CA ILE A 100 -5.03 10.34 6.10
C ILE A 100 -4.21 11.31 5.24
N THR A 101 -4.21 11.08 3.93
CA THR A 101 -3.48 11.93 3.01
C THR A 101 -4.36 13.05 2.48
N MET A 102 -5.61 12.72 2.18
CA MET A 102 -6.55 13.70 1.66
C MET A 102 -6.81 14.81 2.68
N GLU A 103 -6.76 14.45 3.97
CA GLU A 103 -6.99 15.41 5.04
C GLU A 103 -6.05 16.61 4.90
N PRO A 104 -4.74 16.36 5.01
CA PRO A 104 -3.72 17.41 4.90
C PRO A 104 -3.58 17.94 3.48
N CYS A 105 -3.46 17.03 2.52
CA CYS A 105 -3.32 17.40 1.12
C CYS A 105 -4.69 17.48 0.44
N ARG A 106 -5.45 18.53 0.76
CA ARG A 106 -6.77 18.71 0.19
C ARG A 106 -6.72 18.64 -1.34
N ILE A 107 -5.59 19.02 -1.91
CA ILE A 107 -5.41 18.99 -3.36
C ILE A 107 -5.66 17.59 -3.91
N LEU A 108 -5.56 16.59 -3.05
CA LEU A 108 -5.78 15.21 -3.45
C LEU A 108 -7.21 14.78 -3.17
N TYR A 109 -8.14 15.74 -3.25
CA TYR A 109 -9.55 15.45 -3.00
C TYR A 109 -9.98 14.19 -3.73
N ASN A 110 -9.39 13.94 -4.89
CA ASN A 110 -9.72 12.76 -5.69
C ASN A 110 -8.86 12.70 -6.95
N THR A 111 -8.55 13.87 -7.50
CA THR A 111 -7.74 13.95 -8.71
C THR A 111 -6.36 13.34 -8.50
N THR A 112 -5.63 13.13 -9.59
CA THR A 112 -4.30 12.55 -9.51
C THR A 112 -3.25 13.53 -10.02
N PHE A 113 -3.04 14.61 -9.28
CA PHE A 113 -2.05 15.61 -9.66
C PHE A 113 -0.64 15.18 -9.27
N PHE A 114 -0.54 14.46 -8.15
CA PHE A 114 0.75 13.98 -7.67
C PHE A 114 1.19 12.72 -8.43
N PRO A 115 2.49 12.42 -8.37
CA PRO A 115 3.06 11.25 -9.04
C PRO A 115 2.62 9.94 -8.39
N LYS A 116 3.34 8.87 -8.70
CA LYS A 116 3.03 7.55 -8.15
C LYS A 116 3.16 7.55 -6.63
N PHE A 117 3.76 8.61 -6.09
CA PHE A 117 3.93 8.74 -4.64
C PHE A 117 2.67 8.32 -3.90
N LEU A 118 1.52 8.61 -4.49
CA LEU A 118 0.24 8.27 -3.89
C LEU A 118 -0.08 6.79 -4.09
N ARG A 119 -0.44 6.44 -5.33
CA ARG A 119 -0.76 5.06 -5.66
C ARG A 119 -1.94 4.56 -4.83
N CYS A 120 -2.72 5.50 -4.30
CA CYS A 120 -3.88 5.16 -3.48
C CYS A 120 -5.18 5.42 -4.24
N ASN A 121 -6.20 4.63 -3.93
CA ASN A 121 -7.50 4.77 -4.59
C ASN A 121 -8.47 5.54 -3.71
N GLU A 122 -8.89 6.72 -4.18
CA GLU A 122 -9.82 7.55 -3.43
C GLU A 122 -11.17 7.61 -4.13
N THR A 123 -11.16 8.03 -5.39
CA THR A 123 -12.39 8.14 -6.17
C THR A 123 -12.63 6.87 -6.99
N LEU A 124 -12.04 5.76 -6.55
CA LEU A 124 -12.20 4.49 -7.24
C LEU A 124 -13.14 3.56 -6.48
N PHE A 125 -12.65 2.99 -5.39
CA PHE A 125 -13.45 2.09 -4.57
C PHE A 125 -12.72 1.74 -3.27
N PRO A 126 -12.54 2.75 -2.41
CA PRO A 126 -11.86 2.57 -1.12
C PRO A 126 -12.69 1.75 -0.14
N THR A 127 -13.95 2.12 0.01
CA THR A 127 -14.85 1.42 0.92
C THR A 127 -15.22 0.04 0.39
N LYS A 128 -16.07 0.01 -0.63
CA LYS A 128 -16.49 -1.24 -1.24
C LYS A 128 -17.45 -0.99 -2.41
N SER A 1 -4.51 -13.45 -9.92
CA SER A 1 -5.24 -13.67 -11.15
C SER A 1 -6.72 -13.94 -10.87
N GLY A 2 -7.29 -13.16 -9.96
CA GLY A 2 -8.69 -13.32 -9.62
C GLY A 2 -9.07 -12.56 -8.36
N LEU A 3 -10.37 -12.48 -8.08
CA LEU A 3 -10.86 -11.78 -6.91
C LEU A 3 -11.51 -12.75 -5.93
N VAL A 4 -11.88 -12.23 -4.76
CA VAL A 4 -12.51 -13.06 -3.74
C VAL A 4 -13.94 -12.58 -3.44
N PRO A 5 -14.88 -13.54 -3.38
CA PRO A 5 -16.29 -13.24 -3.12
C PRO A 5 -16.52 -12.79 -1.68
N ARG A 6 -16.22 -11.52 -1.41
CA ARG A 6 -16.40 -10.97 -0.06
C ARG A 6 -16.99 -9.57 -0.13
N GLY A 7 -17.74 -9.29 -1.20
CA GLY A 7 -18.35 -8.00 -1.36
C GLY A 7 -17.34 -6.90 -1.63
N SER A 8 -17.60 -6.09 -2.64
CA SER A 8 -16.69 -5.00 -3.01
C SER A 8 -15.30 -5.54 -3.31
N HIS A 9 -14.35 -4.63 -3.49
CA HIS A 9 -12.97 -5.01 -3.78
C HIS A 9 -12.05 -4.63 -2.62
N MET A 10 -11.93 -5.54 -1.65
CA MET A 10 -11.09 -5.30 -0.49
C MET A 10 -9.94 -6.32 -0.45
N VAL A 11 -10.15 -7.48 -1.06
CA VAL A 11 -9.14 -8.52 -1.10
C VAL A 11 -9.15 -9.26 -2.43
N ARG A 12 -8.02 -9.87 -2.78
CA ARG A 12 -7.90 -10.61 -4.02
C ARG A 12 -6.79 -11.64 -3.94
N ARG A 13 -7.00 -12.79 -4.57
CA ARG A 13 -6.01 -13.87 -4.56
C ARG A 13 -4.83 -13.52 -5.45
N ALA A 14 -3.93 -12.67 -4.94
CA ALA A 14 -2.75 -12.25 -5.69
C ALA A 14 -1.54 -13.08 -5.29
N ARG A 15 -0.37 -12.66 -5.76
CA ARG A 15 0.88 -13.36 -5.45
C ARG A 15 1.34 -13.04 -4.03
N CYS A 16 2.45 -13.64 -3.63
CA CYS A 16 3.01 -13.43 -2.30
C CYS A 16 4.45 -13.94 -2.22
N TYR A 17 5.38 -13.03 -1.97
CA TYR A 17 6.79 -13.37 -1.87
C TYR A 17 7.35 -12.99 -0.51
N PRO A 18 8.34 -13.77 -0.03
CA PRO A 18 8.99 -13.52 1.26
C PRO A 18 9.84 -12.26 1.26
N THR A 19 9.36 -11.22 1.92
CA THR A 19 10.08 -9.95 1.99
C THR A 19 11.50 -10.16 2.49
N SER A 20 11.64 -10.45 3.77
CA SER A 20 12.94 -10.67 4.38
C SER A 20 13.12 -12.14 4.77
N ASN A 21 14.33 -12.48 5.21
CA ASN A 21 14.63 -13.84 5.63
C ASN A 21 13.85 -14.22 6.89
N ALA A 22 13.81 -13.30 7.84
CA ALA A 22 13.11 -13.53 9.09
C ALA A 22 11.72 -12.90 9.07
N THR A 23 11.68 -11.59 8.79
CA THR A 23 10.42 -10.86 8.73
C THR A 23 10.63 -9.45 8.20
N ASN A 24 9.55 -8.85 7.69
CA ASN A 24 9.62 -7.50 7.15
C ASN A 24 9.35 -6.47 8.23
N THR A 25 9.96 -5.29 8.08
CA THR A 25 9.79 -4.21 9.05
C THR A 25 9.45 -2.90 8.36
N CYS A 26 8.65 -2.07 9.02
CA CYS A 26 8.24 -0.79 8.48
C CYS A 26 8.30 0.30 9.54
N PHE A 27 9.16 1.29 9.32
CA PHE A 27 9.29 2.40 10.27
C PHE A 27 9.68 1.88 11.65
N GLY A 28 10.71 1.04 11.70
CA GLY A 28 11.16 0.49 12.97
C GLY A 28 10.29 -0.66 13.44
N SER A 29 8.99 -0.40 13.58
CA SER A 29 8.05 -1.42 14.02
C SER A 29 7.89 -2.51 12.98
N LYS A 30 8.13 -3.75 13.40
CA LYS A 30 8.02 -4.89 12.50
C LYS A 30 6.56 -5.16 12.14
N LEU A 31 6.34 -5.66 10.92
CA LEU A 31 4.99 -5.96 10.45
C LEU A 31 4.62 -7.41 10.76
N PRO A 32 3.31 -7.67 10.89
CA PRO A 32 2.79 -9.01 11.17
C PRO A 32 2.96 -9.96 9.99
N TYR A 33 3.14 -9.38 8.81
CA TYR A 33 3.30 -10.18 7.60
C TYR A 33 4.73 -10.07 7.06
N GLU A 34 5.33 -11.21 6.75
CA GLU A 34 6.70 -11.24 6.24
C GLU A 34 6.70 -11.44 4.73
N LEU A 35 5.51 -11.36 4.13
CA LEU A 35 5.38 -11.54 2.68
C LEU A 35 4.88 -10.24 2.03
N SER A 36 4.87 -10.22 0.70
CA SER A 36 4.42 -9.06 -0.05
C SER A 36 3.92 -9.46 -1.43
N SER A 37 3.05 -8.64 -2.00
CA SER A 37 2.49 -8.91 -3.32
C SER A 37 2.89 -7.82 -4.31
N LEU A 38 3.85 -8.14 -5.17
CA LEU A 38 4.33 -7.19 -6.16
C LEU A 38 3.22 -6.82 -7.15
N ASP A 39 2.28 -7.74 -7.33
CA ASP A 39 1.17 -7.53 -8.25
C ASP A 39 0.27 -6.41 -7.75
N LEU A 40 0.39 -6.08 -6.46
CA LEU A 40 -0.42 -5.03 -5.86
C LEU A 40 0.08 -3.66 -6.30
N THR A 41 1.21 -3.63 -7.01
CA THR A 41 1.78 -2.39 -7.50
C THR A 41 2.13 -2.48 -8.98
N ASP A 42 2.67 -1.40 -9.52
CA ASP A 42 3.06 -1.36 -10.92
C ASP A 42 4.57 -1.29 -11.08
N PHE A 43 5.25 -2.37 -10.68
CA PHE A 43 6.70 -2.44 -10.76
C PHE A 43 7.14 -3.66 -11.57
N HIS A 44 8.45 -3.90 -11.60
CA HIS A 44 9.00 -5.03 -12.33
C HIS A 44 9.86 -5.90 -11.41
N THR A 45 10.00 -5.48 -10.15
CA THR A 45 10.80 -6.21 -9.19
C THR A 45 10.83 -5.50 -7.85
N GLU A 46 11.12 -6.24 -6.78
CA GLU A 46 11.18 -5.67 -5.45
C GLU A 46 12.06 -4.42 -5.42
N LYS A 47 13.25 -4.54 -6.01
CA LYS A 47 14.19 -3.42 -6.06
C LYS A 47 13.52 -2.17 -6.64
N GLU A 48 12.59 -2.38 -7.56
CA GLU A 48 11.88 -1.27 -8.19
C GLU A 48 10.95 -0.58 -7.19
N LEU A 49 10.29 -1.39 -6.37
CA LEU A 49 9.36 -0.87 -5.37
C LEU A 49 10.11 -0.06 -4.31
N ASN A 50 11.20 -0.61 -3.82
CA ASN A 50 12.01 0.06 -2.81
C ASN A 50 12.74 1.27 -3.39
N ASP A 51 13.10 1.16 -4.67
CA ASP A 51 13.79 2.24 -5.35
C ASP A 51 12.84 3.38 -5.68
N LYS A 52 11.59 3.05 -5.95
CA LYS A 52 10.58 4.04 -6.28
C LYS A 52 10.32 4.96 -5.10
N LEU A 53 10.49 4.43 -3.88
CA LEU A 53 10.27 5.21 -2.67
C LEU A 53 11.00 6.54 -2.74
N ASN A 54 12.16 6.55 -3.41
CA ASN A 54 12.95 7.76 -3.55
C ASN A 54 12.11 8.90 -4.14
N ASP A 55 11.24 8.56 -5.07
CA ASP A 55 10.38 9.54 -5.72
C ASP A 55 9.45 10.19 -4.70
N TYR A 56 8.73 9.37 -3.95
CA TYR A 56 7.79 9.86 -2.94
C TYR A 56 8.54 10.60 -1.84
N TYR A 57 9.77 10.20 -1.58
CA TYR A 57 10.58 10.82 -0.54
C TYR A 57 10.57 12.34 -0.70
N ALA A 58 10.52 12.81 -1.94
CA ALA A 58 10.50 14.23 -2.23
C ALA A 58 9.39 14.93 -1.46
N LEU A 59 8.31 14.21 -1.19
CA LEU A 59 7.17 14.77 -0.47
C LEU A 59 7.59 15.21 0.94
N LYS A 60 8.74 14.71 1.38
CA LYS A 60 9.25 15.06 2.70
C LYS A 60 9.22 16.57 2.92
N HIS A 61 9.39 17.32 1.84
CA HIS A 61 9.38 18.78 1.92
C HIS A 61 8.16 19.27 2.68
N VAL A 62 7.05 18.54 2.56
CA VAL A 62 5.81 18.90 3.23
C VAL A 62 5.58 18.02 4.46
N PRO A 63 5.70 18.63 5.65
CA PRO A 63 5.50 17.93 6.92
C PRO A 63 4.04 17.56 7.15
N LYS A 64 3.15 18.51 6.91
CA LYS A 64 1.72 18.28 7.10
C LYS A 64 1.27 17.04 6.33
N CYS A 65 1.80 16.86 5.14
CA CYS A 65 1.46 15.72 4.31
C CYS A 65 2.38 14.53 4.59
N TRP A 66 3.61 14.83 4.97
CA TRP A 66 4.59 13.79 5.28
C TRP A 66 4.05 12.84 6.35
N ALA A 67 3.64 13.40 7.47
CA ALA A 67 3.11 12.61 8.57
C ALA A 67 1.79 11.94 8.19
N ALA A 68 1.24 12.37 7.05
CA ALA A 68 -0.03 11.82 6.56
C ALA A 68 0.18 10.42 5.98
N ILE A 69 1.33 10.22 5.34
CA ILE A 69 1.64 8.93 4.73
C ILE A 69 2.51 8.09 5.66
N GLN A 70 2.62 8.51 6.91
CA GLN A 70 3.42 7.79 7.89
C GLN A 70 2.90 6.37 8.07
N PRO A 71 1.63 6.24 8.49
CA PRO A 71 1.00 4.94 8.71
C PRO A 71 0.73 4.19 7.41
N PHE A 72 0.47 4.95 6.35
CA PHE A 72 0.21 4.36 5.03
C PHE A 72 1.50 3.93 4.36
N LEU A 73 2.63 4.46 4.85
CA LEU A 73 3.93 4.13 4.29
C LEU A 73 4.13 2.62 4.22
N CYS A 74 3.39 1.89 5.06
CA CYS A 74 3.49 0.44 5.09
C CYS A 74 2.41 -0.20 4.23
N ALA A 75 1.20 0.36 4.30
CA ALA A 75 0.08 -0.16 3.53
C ALA A 75 0.11 0.37 2.09
N VAL A 76 1.18 1.08 1.76
CA VAL A 76 1.34 1.65 0.42
C VAL A 76 2.42 0.92 -0.36
N PHE A 77 3.46 0.49 0.33
CA PHE A 77 4.56 -0.22 -0.29
C PHE A 77 4.59 -1.69 0.15
N LYS A 78 4.43 -1.90 1.45
CA LYS A 78 4.44 -3.24 2.01
C LYS A 78 3.05 -3.63 2.54
N PRO A 79 2.15 -3.99 1.61
CA PRO A 79 0.77 -4.38 1.96
C PRO A 79 0.72 -5.72 2.68
N LYS A 80 -0.33 -5.92 3.47
CA LYS A 80 -0.50 -7.16 4.20
C LYS A 80 -0.94 -8.29 3.29
N CYS A 81 -0.05 -9.26 3.06
CA CYS A 81 -0.35 -10.39 2.20
C CYS A 81 -0.36 -11.69 2.99
N GLU A 82 -1.53 -12.29 3.13
CA GLU A 82 -1.67 -13.54 3.87
C GLU A 82 -2.49 -14.56 3.07
N LYS A 83 -2.58 -15.77 3.59
CA LYS A 83 -3.33 -16.84 2.93
C LYS A 83 -4.66 -17.09 3.64
N ILE A 84 -5.75 -16.69 3.00
CA ILE A 84 -7.08 -16.86 3.58
C ILE A 84 -7.70 -18.18 3.12
N ASN A 85 -7.90 -19.09 4.08
CA ASN A 85 -8.48 -20.40 3.77
C ASN A 85 -7.58 -21.19 2.84
N GLY A 86 -6.29 -20.86 2.84
CA GLY A 86 -5.35 -21.55 1.99
C GLY A 86 -5.19 -20.89 0.63
N GLU A 87 -5.64 -19.64 0.52
CA GLU A 87 -5.55 -18.90 -0.72
C GLU A 87 -4.73 -17.62 -0.54
N ASP A 88 -3.62 -17.53 -1.27
CA ASP A 88 -2.75 -16.37 -1.19
C ASP A 88 -3.48 -15.10 -1.65
N MET A 89 -3.89 -14.28 -0.69
CA MET A 89 -4.60 -13.05 -1.00
C MET A 89 -3.78 -11.83 -0.57
N VAL A 90 -4.27 -10.65 -0.94
CA VAL A 90 -3.58 -9.40 -0.59
C VAL A 90 -4.55 -8.38 -0.03
N TYR A 91 -4.08 -7.61 0.96
CA TYR A 91 -4.90 -6.59 1.59
C TYR A 91 -4.56 -5.20 1.07
N LEU A 92 -5.59 -4.44 0.72
CA LEU A 92 -5.39 -3.09 0.20
C LEU A 92 -5.85 -2.04 1.22
N PRO A 93 -5.35 -0.80 1.05
CA PRO A 93 -5.69 0.31 1.95
C PRO A 93 -7.14 0.76 1.79
N SER A 94 -7.82 0.99 2.91
CA SER A 94 -9.21 1.42 2.89
C SER A 94 -9.31 2.94 2.80
N TYR A 95 -10.53 3.45 2.64
CA TYR A 95 -10.76 4.88 2.53
C TYR A 95 -10.10 5.62 3.68
N GLU A 96 -10.04 4.97 4.84
CA GLU A 96 -9.43 5.56 6.03
C GLU A 96 -7.95 5.83 5.80
N MET A 97 -7.20 4.79 5.47
CA MET A 97 -5.77 4.92 5.23
C MET A 97 -5.49 6.00 4.18
N CYS A 98 -6.29 6.02 3.12
CA CYS A 98 -6.13 6.98 2.05
C CYS A 98 -6.61 8.37 2.50
N ARG A 99 -7.52 8.38 3.47
CA ARG A 99 -8.05 9.64 3.99
C ARG A 99 -7.02 10.36 4.85
N ILE A 100 -6.14 9.59 5.48
CA ILE A 100 -5.11 10.16 6.33
C ILE A 100 -4.33 11.25 5.60
N THR A 101 -4.24 11.12 4.28
CA THR A 101 -3.53 12.09 3.47
C THR A 101 -4.46 13.20 2.98
N MET A 102 -5.75 12.88 2.94
CA MET A 102 -6.75 13.85 2.49
C MET A 102 -6.93 14.96 3.52
N GLU A 103 -6.80 14.60 4.80
CA GLU A 103 -6.95 15.58 5.87
C GLU A 103 -6.04 16.77 5.66
N PRO A 104 -4.72 16.53 5.63
CA PRO A 104 -3.72 17.57 5.43
C PRO A 104 -3.75 18.14 4.02
N CYS A 105 -3.73 17.25 3.03
CA CYS A 105 -3.76 17.65 1.63
C CYS A 105 -5.15 17.50 1.04
N ARG A 106 -5.94 18.57 1.09
CA ARG A 106 -7.29 18.55 0.56
C ARG A 106 -7.29 18.40 -0.96
N ILE A 107 -6.23 18.90 -1.59
CA ILE A 107 -6.10 18.83 -3.04
C ILE A 107 -5.82 17.40 -3.49
N LEU A 108 -5.55 16.52 -2.52
CA LEU A 108 -5.28 15.12 -2.82
C LEU A 108 -6.54 14.28 -2.75
N TYR A 109 -7.68 14.91 -3.06
CA TYR A 109 -8.96 14.22 -3.02
C TYR A 109 -8.87 12.85 -3.69
N ASN A 110 -8.03 12.76 -4.72
CA ASN A 110 -7.85 11.51 -5.45
C ASN A 110 -6.44 11.42 -6.02
N THR A 111 -6.03 12.44 -6.75
CA THR A 111 -4.71 12.49 -7.36
C THR A 111 -4.35 13.89 -7.81
N THR A 112 -3.05 14.21 -7.78
CA THR A 112 -2.57 15.53 -8.18
C THR A 112 -1.08 15.67 -7.96
N PHE A 113 -0.58 14.97 -6.94
CA PHE A 113 0.85 15.02 -6.61
C PHE A 113 1.64 14.05 -7.49
N PHE A 114 1.19 12.80 -7.52
CA PHE A 114 1.85 11.77 -8.33
C PHE A 114 1.11 10.44 -8.22
N PRO A 115 1.05 9.70 -9.33
CA PRO A 115 0.38 8.39 -9.39
C PRO A 115 1.13 7.32 -8.60
N LYS A 116 2.41 7.17 -8.90
CA LYS A 116 3.24 6.18 -8.22
C LYS A 116 3.29 6.45 -6.72
N PHE A 117 3.71 7.66 -6.36
CA PHE A 117 3.81 8.04 -4.96
C PHE A 117 2.48 7.83 -4.25
N LEU A 118 1.39 7.86 -5.02
CA LEU A 118 0.06 7.67 -4.46
C LEU A 118 -0.25 6.19 -4.24
N ARG A 119 -0.30 5.44 -5.33
CA ARG A 119 -0.58 4.01 -5.25
C ARG A 119 -1.85 3.74 -4.45
N CYS A 120 -2.76 4.71 -4.45
CA CYS A 120 -4.01 4.58 -3.72
C CYS A 120 -5.20 4.65 -4.67
N ASN A 121 -6.32 4.09 -4.25
CA ASN A 121 -7.54 4.09 -5.06
C ASN A 121 -8.62 4.96 -4.42
N GLU A 122 -9.13 5.92 -5.17
CA GLU A 122 -10.16 6.82 -4.68
C GLU A 122 -11.38 6.81 -5.60
N THR A 123 -11.13 6.98 -6.89
CA THR A 123 -12.20 7.00 -7.88
C THR A 123 -13.10 5.78 -7.73
N LEU A 124 -12.53 4.67 -7.28
CA LEU A 124 -13.28 3.43 -7.09
C LEU A 124 -14.38 3.62 -6.05
N PHE A 125 -14.94 2.51 -5.58
CA PHE A 125 -16.00 2.56 -4.59
C PHE A 125 -15.54 1.97 -3.26
N PRO A 126 -14.68 2.70 -2.55
CA PRO A 126 -14.15 2.28 -1.25
C PRO A 126 -15.20 2.26 -0.16
N THR A 127 -14.76 2.13 1.08
CA THR A 127 -15.67 2.11 2.22
C THR A 127 -16.58 0.88 2.16
N LYS A 128 -16.45 0.01 3.16
CA LYS A 128 -17.27 -1.20 3.22
C LYS A 128 -18.75 -0.84 3.34
N SER A 1 -5.72 -11.16 -10.23
CA SER A 1 -6.20 -12.12 -11.21
C SER A 1 -7.60 -12.61 -10.85
N GLY A 2 -7.84 -12.82 -9.56
CA GLY A 2 -9.14 -13.28 -9.11
C GLY A 2 -9.61 -12.55 -7.86
N LEU A 3 -10.63 -11.73 -8.02
CA LEU A 3 -11.19 -10.97 -6.90
C LEU A 3 -11.90 -11.88 -5.92
N VAL A 4 -12.33 -11.31 -4.80
CA VAL A 4 -13.04 -12.09 -3.78
C VAL A 4 -14.12 -11.24 -3.11
N PRO A 5 -15.32 -11.82 -2.95
CA PRO A 5 -16.46 -11.15 -2.33
C PRO A 5 -16.26 -10.94 -0.83
N ARG A 6 -16.19 -9.69 -0.41
CA ARG A 6 -15.99 -9.35 0.99
C ARG A 6 -16.38 -7.89 1.27
N GLY A 7 -16.23 -7.48 2.52
CA GLY A 7 -16.57 -6.12 2.89
C GLY A 7 -15.68 -5.09 2.20
N SER A 8 -15.55 -3.91 2.82
CA SER A 8 -14.74 -2.85 2.26
C SER A 8 -13.33 -3.36 1.92
N HIS A 9 -12.72 -4.04 2.88
CA HIS A 9 -11.37 -4.58 2.69
C HIS A 9 -11.42 -5.84 1.82
N MET A 10 -11.79 -5.66 0.55
CA MET A 10 -11.87 -6.78 -0.39
C MET A 10 -10.55 -7.53 -0.44
N VAL A 11 -10.52 -8.62 -1.21
CA VAL A 11 -9.32 -9.42 -1.35
C VAL A 11 -9.21 -10.02 -2.75
N ARG A 12 -8.00 -10.32 -3.18
CA ARG A 12 -7.76 -10.89 -4.49
C ARG A 12 -6.63 -11.92 -4.46
N ARG A 13 -6.74 -12.95 -5.29
CA ARG A 13 -5.73 -13.99 -5.34
C ARG A 13 -4.47 -13.51 -6.05
N ALA A 14 -3.67 -12.70 -5.36
CA ALA A 14 -2.45 -12.16 -5.93
C ALA A 14 -1.24 -12.97 -5.46
N ARG A 15 -0.09 -12.72 -6.10
CA ARG A 15 1.14 -13.44 -5.76
C ARG A 15 1.54 -13.14 -4.32
N CYS A 16 2.62 -13.78 -3.86
CA CYS A 16 3.11 -13.59 -2.51
C CYS A 16 4.54 -14.13 -2.37
N TYR A 17 5.44 -13.28 -1.92
CA TYR A 17 6.84 -13.67 -1.75
C TYR A 17 7.36 -13.21 -0.39
N PRO A 18 8.34 -13.96 0.16
CA PRO A 18 8.95 -13.66 1.45
C PRO A 18 9.80 -12.39 1.40
N THR A 19 9.41 -11.39 2.19
CA THR A 19 10.14 -10.13 2.24
C THR A 19 11.48 -10.29 2.96
N SER A 20 11.42 -10.49 4.26
CA SER A 20 12.64 -10.66 5.06
C SER A 20 12.76 -12.09 5.57
N ASN A 21 13.92 -12.42 6.11
CA ASN A 21 14.16 -13.77 6.63
C ASN A 21 13.07 -14.17 7.61
N ALA A 22 12.83 -13.33 8.61
CA ALA A 22 11.81 -13.58 9.61
C ALA A 22 10.51 -12.84 9.29
N THR A 23 10.62 -11.53 9.12
CA THR A 23 9.46 -10.70 8.80
C THR A 23 9.89 -9.31 8.34
N ASN A 24 9.09 -8.72 7.46
CA ASN A 24 9.38 -7.38 6.94
C ASN A 24 9.20 -6.33 8.03
N THR A 25 9.86 -5.18 7.84
CA THR A 25 9.78 -4.09 8.81
C THR A 25 9.27 -2.82 8.15
N CYS A 26 8.61 -1.98 8.93
CA CYS A 26 8.07 -0.72 8.43
C CYS A 26 8.21 0.39 9.47
N PHE A 27 9.03 1.38 9.15
CA PHE A 27 9.25 2.51 10.05
C PHE A 27 9.68 2.02 11.44
N GLY A 28 10.56 1.02 11.45
CA GLY A 28 11.03 0.47 12.71
C GLY A 28 10.15 -0.64 13.24
N SER A 29 8.84 -0.40 13.23
CA SER A 29 7.88 -1.40 13.71
C SER A 29 7.72 -2.53 12.70
N LYS A 30 8.04 -3.75 13.13
CA LYS A 30 7.93 -4.91 12.27
C LYS A 30 6.47 -5.21 11.94
N LEU A 31 6.22 -5.62 10.70
CA LEU A 31 4.86 -5.94 10.27
C LEU A 31 4.43 -7.32 10.76
N PRO A 32 3.11 -7.51 10.91
CA PRO A 32 2.54 -8.79 11.37
C PRO A 32 2.70 -9.90 10.34
N TYR A 33 3.16 -9.53 9.15
CA TYR A 33 3.35 -10.50 8.08
C TYR A 33 4.81 -10.56 7.65
N GLU A 34 5.13 -11.53 6.80
CA GLU A 34 6.49 -11.70 6.31
C GLU A 34 6.50 -11.93 4.79
N LEU A 35 5.37 -11.66 4.15
CA LEU A 35 5.25 -11.84 2.71
C LEU A 35 4.80 -10.54 2.04
N SER A 36 4.85 -10.52 0.71
CA SER A 36 4.45 -9.34 -0.06
C SER A 36 4.11 -9.72 -1.49
N SER A 37 3.19 -8.96 -2.09
CA SER A 37 2.78 -9.23 -3.47
C SER A 37 3.15 -8.05 -4.37
N LEU A 38 4.13 -8.27 -5.24
CA LEU A 38 4.57 -7.23 -6.16
C LEU A 38 3.43 -6.77 -7.06
N ASP A 39 2.45 -7.63 -7.26
CA ASP A 39 1.29 -7.32 -8.09
C ASP A 39 0.55 -6.10 -7.54
N LEU A 40 0.60 -5.93 -6.23
CA LEU A 40 -0.07 -4.81 -5.57
C LEU A 40 0.37 -3.48 -6.19
N THR A 41 1.58 -3.47 -6.75
CA THR A 41 2.12 -2.26 -7.37
C THR A 41 2.32 -2.46 -8.87
N ASP A 42 2.82 -1.43 -9.53
CA ASP A 42 3.07 -1.49 -10.97
C ASP A 42 4.56 -1.49 -11.27
N PHE A 43 5.27 -2.48 -10.75
CA PHE A 43 6.71 -2.59 -10.96
C PHE A 43 7.06 -3.89 -11.67
N HIS A 44 8.35 -4.18 -11.77
CA HIS A 44 8.83 -5.40 -12.42
C HIS A 44 9.79 -6.16 -11.52
N THR A 45 9.89 -5.72 -10.27
CA THR A 45 10.79 -6.36 -9.31
C THR A 45 10.74 -5.64 -7.96
N GLU A 46 11.14 -6.35 -6.91
CA GLU A 46 11.15 -5.79 -5.57
C GLU A 46 12.01 -4.53 -5.51
N LYS A 47 13.18 -4.60 -6.14
CA LYS A 47 14.10 -3.46 -6.16
C LYS A 47 13.41 -2.21 -6.68
N GLU A 48 12.47 -2.39 -7.61
CA GLU A 48 11.74 -1.27 -8.18
C GLU A 48 10.80 -0.65 -7.14
N LEU A 49 10.20 -1.50 -6.31
CA LEU A 49 9.29 -1.03 -5.27
C LEU A 49 10.04 -0.27 -4.18
N ASN A 50 11.16 -0.83 -3.74
CA ASN A 50 11.98 -0.21 -2.70
C ASN A 50 12.66 1.05 -3.23
N ASP A 51 13.17 0.97 -4.46
CA ASP A 51 13.84 2.11 -5.07
C ASP A 51 12.85 3.22 -5.40
N LYS A 52 11.64 2.83 -5.77
CA LYS A 52 10.60 3.80 -6.12
C LYS A 52 10.35 4.75 -4.95
N LEU A 53 10.51 4.25 -3.73
CA LEU A 53 10.30 5.05 -2.54
C LEU A 53 11.04 6.38 -2.64
N ASN A 54 12.19 6.36 -3.30
CA ASN A 54 12.99 7.57 -3.47
C ASN A 54 12.15 8.71 -4.04
N ASP A 55 11.27 8.37 -4.98
CA ASP A 55 10.40 9.35 -5.61
C ASP A 55 9.48 10.01 -4.57
N TYR A 56 8.92 9.20 -3.70
CA TYR A 56 8.01 9.69 -2.66
C TYR A 56 8.79 10.40 -1.56
N TYR A 57 10.02 9.96 -1.32
CA TYR A 57 10.86 10.55 -0.30
C TYR A 57 10.91 12.06 -0.44
N ALA A 58 10.88 12.54 -1.68
CA ALA A 58 10.92 13.97 -1.95
C ALA A 58 9.82 14.70 -1.20
N LEU A 59 8.69 14.03 -1.02
CA LEU A 59 7.55 14.62 -0.32
C LEU A 59 7.93 14.99 1.12
N LYS A 60 9.02 14.41 1.61
CA LYS A 60 9.49 14.68 2.95
C LYS A 60 9.54 16.18 3.23
N HIS A 61 9.83 16.95 2.18
CA HIS A 61 9.91 18.41 2.31
C HIS A 61 8.65 18.96 2.99
N VAL A 62 7.49 18.41 2.61
CA VAL A 62 6.23 18.85 3.19
C VAL A 62 5.79 17.93 4.33
N PRO A 63 5.90 18.44 5.56
CA PRO A 63 5.53 17.68 6.77
C PRO A 63 4.02 17.48 6.87
N LYS A 64 3.26 18.41 6.30
CA LYS A 64 1.80 18.35 6.33
C LYS A 64 1.31 17.04 5.72
N CYS A 65 1.87 16.68 4.57
CA CYS A 65 1.48 15.46 3.88
C CYS A 65 2.40 14.30 4.27
N TRP A 66 3.67 14.61 4.52
CA TRP A 66 4.64 13.60 4.91
C TRP A 66 4.16 12.80 6.11
N ALA A 67 3.87 13.51 7.20
CA ALA A 67 3.40 12.87 8.43
C ALA A 67 2.03 12.22 8.20
N ALA A 68 1.39 12.55 7.09
CA ALA A 68 0.08 11.99 6.76
C ALA A 68 0.21 10.57 6.22
N ILE A 69 1.30 10.32 5.49
CA ILE A 69 1.55 9.00 4.92
C ILE A 69 2.43 8.16 5.82
N GLN A 70 2.62 8.62 7.06
CA GLN A 70 3.44 7.92 8.02
C GLN A 70 2.88 6.51 8.29
N PRO A 71 1.65 6.46 8.82
CA PRO A 71 0.98 5.19 9.14
C PRO A 71 0.59 4.42 7.88
N PHE A 72 0.32 5.15 6.81
CA PHE A 72 -0.08 4.52 5.55
C PHE A 72 1.15 3.98 4.81
N LEU A 73 2.32 4.53 5.12
CA LEU A 73 3.56 4.10 4.49
C LEU A 73 3.67 2.57 4.48
N CYS A 74 3.02 1.94 5.46
CA CYS A 74 3.04 0.48 5.57
C CYS A 74 2.02 -0.15 4.62
N ALA A 75 0.83 0.43 4.57
CA ALA A 75 -0.23 -0.07 3.72
C ALA A 75 -0.05 0.41 2.28
N VAL A 76 1.11 1.02 2.01
CA VAL A 76 1.41 1.52 0.68
C VAL A 76 2.45 0.65 -0.02
N PHE A 77 3.57 0.42 0.64
CA PHE A 77 4.64 -0.41 0.09
C PHE A 77 4.73 -1.75 0.81
N LYS A 78 4.10 -1.82 1.98
CA LYS A 78 4.11 -3.04 2.77
C LYS A 78 2.70 -3.59 2.95
N PRO A 79 2.10 -4.07 1.86
CA PRO A 79 0.75 -4.62 1.86
C PRO A 79 0.68 -5.96 2.60
N LYS A 80 -0.45 -6.20 3.25
CA LYS A 80 -0.66 -7.44 4.00
C LYS A 80 -1.06 -8.58 3.06
N CYS A 81 -0.08 -9.38 2.65
CA CYS A 81 -0.34 -10.50 1.76
C CYS A 81 -0.33 -11.82 2.53
N GLU A 82 -1.52 -12.33 2.81
CA GLU A 82 -1.65 -13.59 3.54
C GLU A 82 -2.32 -14.65 2.68
N LYS A 83 -2.35 -15.88 3.17
CA LYS A 83 -2.95 -17.00 2.45
C LYS A 83 -4.32 -17.36 3.04
N ILE A 84 -5.38 -17.02 2.32
CA ILE A 84 -6.73 -17.32 2.77
C ILE A 84 -7.20 -18.69 2.26
N ASN A 85 -7.42 -19.61 3.18
CA ASN A 85 -7.87 -20.95 2.83
C ASN A 85 -6.82 -21.67 1.98
N GLY A 86 -5.58 -21.22 2.08
CA GLY A 86 -4.51 -21.83 1.32
C GLY A 86 -4.28 -21.15 -0.02
N GLU A 87 -4.79 -19.94 -0.15
CA GLU A 87 -4.65 -19.17 -1.39
C GLU A 87 -3.99 -17.82 -1.13
N ASP A 88 -2.83 -17.61 -1.74
CA ASP A 88 -2.10 -16.36 -1.57
C ASP A 88 -2.91 -15.18 -2.08
N MET A 89 -3.30 -14.29 -1.16
CA MET A 89 -4.08 -13.12 -1.52
C MET A 89 -3.48 -11.85 -0.91
N VAL A 90 -3.96 -10.70 -1.37
CA VAL A 90 -3.47 -9.42 -0.88
C VAL A 90 -4.58 -8.63 -0.19
N TYR A 91 -4.19 -7.70 0.67
CA TYR A 91 -5.15 -6.88 1.39
C TYR A 91 -5.01 -5.41 1.00
N LEU A 92 -5.86 -4.97 0.08
CA LEU A 92 -5.84 -3.58 -0.38
C LEU A 92 -5.95 -2.61 0.78
N PRO A 93 -5.39 -1.41 0.61
CA PRO A 93 -5.42 -0.36 1.64
C PRO A 93 -6.82 0.21 1.85
N SER A 94 -7.22 0.30 3.12
CA SER A 94 -8.54 0.83 3.46
C SER A 94 -8.65 2.31 3.10
N TYR A 95 -9.87 2.74 2.81
CA TYR A 95 -10.11 4.14 2.45
C TYR A 95 -9.56 5.08 3.51
N GLU A 96 -9.64 4.66 4.77
CA GLU A 96 -9.15 5.46 5.88
C GLU A 96 -7.63 5.62 5.82
N MET A 97 -6.93 4.50 5.71
CA MET A 97 -5.47 4.51 5.64
C MET A 97 -4.99 5.46 4.55
N CYS A 98 -5.66 5.42 3.40
CA CYS A 98 -5.30 6.28 2.27
C CYS A 98 -5.85 7.68 2.47
N ARG A 99 -6.91 7.80 3.26
CA ARG A 99 -7.53 9.08 3.53
C ARG A 99 -6.65 9.93 4.45
N ILE A 100 -5.80 9.28 5.22
CA ILE A 100 -4.91 9.97 6.13
C ILE A 100 -4.11 11.04 5.41
N THR A 101 -3.83 10.82 4.13
CA THR A 101 -3.09 11.76 3.33
C THR A 101 -4.02 12.75 2.62
N MET A 102 -5.29 12.39 2.54
CA MET A 102 -6.28 13.24 1.88
C MET A 102 -6.57 14.48 2.72
N GLU A 103 -6.51 14.33 4.04
CA GLU A 103 -6.76 15.44 4.95
C GLU A 103 -5.93 16.66 4.56
N PRO A 104 -4.60 16.51 4.59
CA PRO A 104 -3.67 17.59 4.25
C PRO A 104 -3.69 17.91 2.76
N CYS A 105 -3.58 16.89 1.94
CA CYS A 105 -3.58 17.05 0.49
C CYS A 105 -4.94 16.72 -0.10
N ARG A 106 -5.91 17.61 0.13
CA ARG A 106 -7.26 17.40 -0.38
C ARG A 106 -7.28 17.39 -1.91
N ILE A 107 -6.23 17.93 -2.50
CA ILE A 107 -6.12 17.99 -3.95
C ILE A 107 -6.22 16.59 -4.56
N LEU A 108 -5.97 15.58 -3.75
CA LEU A 108 -6.04 14.19 -4.21
C LEU A 108 -7.42 13.60 -3.95
N TYR A 109 -8.44 14.45 -3.98
CA TYR A 109 -9.81 14.01 -3.74
C TYR A 109 -10.12 12.76 -4.56
N ASN A 110 -9.51 12.66 -5.73
CA ASN A 110 -9.72 11.51 -6.61
C ASN A 110 -8.88 11.63 -7.88
N THR A 111 -8.70 12.86 -8.34
CA THR A 111 -7.91 13.12 -9.55
C THR A 111 -6.46 12.71 -9.35
N THR A 112 -5.63 12.98 -10.35
CA THR A 112 -4.22 12.66 -10.30
C THR A 112 -3.35 13.91 -10.20
N PHE A 113 -3.10 14.35 -8.98
CA PHE A 113 -2.29 15.55 -8.75
C PHE A 113 -0.85 15.17 -8.40
N PHE A 114 -0.70 14.06 -7.68
CA PHE A 114 0.63 13.59 -7.29
C PHE A 114 1.02 12.35 -8.06
N PRO A 115 2.33 12.04 -8.07
CA PRO A 115 2.86 10.86 -8.78
C PRO A 115 2.47 9.56 -8.10
N LYS A 116 3.20 8.49 -8.42
CA LYS A 116 2.92 7.18 -7.84
C LYS A 116 3.08 7.20 -6.33
N PHE A 117 3.65 8.30 -5.81
CA PHE A 117 3.86 8.45 -4.38
C PHE A 117 2.63 7.98 -3.61
N LEU A 118 1.45 8.21 -4.18
CA LEU A 118 0.20 7.82 -3.54
C LEU A 118 -0.01 6.31 -3.63
N ARG A 119 -0.36 5.83 -4.81
CA ARG A 119 -0.59 4.41 -5.03
C ARG A 119 -1.61 3.86 -4.03
N CYS A 120 -2.80 4.44 -4.04
CA CYS A 120 -3.86 4.01 -3.13
C CYS A 120 -5.24 4.30 -3.72
N ASN A 121 -6.18 3.39 -3.51
CA ASN A 121 -7.53 3.54 -4.02
C ASN A 121 -8.12 4.88 -3.60
N GLU A 122 -8.39 5.75 -4.57
CA GLU A 122 -8.96 7.06 -4.30
C GLU A 122 -10.39 7.15 -4.79
N THR A 123 -10.60 6.76 -6.04
CA THR A 123 -11.93 6.80 -6.64
C THR A 123 -12.37 5.41 -7.10
N LEU A 124 -11.67 4.39 -6.62
CA LEU A 124 -11.98 3.01 -6.98
C LEU A 124 -13.08 2.45 -6.09
N PHE A 125 -13.60 3.29 -5.21
CA PHE A 125 -14.65 2.88 -4.29
C PHE A 125 -14.16 1.80 -3.33
N PRO A 126 -13.21 2.18 -2.45
CA PRO A 126 -12.62 1.26 -1.47
C PRO A 126 -13.62 0.87 -0.38
N THR A 127 -14.28 1.87 0.20
CA THR A 127 -15.26 1.61 1.25
C THR A 127 -16.34 0.63 0.79
N LYS A 128 -17.22 1.10 -0.07
CA LYS A 128 -18.29 0.26 -0.60
C LYS A 128 -19.01 0.95 -1.75
N SER A 1 -10.53 -15.37 -12.67
CA SER A 1 -9.20 -15.38 -13.26
C SER A 1 -8.14 -14.99 -12.23
N GLY A 2 -8.25 -13.77 -11.71
CA GLY A 2 -7.30 -13.30 -10.72
C GLY A 2 -7.94 -12.42 -9.66
N LEU A 3 -9.19 -12.72 -9.32
CA LEU A 3 -9.91 -11.96 -8.32
C LEU A 3 -10.66 -12.88 -7.36
N VAL A 4 -11.27 -12.29 -6.34
CA VAL A 4 -12.03 -13.06 -5.36
C VAL A 4 -13.51 -13.04 -5.67
N PRO A 5 -14.14 -14.23 -5.63
CA PRO A 5 -15.57 -14.38 -5.91
C PRO A 5 -16.44 -13.78 -4.81
N ARG A 6 -15.80 -13.36 -3.72
CA ARG A 6 -16.52 -12.76 -2.60
C ARG A 6 -17.34 -11.57 -3.05
N GLY A 7 -16.89 -10.92 -4.13
CA GLY A 7 -17.59 -9.76 -4.65
C GLY A 7 -16.94 -8.45 -4.24
N SER A 8 -16.88 -8.20 -2.94
CA SER A 8 -16.28 -6.97 -2.43
C SER A 8 -14.84 -6.82 -2.94
N HIS A 9 -14.57 -5.67 -3.55
CA HIS A 9 -13.24 -5.40 -4.09
C HIS A 9 -12.27 -5.01 -2.97
N MET A 10 -12.08 -5.93 -2.02
CA MET A 10 -11.18 -5.68 -0.90
C MET A 10 -10.04 -6.69 -0.89
N VAL A 11 -10.17 -7.73 -1.71
CA VAL A 11 -9.14 -8.76 -1.80
C VAL A 11 -9.03 -9.30 -3.22
N ARG A 12 -7.87 -9.87 -3.54
CA ARG A 12 -7.63 -10.43 -4.87
C ARG A 12 -6.51 -11.45 -4.83
N ARG A 13 -6.65 -12.51 -5.62
CA ARG A 13 -5.64 -13.56 -5.68
C ARG A 13 -4.39 -13.08 -6.40
N ALA A 14 -3.56 -12.33 -5.68
CA ALA A 14 -2.32 -11.81 -6.27
C ALA A 14 -1.12 -12.66 -5.85
N ARG A 15 0.07 -12.15 -6.13
CA ARG A 15 1.30 -12.87 -5.80
C ARG A 15 1.81 -12.45 -4.42
N CYS A 16 2.66 -13.30 -3.83
CA CYS A 16 3.21 -13.02 -2.51
C CYS A 16 4.69 -13.41 -2.46
N TYR A 17 5.47 -12.63 -1.72
CA TYR A 17 6.90 -12.89 -1.58
C TYR A 17 7.40 -12.50 -0.19
N PRO A 18 8.44 -13.19 0.28
CA PRO A 18 9.03 -12.93 1.59
C PRO A 18 9.77 -11.60 1.65
N THR A 19 9.25 -10.67 2.45
CA THR A 19 9.86 -9.36 2.60
C THR A 19 11.19 -9.44 3.35
N SER A 20 11.09 -9.65 4.67
CA SER A 20 12.28 -9.74 5.50
C SER A 20 12.46 -11.16 6.02
N ASN A 21 13.66 -11.46 6.52
CA ASN A 21 13.97 -12.78 7.05
C ASN A 21 12.91 -13.23 8.05
N ALA A 22 12.62 -12.36 9.02
CA ALA A 22 11.63 -12.67 10.04
C ALA A 22 10.28 -12.04 9.70
N THR A 23 10.28 -10.73 9.50
CA THR A 23 9.05 -10.01 9.17
C THR A 23 9.36 -8.58 8.70
N ASN A 24 8.64 -8.13 7.69
CA ASN A 24 8.83 -6.79 7.15
C ASN A 24 8.79 -5.74 8.26
N THR A 25 9.56 -4.68 8.08
CA THR A 25 9.61 -3.60 9.07
C THR A 25 9.26 -2.25 8.44
N CYS A 26 8.38 -1.52 9.10
CA CYS A 26 7.96 -0.21 8.60
C CYS A 26 8.37 0.90 9.57
N PHE A 27 9.44 1.61 9.23
CA PHE A 27 9.93 2.70 10.07
C PHE A 27 10.18 2.21 11.49
N GLY A 28 10.73 1.00 11.62
CA GLY A 28 11.00 0.44 12.92
C GLY A 28 9.83 -0.34 13.48
N SER A 29 8.66 -0.16 12.88
CA SER A 29 7.45 -0.85 13.32
C SER A 29 7.25 -2.14 12.53
N LYS A 30 7.71 -3.25 13.09
CA LYS A 30 7.57 -4.55 12.44
C LYS A 30 6.11 -4.84 12.11
N LEU A 31 5.85 -5.11 10.83
CA LEU A 31 4.50 -5.41 10.38
C LEU A 31 4.07 -6.81 10.80
N PRO A 32 2.75 -7.02 10.93
CA PRO A 32 2.19 -8.31 11.33
C PRO A 32 2.36 -9.38 10.24
N TYR A 33 2.82 -8.95 9.07
CA TYR A 33 3.02 -9.86 7.96
C TYR A 33 4.48 -9.87 7.52
N GLU A 34 4.98 -11.05 7.17
CA GLU A 34 6.36 -11.20 6.73
C GLU A 34 6.44 -11.33 5.21
N LEU A 35 5.29 -11.25 4.56
CA LEU A 35 5.22 -11.36 3.11
C LEU A 35 4.77 -10.04 2.48
N SER A 36 4.84 -9.97 1.15
CA SER A 36 4.43 -8.77 0.43
C SER A 36 3.97 -9.11 -0.98
N SER A 37 3.13 -8.25 -1.56
CA SER A 37 2.61 -8.46 -2.90
C SER A 37 2.89 -7.25 -3.78
N LEU A 38 3.90 -7.38 -4.65
CA LEU A 38 4.26 -6.30 -5.56
C LEU A 38 3.10 -5.93 -6.48
N ASP A 39 2.16 -6.86 -6.64
CA ASP A 39 1.00 -6.65 -7.49
C ASP A 39 0.24 -5.40 -7.04
N LEU A 40 0.37 -5.06 -5.77
CA LEU A 40 -0.31 -3.88 -5.21
C LEU A 40 0.26 -2.59 -5.80
N THR A 41 1.45 -2.70 -6.39
CA THR A 41 2.11 -1.54 -6.99
C THR A 41 2.39 -1.77 -8.46
N ASP A 42 2.22 -3.02 -8.91
CA ASP A 42 2.45 -3.38 -10.30
C ASP A 42 3.95 -3.39 -10.61
N PHE A 43 4.74 -3.86 -9.65
CA PHE A 43 6.19 -3.93 -9.82
C PHE A 43 6.61 -5.29 -10.36
N HIS A 44 7.91 -5.45 -10.59
CA HIS A 44 8.44 -6.71 -11.10
C HIS A 44 9.54 -7.26 -10.19
N THR A 45 9.85 -6.50 -9.14
CA THR A 45 10.89 -6.90 -8.19
C THR A 45 10.93 -5.95 -7.00
N GLU A 46 11.32 -6.49 -5.85
CA GLU A 46 11.40 -5.69 -4.62
C GLU A 46 12.23 -4.44 -4.86
N LYS A 47 13.36 -4.60 -5.54
CA LYS A 47 14.25 -3.48 -5.83
C LYS A 47 13.48 -2.35 -6.52
N GLU A 48 12.50 -2.71 -7.33
CA GLU A 48 11.70 -1.72 -8.04
C GLU A 48 10.90 -0.86 -7.06
N LEU A 49 10.32 -1.50 -6.06
CA LEU A 49 9.53 -0.80 -5.06
C LEU A 49 10.43 0.00 -4.12
N ASN A 50 11.42 -0.67 -3.55
CA ASN A 50 12.35 -0.02 -2.63
C ASN A 50 13.02 1.18 -3.29
N ASP A 51 13.43 1.00 -4.54
CA ASP A 51 14.08 2.08 -5.29
C ASP A 51 13.08 3.16 -5.66
N LYS A 52 11.88 2.75 -6.05
CA LYS A 52 10.83 3.69 -6.43
C LYS A 52 10.50 4.63 -5.28
N LEU A 53 10.56 4.11 -4.05
CA LEU A 53 10.26 4.90 -2.86
C LEU A 53 11.03 6.21 -2.87
N ASN A 54 12.23 6.17 -3.45
CA ASN A 54 13.08 7.37 -3.53
C ASN A 54 12.32 8.52 -4.17
N ASP A 55 11.49 8.20 -5.16
CA ASP A 55 10.71 9.22 -5.87
C ASP A 55 9.77 9.93 -4.91
N TYR A 56 9.06 9.16 -4.10
CA TYR A 56 8.12 9.72 -3.14
C TYR A 56 8.85 10.36 -1.95
N TYR A 57 10.02 9.81 -1.64
CA TYR A 57 10.82 10.32 -0.53
C TYR A 57 11.00 11.83 -0.63
N ALA A 58 11.06 12.33 -1.86
CA ALA A 58 11.22 13.76 -2.09
C ALA A 58 10.15 14.56 -1.36
N LEU A 59 8.97 13.95 -1.19
CA LEU A 59 7.87 14.62 -0.50
C LEU A 59 8.25 14.95 0.93
N LYS A 60 9.30 14.31 1.44
CA LYS A 60 9.76 14.55 2.80
C LYS A 60 9.93 16.04 3.06
N HIS A 61 10.32 16.77 2.03
CA HIS A 61 10.53 18.22 2.14
C HIS A 61 9.31 18.88 2.78
N VAL A 62 8.12 18.39 2.44
CA VAL A 62 6.89 18.94 2.98
C VAL A 62 6.28 18.02 4.04
N PRO A 63 6.47 18.39 5.32
CA PRO A 63 5.97 17.61 6.45
C PRO A 63 4.45 17.68 6.55
N LYS A 64 3.86 18.77 6.06
CA LYS A 64 2.42 18.94 6.10
C LYS A 64 1.71 17.76 5.44
N CYS A 65 2.39 17.11 4.51
CA CYS A 65 1.83 15.96 3.80
C CYS A 65 2.67 14.72 4.04
N TRP A 66 3.97 14.90 4.21
CA TRP A 66 4.89 13.80 4.45
C TRP A 66 4.52 13.04 5.72
N ALA A 67 4.35 13.79 6.81
CA ALA A 67 3.99 13.18 8.09
C ALA A 67 2.60 12.56 8.04
N ALA A 68 1.86 12.87 6.98
CA ALA A 68 0.51 12.34 6.81
C ALA A 68 0.55 10.90 6.30
N ILE A 69 1.52 10.61 5.43
CA ILE A 69 1.66 9.28 4.86
C ILE A 69 2.60 8.42 5.70
N GLN A 70 2.88 8.90 6.92
CA GLN A 70 3.76 8.17 7.82
C GLN A 70 3.18 6.81 8.17
N PRO A 71 1.99 6.80 8.79
CA PRO A 71 1.31 5.58 9.19
C PRO A 71 0.80 4.78 8.00
N PHE A 72 0.56 5.48 6.89
CA PHE A 72 0.07 4.84 5.67
C PHE A 72 1.21 4.23 4.87
N LEU A 73 2.41 4.77 5.07
CA LEU A 73 3.59 4.28 4.36
C LEU A 73 3.66 2.76 4.41
N CYS A 74 3.15 2.18 5.50
CA CYS A 74 3.16 0.73 5.68
C CYS A 74 2.06 0.08 4.83
N ALA A 75 0.86 0.67 4.87
CA ALA A 75 -0.26 0.15 4.10
C ALA A 75 -0.22 0.63 2.65
N VAL A 76 0.91 1.24 2.27
CA VAL A 76 1.08 1.74 0.92
C VAL A 76 1.97 0.82 0.09
N PHE A 77 3.14 0.50 0.63
CA PHE A 77 4.08 -0.38 -0.05
C PHE A 77 4.20 -1.72 0.67
N LYS A 78 3.77 -1.75 1.92
CA LYS A 78 3.83 -2.96 2.73
C LYS A 78 2.42 -3.42 3.12
N PRO A 79 1.64 -3.85 2.13
CA PRO A 79 0.27 -4.32 2.35
C PRO A 79 0.23 -5.65 3.09
N LYS A 80 -0.97 -6.09 3.46
CA LYS A 80 -1.15 -7.36 4.17
C LYS A 80 -1.41 -8.50 3.20
N CYS A 81 -0.43 -9.38 3.07
CA CYS A 81 -0.55 -10.53 2.17
C CYS A 81 -0.66 -11.83 2.95
N GLU A 82 -1.53 -12.72 2.49
CA GLU A 82 -1.73 -14.00 3.16
C GLU A 82 -2.51 -14.96 2.26
N LYS A 83 -2.59 -16.22 2.68
CA LYS A 83 -3.31 -17.23 1.92
C LYS A 83 -4.65 -17.56 2.56
N ILE A 84 -5.73 -17.10 1.94
CA ILE A 84 -7.08 -17.34 2.46
C ILE A 84 -7.65 -18.64 1.91
N ASN A 85 -7.92 -19.59 2.80
CA ASN A 85 -8.48 -20.88 2.40
C ASN A 85 -7.53 -21.59 1.43
N GLY A 86 -6.26 -21.23 1.46
CA GLY A 86 -5.29 -21.84 0.57
C GLY A 86 -5.11 -21.08 -0.72
N GLU A 87 -5.55 -19.82 -0.73
CA GLU A 87 -5.45 -18.98 -1.92
C GLU A 87 -4.63 -17.73 -1.63
N ASP A 88 -3.52 -17.58 -2.33
CA ASP A 88 -2.65 -16.42 -2.15
C ASP A 88 -3.36 -15.14 -2.57
N MET A 89 -3.88 -14.39 -1.60
CA MET A 89 -4.58 -13.15 -1.88
C MET A 89 -3.88 -11.97 -1.21
N VAL A 90 -4.28 -10.77 -1.59
CA VAL A 90 -3.69 -9.55 -1.02
C VAL A 90 -4.77 -8.64 -0.44
N TYR A 91 -4.44 -7.96 0.65
CA TYR A 91 -5.37 -7.06 1.30
C TYR A 91 -5.03 -5.60 0.99
N LEU A 92 -6.06 -4.80 0.76
CA LEU A 92 -5.87 -3.38 0.45
C LEU A 92 -6.17 -2.51 1.67
N PRO A 93 -5.65 -1.28 1.66
CA PRO A 93 -5.84 -0.32 2.76
C PRO A 93 -7.29 0.18 2.82
N SER A 94 -7.56 1.01 3.83
CA SER A 94 -8.90 1.56 4.01
C SER A 94 -8.93 3.04 3.66
N TYR A 95 -10.11 3.55 3.34
CA TYR A 95 -10.28 4.96 2.98
C TYR A 95 -9.63 5.86 4.02
N GLU A 96 -9.67 5.43 5.28
CA GLU A 96 -9.08 6.20 6.37
C GLU A 96 -7.57 6.31 6.21
N MET A 97 -6.90 5.18 6.10
CA MET A 97 -5.46 5.15 5.94
C MET A 97 -5.02 6.06 4.79
N CYS A 98 -5.74 5.98 3.68
CA CYS A 98 -5.43 6.79 2.51
C CYS A 98 -5.90 8.22 2.70
N ARG A 99 -6.86 8.41 3.59
CA ARG A 99 -7.40 9.74 3.88
C ARG A 99 -6.39 10.59 4.63
N ILE A 100 -5.57 9.94 5.44
CA ILE A 100 -4.55 10.64 6.22
C ILE A 100 -3.66 11.50 5.32
N THR A 101 -3.61 11.14 4.05
CA THR A 101 -2.81 11.88 3.08
C THR A 101 -3.62 13.00 2.43
N MET A 102 -4.88 12.73 2.16
CA MET A 102 -5.76 13.71 1.54
C MET A 102 -6.12 14.82 2.54
N GLU A 103 -6.18 14.45 3.82
CA GLU A 103 -6.52 15.41 4.87
C GLU A 103 -5.77 16.72 4.67
N PRO A 104 -4.42 16.65 4.70
CA PRO A 104 -3.57 17.83 4.52
C PRO A 104 -3.60 18.36 3.10
N CYS A 105 -3.42 17.47 2.13
CA CYS A 105 -3.43 17.86 0.72
C CYS A 105 -4.82 17.69 0.13
N ARG A 106 -5.74 18.58 0.51
CA ARG A 106 -7.11 18.54 0.01
C ARG A 106 -7.13 18.49 -1.51
N ILE A 107 -6.18 19.18 -2.14
CA ILE A 107 -6.09 19.23 -3.59
C ILE A 107 -6.02 17.83 -4.17
N LEU A 108 -5.59 16.87 -3.36
CA LEU A 108 -5.46 15.49 -3.80
C LEU A 108 -6.65 14.66 -3.31
N TYR A 109 -7.81 15.32 -3.16
CA TYR A 109 -9.02 14.64 -2.71
C TYR A 109 -9.24 13.35 -3.48
N ASN A 110 -8.93 13.38 -4.78
CA ASN A 110 -9.10 12.21 -5.63
C ASN A 110 -7.75 11.62 -6.02
N THR A 111 -6.72 12.45 -5.98
CA THR A 111 -5.37 12.01 -6.33
C THR A 111 -5.25 11.72 -7.82
N THR A 112 -4.58 12.62 -8.54
CA THR A 112 -4.40 12.46 -9.98
C THR A 112 -3.13 13.14 -10.45
N PHE A 113 -2.22 13.41 -9.52
CA PHE A 113 -0.96 14.06 -9.84
C PHE A 113 0.22 13.13 -9.54
N PHE A 114 0.32 12.69 -8.29
CA PHE A 114 1.40 11.80 -7.87
C PHE A 114 0.84 10.45 -7.41
N PRO A 115 0.50 9.59 -8.38
CA PRO A 115 -0.04 8.26 -8.10
C PRO A 115 0.99 7.32 -7.49
N LYS A 116 2.20 7.32 -8.07
CA LYS A 116 3.28 6.48 -7.59
C LYS A 116 3.58 6.75 -6.12
N PHE A 117 3.23 7.95 -5.66
CA PHE A 117 3.45 8.34 -4.28
C PHE A 117 2.18 8.18 -3.45
N LEU A 118 1.04 8.34 -4.11
CA LEU A 118 -0.25 8.22 -3.43
C LEU A 118 -0.98 6.97 -3.90
N ARG A 119 -0.25 5.87 -4.06
CA ARG A 119 -0.84 4.61 -4.50
C ARG A 119 -1.84 4.09 -3.48
N CYS A 120 -3.10 4.49 -3.63
CA CYS A 120 -4.16 4.07 -2.73
C CYS A 120 -5.52 4.20 -3.38
N ASN A 121 -6.56 3.75 -2.69
CA ASN A 121 -7.92 3.82 -3.20
C ASN A 121 -8.65 5.05 -2.64
N GLU A 122 -8.99 5.97 -3.54
CA GLU A 122 -9.69 7.19 -3.14
C GLU A 122 -11.14 7.18 -3.63
N THR A 123 -11.31 7.27 -4.94
CA THR A 123 -12.64 7.27 -5.54
C THR A 123 -13.22 5.85 -5.59
N LEU A 124 -12.42 4.88 -5.17
CA LEU A 124 -12.86 3.49 -5.16
C LEU A 124 -13.75 3.20 -3.96
N PHE A 125 -13.46 3.86 -2.85
CA PHE A 125 -14.24 3.69 -1.62
C PHE A 125 -14.19 2.23 -1.16
N PRO A 126 -12.99 1.80 -0.73
CA PRO A 126 -12.78 0.43 -0.24
C PRO A 126 -13.47 0.18 1.09
N THR A 127 -13.26 1.06 2.05
CA THR A 127 -13.86 0.94 3.37
C THR A 127 -13.70 -0.48 3.91
N LYS A 128 -12.58 -0.73 4.59
CA LYS A 128 -12.31 -2.04 5.16
C LYS A 128 -13.46 -2.50 6.04
N SER A 1 -8.24 -15.76 -13.33
CA SER A 1 -8.78 -16.03 -12.00
C SER A 1 -7.87 -15.46 -10.92
N GLY A 2 -8.05 -14.16 -10.63
CA GLY A 2 -7.24 -13.51 -9.62
C GLY A 2 -8.00 -12.42 -8.90
N LEU A 3 -9.25 -12.68 -8.55
CA LEU A 3 -10.07 -11.71 -7.85
C LEU A 3 -11.28 -12.38 -7.21
N VAL A 4 -11.15 -12.67 -5.91
CA VAL A 4 -12.24 -13.31 -5.18
C VAL A 4 -13.56 -12.56 -5.34
N PRO A 5 -14.62 -13.30 -5.62
CA PRO A 5 -15.97 -12.72 -5.82
C PRO A 5 -16.55 -12.18 -4.53
N ARG A 6 -16.39 -10.87 -4.31
CA ARG A 6 -16.92 -10.23 -3.11
C ARG A 6 -17.47 -8.84 -3.43
N GLY A 7 -16.74 -8.10 -4.26
CA GLY A 7 -17.18 -6.77 -4.64
C GLY A 7 -16.33 -5.69 -3.99
N SER A 8 -16.12 -4.60 -4.72
CA SER A 8 -15.32 -3.48 -4.21
C SER A 8 -13.90 -3.95 -3.87
N HIS A 9 -13.34 -4.78 -4.75
CA HIS A 9 -11.98 -5.29 -4.55
C HIS A 9 -11.90 -6.10 -3.25
N MET A 10 -11.58 -5.43 -2.15
CA MET A 10 -11.47 -6.09 -0.86
C MET A 10 -10.27 -7.04 -0.83
N VAL A 11 -10.38 -8.13 -1.57
CA VAL A 11 -9.30 -9.12 -1.63
C VAL A 11 -9.16 -9.69 -3.04
N ARG A 12 -7.97 -10.20 -3.35
CA ARG A 12 -7.70 -10.77 -4.66
C ARG A 12 -6.60 -11.82 -4.58
N ARG A 13 -6.75 -12.89 -5.37
CA ARG A 13 -5.76 -13.97 -5.39
C ARG A 13 -4.48 -13.53 -6.08
N ALA A 14 -3.64 -12.79 -5.35
CA ALA A 14 -2.38 -12.30 -5.90
C ALA A 14 -1.22 -13.21 -5.49
N ARG A 15 0.00 -12.75 -5.76
CA ARG A 15 1.19 -13.53 -5.41
C ARG A 15 1.92 -12.90 -4.24
N CYS A 16 2.33 -13.73 -3.30
CA CYS A 16 3.05 -13.27 -2.11
C CYS A 16 4.48 -13.79 -2.10
N TYR A 17 5.41 -12.98 -1.59
CA TYR A 17 6.80 -13.36 -1.52
C TYR A 17 7.45 -12.88 -0.22
N PRO A 18 8.46 -13.61 0.24
CA PRO A 18 9.18 -13.28 1.48
C PRO A 18 10.02 -12.02 1.34
N THR A 19 9.62 -10.96 2.04
CA THR A 19 10.34 -9.70 1.99
C THR A 19 11.70 -9.81 2.68
N SER A 20 11.68 -9.94 3.99
CA SER A 20 12.91 -10.06 4.77
C SER A 20 13.06 -11.46 5.35
N ASN A 21 14.28 -11.81 5.74
CA ASN A 21 14.57 -13.12 6.30
C ASN A 21 13.60 -13.44 7.44
N ALA A 22 13.47 -12.49 8.37
CA ALA A 22 12.58 -12.67 9.51
C ALA A 22 11.22 -12.03 9.26
N THR A 23 11.23 -10.75 8.93
CA THR A 23 9.99 -10.02 8.66
C THR A 23 10.28 -8.56 8.30
N ASN A 24 9.60 -8.07 7.27
CA ASN A 24 9.78 -6.69 6.82
C ASN A 24 9.45 -5.71 7.95
N THR A 25 10.09 -4.55 7.91
CA THR A 25 9.86 -3.52 8.92
C THR A 25 9.33 -2.24 8.29
N CYS A 26 8.60 -1.45 9.08
CA CYS A 26 8.03 -0.19 8.60
C CYS A 26 8.10 0.88 9.68
N PHE A 27 8.79 1.97 9.38
CA PHE A 27 8.92 3.07 10.32
C PHE A 27 9.37 2.56 11.69
N GLY A 28 10.53 1.93 11.74
CA GLY A 28 11.04 1.40 12.99
C GLY A 28 10.04 0.53 13.71
N SER A 29 9.16 -0.11 12.94
CA SER A 29 8.13 -0.98 13.51
C SER A 29 7.92 -2.20 12.64
N LYS A 30 8.45 -3.34 13.09
CA LYS A 30 8.31 -4.59 12.35
C LYS A 30 6.84 -4.89 12.06
N LEU A 31 6.54 -5.24 10.81
CA LEU A 31 5.18 -5.54 10.40
C LEU A 31 4.75 -6.92 10.94
N PRO A 32 3.43 -7.11 11.10
CA PRO A 32 2.87 -8.36 11.59
C PRO A 32 3.02 -9.50 10.59
N TYR A 33 3.48 -9.17 9.39
CA TYR A 33 3.67 -10.17 8.33
C TYR A 33 5.09 -10.14 7.81
N GLU A 34 5.39 -11.05 6.88
CA GLU A 34 6.73 -11.14 6.30
C GLU A 34 6.65 -11.40 4.80
N LEU A 35 5.45 -11.27 4.24
CA LEU A 35 5.23 -11.50 2.82
C LEU A 35 4.76 -10.22 2.14
N SER A 36 4.94 -10.15 0.82
CA SER A 36 4.53 -8.98 0.04
C SER A 36 4.09 -9.39 -1.35
N SER A 37 3.22 -8.58 -1.95
CA SER A 37 2.70 -8.86 -3.28
C SER A 37 2.99 -7.69 -4.22
N LEU A 38 3.83 -7.93 -5.23
CA LEU A 38 4.18 -6.91 -6.20
C LEU A 38 2.95 -6.40 -6.94
N ASP A 39 1.91 -7.22 -6.97
CA ASP A 39 0.67 -6.87 -7.63
C ASP A 39 0.03 -5.64 -6.99
N LEU A 40 0.24 -5.49 -5.68
CA LEU A 40 -0.31 -4.35 -4.94
C LEU A 40 0.25 -3.04 -5.47
N THR A 41 1.36 -3.13 -6.20
CA THR A 41 2.00 -1.94 -6.77
C THR A 41 2.23 -2.11 -8.26
N ASP A 42 2.87 -1.11 -8.87
CA ASP A 42 3.15 -1.14 -10.30
C ASP A 42 4.66 -1.05 -10.56
N PHE A 43 5.35 -2.15 -10.34
CA PHE A 43 6.79 -2.20 -10.54
C PHE A 43 7.19 -3.43 -11.35
N HIS A 44 8.50 -3.65 -11.48
CA HIS A 44 9.01 -4.79 -12.22
C HIS A 44 9.80 -5.73 -11.31
N THR A 45 9.96 -5.32 -10.06
CA THR A 45 10.70 -6.12 -9.09
C THR A 45 10.77 -5.42 -7.73
N GLU A 46 10.99 -6.20 -6.69
CA GLU A 46 11.09 -5.65 -5.33
C GLU A 46 12.06 -4.47 -5.29
N LYS A 47 13.22 -4.65 -5.90
CA LYS A 47 14.25 -3.61 -5.94
C LYS A 47 13.67 -2.32 -6.47
N GLU A 48 12.77 -2.42 -7.45
CA GLU A 48 12.14 -1.25 -8.05
C GLU A 48 11.25 -0.54 -7.04
N LEU A 49 10.49 -1.32 -6.28
CA LEU A 49 9.58 -0.77 -5.27
C LEU A 49 10.36 0.00 -4.21
N ASN A 50 11.41 -0.60 -3.70
CA ASN A 50 12.24 0.02 -2.67
C ASN A 50 13.06 1.16 -3.25
N ASP A 51 13.46 1.02 -4.51
CA ASP A 51 14.25 2.03 -5.20
C ASP A 51 13.41 3.28 -5.47
N LYS A 52 12.11 3.07 -5.68
CA LYS A 52 11.20 4.19 -5.94
C LYS A 52 10.93 4.98 -4.67
N LEU A 53 10.97 4.31 -3.53
CA LEU A 53 10.74 4.95 -2.25
C LEU A 53 11.57 6.22 -2.11
N ASN A 54 12.79 6.19 -2.63
CA ASN A 54 13.68 7.34 -2.57
C ASN A 54 13.01 8.57 -3.17
N ASP A 55 12.30 8.38 -4.28
CA ASP A 55 11.62 9.47 -4.95
C ASP A 55 10.55 10.09 -4.03
N TYR A 56 9.68 9.24 -3.51
CA TYR A 56 8.61 9.71 -2.62
C TYR A 56 9.18 10.36 -1.38
N TYR A 57 10.35 9.88 -0.94
CA TYR A 57 10.99 10.42 0.25
C TYR A 57 11.11 11.94 0.16
N ALA A 58 11.39 12.44 -1.04
CA ALA A 58 11.52 13.87 -1.26
C ALA A 58 10.30 14.63 -0.75
N LEU A 59 9.15 13.95 -0.75
CA LEU A 59 7.90 14.56 -0.29
C LEU A 59 8.02 14.98 1.17
N LYS A 60 9.01 14.43 1.87
CA LYS A 60 9.23 14.75 3.28
C LYS A 60 9.22 16.25 3.50
N HIS A 61 9.67 17.00 2.49
CA HIS A 61 9.72 18.46 2.58
C HIS A 61 8.37 19.01 3.04
N VAL A 62 7.29 18.50 2.46
CA VAL A 62 5.95 18.95 2.82
C VAL A 62 5.38 18.11 3.97
N PRO A 63 5.14 18.77 5.11
CA PRO A 63 4.60 18.10 6.30
C PRO A 63 3.14 17.70 6.11
N LYS A 64 2.33 18.61 5.58
CA LYS A 64 0.92 18.36 5.35
C LYS A 64 0.73 17.17 4.40
N CYS A 65 1.78 16.84 3.66
CA CYS A 65 1.72 15.73 2.72
C CYS A 65 2.61 14.58 3.19
N TRP A 66 3.47 14.87 4.15
CA TRP A 66 4.38 13.86 4.70
C TRP A 66 3.67 12.99 5.74
N ALA A 67 3.15 13.65 6.77
CA ALA A 67 2.44 12.93 7.83
C ALA A 67 1.12 12.36 7.34
N ALA A 68 0.72 12.78 6.14
CA ALA A 68 -0.53 12.31 5.55
C ALA A 68 -0.39 10.86 5.07
N ILE A 69 0.84 10.41 4.94
CA ILE A 69 1.11 9.04 4.48
C ILE A 69 1.99 8.30 5.47
N GLN A 70 2.10 8.85 6.68
CA GLN A 70 2.92 8.22 7.72
C GLN A 70 2.46 6.80 8.00
N PRO A 71 1.19 6.65 8.42
CA PRO A 71 0.61 5.34 8.72
C PRO A 71 0.40 4.50 7.48
N PHE A 72 -0.03 5.14 6.39
CA PHE A 72 -0.26 4.44 5.14
C PHE A 72 1.04 3.93 4.54
N LEU A 73 2.15 4.57 4.89
CA LEU A 73 3.46 4.18 4.40
C LEU A 73 3.68 2.68 4.55
N CYS A 74 2.97 2.08 5.51
CA CYS A 74 3.08 0.65 5.76
C CYS A 74 2.20 -0.14 4.78
N ALA A 75 0.97 0.33 4.59
CA ALA A 75 0.04 -0.33 3.68
C ALA A 75 0.26 0.12 2.24
N VAL A 76 1.35 0.84 2.02
CA VAL A 76 1.68 1.33 0.68
C VAL A 76 2.75 0.46 0.02
N PHE A 77 3.83 0.20 0.75
CA PHE A 77 4.92 -0.62 0.23
C PHE A 77 4.96 -1.97 0.95
N LYS A 78 4.47 -2.01 2.18
CA LYS A 78 4.45 -3.23 2.96
C LYS A 78 3.02 -3.65 3.29
N PRO A 79 2.28 -4.07 2.25
CA PRO A 79 0.89 -4.50 2.40
C PRO A 79 0.76 -5.83 3.14
N LYS A 80 -0.46 -6.25 3.41
CA LYS A 80 -0.71 -7.50 4.11
C LYS A 80 -1.05 -8.61 3.12
N CYS A 81 -0.18 -9.61 3.04
CA CYS A 81 -0.39 -10.75 2.14
C CYS A 81 -0.46 -12.05 2.92
N GLU A 82 -1.59 -12.74 2.81
CA GLU A 82 -1.78 -14.01 3.50
C GLU A 82 -2.54 -15.00 2.62
N LYS A 83 -2.61 -16.25 3.07
CA LYS A 83 -3.31 -17.29 2.33
C LYS A 83 -4.66 -17.62 2.98
N ILE A 84 -5.73 -17.20 2.31
CA ILE A 84 -7.07 -17.45 2.82
C ILE A 84 -7.62 -18.78 2.30
N ASN A 85 -7.87 -19.71 3.23
CA ASN A 85 -8.40 -21.02 2.87
C ASN A 85 -7.45 -21.74 1.91
N GLY A 86 -6.18 -21.34 1.93
CA GLY A 86 -5.19 -21.96 1.06
C GLY A 86 -5.03 -21.22 -0.25
N GLU A 87 -5.47 -19.96 -0.28
CA GLU A 87 -5.36 -19.15 -1.48
C GLU A 87 -4.56 -17.88 -1.21
N ASP A 88 -3.43 -17.74 -1.89
CA ASP A 88 -2.57 -16.58 -1.72
C ASP A 88 -3.29 -15.31 -2.18
N MET A 89 -3.81 -14.55 -1.22
CA MET A 89 -4.51 -13.31 -1.53
C MET A 89 -3.84 -12.12 -0.85
N VAL A 90 -4.17 -10.92 -1.31
CA VAL A 90 -3.60 -9.70 -0.76
C VAL A 90 -4.66 -8.87 -0.04
N TYR A 91 -4.22 -8.02 0.87
CA TYR A 91 -5.14 -7.16 1.62
C TYR A 91 -4.90 -5.69 1.31
N LEU A 92 -5.94 -5.02 0.86
CA LEU A 92 -5.85 -3.59 0.53
C LEU A 92 -6.11 -2.73 1.75
N PRO A 93 -5.71 -1.45 1.67
CA PRO A 93 -5.90 -0.49 2.76
C PRO A 93 -7.36 -0.11 2.95
N SER A 94 -7.86 -0.27 4.17
CA SER A 94 -9.25 0.06 4.48
C SER A 94 -9.47 1.57 4.41
N TYR A 95 -10.72 1.98 4.58
CA TYR A 95 -11.08 3.39 4.55
C TYR A 95 -10.25 4.19 5.55
N GLU A 96 -9.80 3.52 6.60
CA GLU A 96 -9.00 4.16 7.63
C GLU A 96 -7.65 4.60 7.08
N MET A 97 -6.90 3.64 6.55
CA MET A 97 -5.58 3.91 5.99
C MET A 97 -5.67 4.98 4.89
N CYS A 98 -6.73 4.91 4.09
CA CYS A 98 -6.95 5.86 3.01
C CYS A 98 -7.49 7.18 3.55
N ARG A 99 -8.11 7.13 4.73
CA ARG A 99 -8.68 8.32 5.34
C ARG A 99 -7.58 9.25 5.84
N ILE A 100 -6.53 8.67 6.39
CA ILE A 100 -5.40 9.44 6.91
C ILE A 100 -4.96 10.50 5.90
N THR A 101 -4.87 10.11 4.64
CA THR A 101 -4.46 11.02 3.58
C THR A 101 -5.67 11.68 2.91
N MET A 102 -6.59 12.18 3.74
CA MET A 102 -7.79 12.82 3.23
C MET A 102 -7.48 14.23 2.74
N GLU A 103 -6.65 14.95 3.49
CA GLU A 103 -6.28 16.31 3.12
C GLU A 103 -4.76 16.49 3.18
N PRO A 104 -4.05 15.70 2.37
CA PRO A 104 -2.58 15.75 2.31
C PRO A 104 -2.08 17.03 1.66
N CYS A 105 -2.65 17.37 0.51
CA CYS A 105 -2.25 18.58 -0.21
C CYS A 105 -3.46 19.25 -0.87
N ARG A 106 -3.54 20.57 -0.75
CA ARG A 106 -4.64 21.32 -1.32
C ARG A 106 -4.78 21.04 -2.82
N ILE A 107 -3.68 20.62 -3.44
CA ILE A 107 -3.67 20.32 -4.86
C ILE A 107 -3.93 18.83 -5.11
N LEU A 108 -3.71 18.03 -4.08
CA LEU A 108 -3.91 16.59 -4.17
C LEU A 108 -5.10 16.14 -3.33
N TYR A 109 -6.07 17.04 -3.17
CA TYR A 109 -7.26 16.74 -2.39
C TYR A 109 -7.89 15.42 -2.81
N ASN A 110 -7.86 15.16 -4.11
CA ASN A 110 -8.42 13.92 -4.66
C ASN A 110 -7.33 13.09 -5.33
N THR A 111 -6.21 13.73 -5.64
CA THR A 111 -5.11 13.04 -6.29
C THR A 111 -5.43 12.74 -7.75
N THR A 112 -4.70 13.36 -8.66
CA THR A 112 -4.90 13.16 -10.09
C THR A 112 -3.69 13.61 -10.90
N PHE A 113 -2.53 13.65 -10.24
CA PHE A 113 -1.30 14.06 -10.90
C PHE A 113 -0.29 12.91 -10.93
N PHE A 114 0.05 12.40 -9.75
CA PHE A 114 1.00 11.30 -9.64
C PHE A 114 0.53 10.27 -8.63
N PRO A 115 -0.42 9.42 -9.04
CA PRO A 115 -0.99 8.37 -8.19
C PRO A 115 0.02 7.26 -7.90
N LYS A 116 1.17 7.32 -8.56
CA LYS A 116 2.22 6.32 -8.37
C LYS A 116 2.54 6.15 -6.89
N PHE A 117 2.82 7.26 -6.22
CA PHE A 117 3.14 7.22 -4.80
C PHE A 117 1.93 7.59 -3.95
N LEU A 118 0.78 7.76 -4.60
CA LEU A 118 -0.45 8.13 -3.92
C LEU A 118 -1.54 7.08 -4.17
N ARG A 119 -1.12 5.86 -4.48
CA ARG A 119 -2.06 4.77 -4.74
C ARG A 119 -3.02 4.59 -3.57
N CYS A 120 -4.17 5.24 -3.63
CA CYS A 120 -5.16 5.15 -2.57
C CYS A 120 -6.54 5.56 -3.08
N ASN A 121 -7.55 4.74 -2.78
CA ASN A 121 -8.92 5.02 -3.20
C ASN A 121 -9.53 6.12 -2.34
N GLU A 122 -9.83 7.25 -2.96
CA GLU A 122 -10.42 8.39 -2.26
C GLU A 122 -11.90 8.51 -2.59
N THR A 123 -12.21 8.99 -3.79
CA THR A 123 -13.59 9.17 -4.22
C THR A 123 -14.35 7.85 -4.13
N LEU A 124 -13.63 6.74 -4.18
CA LEU A 124 -14.24 5.42 -4.11
C LEU A 124 -14.88 5.19 -2.74
N PHE A 125 -15.29 3.96 -2.48
CA PHE A 125 -15.92 3.60 -1.21
C PHE A 125 -15.13 2.51 -0.51
N PRO A 126 -13.96 2.87 0.04
CA PRO A 126 -13.09 1.93 0.75
C PRO A 126 -13.68 1.48 2.09
N THR A 127 -13.11 0.42 2.65
CA THR A 127 -13.59 -0.11 3.92
C THR A 127 -12.76 -1.31 4.36
N LYS A 128 -12.54 -2.24 3.44
CA LYS A 128 -11.76 -3.44 3.73
C LYS A 128 -11.59 -4.30 2.48
N SER A 1 -5.92 -14.15 -10.39
CA SER A 1 -6.07 -12.77 -9.96
C SER A 1 -7.46 -12.24 -10.30
N GLY A 2 -7.75 -11.04 -9.83
CA GLY A 2 -9.05 -10.44 -10.10
C GLY A 2 -9.67 -9.80 -8.87
N LEU A 3 -10.80 -10.34 -8.43
CA LEU A 3 -11.48 -9.82 -7.26
C LEU A 3 -12.08 -10.95 -6.42
N VAL A 4 -12.33 -10.67 -5.15
CA VAL A 4 -12.89 -11.67 -4.24
C VAL A 4 -13.88 -11.04 -3.28
N PRO A 5 -15.05 -11.68 -3.12
CA PRO A 5 -16.10 -11.20 -2.23
C PRO A 5 -15.73 -11.31 -0.75
N ARG A 6 -15.09 -12.43 -0.39
CA ARG A 6 -14.67 -12.67 0.98
C ARG A 6 -13.88 -11.47 1.52
N GLY A 7 -14.22 -11.04 2.73
CA GLY A 7 -13.52 -9.92 3.33
C GLY A 7 -14.14 -8.58 2.95
N SER A 8 -14.77 -7.92 3.91
CA SER A 8 -15.40 -6.64 3.67
C SER A 8 -14.36 -5.56 3.39
N HIS A 9 -13.10 -5.89 3.65
CA HIS A 9 -12.01 -4.95 3.44
C HIS A 9 -11.42 -5.11 2.03
N MET A 10 -12.16 -5.81 1.17
CA MET A 10 -11.71 -6.04 -0.20
C MET A 10 -10.47 -6.92 -0.23
N VAL A 11 -10.54 -7.99 -1.01
CA VAL A 11 -9.41 -8.92 -1.12
C VAL A 11 -9.35 -9.53 -2.53
N ARG A 12 -8.17 -10.00 -2.91
CA ARG A 12 -7.97 -10.60 -4.22
C ARG A 12 -6.93 -11.72 -4.15
N ARG A 13 -7.14 -12.76 -4.95
CA ARG A 13 -6.22 -13.90 -4.98
C ARG A 13 -4.98 -13.57 -5.79
N ALA A 14 -4.10 -12.75 -5.21
CA ALA A 14 -2.86 -12.36 -5.88
C ALA A 14 -1.71 -13.26 -5.47
N ARG A 15 -0.49 -12.88 -5.85
CA ARG A 15 0.70 -13.65 -5.52
C ARG A 15 1.18 -13.34 -4.11
N CYS A 16 2.28 -13.98 -3.72
CA CYS A 16 2.84 -13.78 -2.38
C CYS A 16 4.27 -14.29 -2.31
N TYR A 17 5.19 -13.41 -1.94
CA TYR A 17 6.60 -13.78 -1.83
C TYR A 17 7.19 -13.29 -0.51
N PRO A 18 8.21 -14.02 -0.02
CA PRO A 18 8.88 -13.68 1.24
C PRO A 18 9.72 -12.41 1.12
N THR A 19 9.31 -11.36 1.83
CA THR A 19 10.03 -10.09 1.79
C THR A 19 11.42 -10.23 2.40
N SER A 20 11.47 -10.37 3.72
CA SER A 20 12.75 -10.50 4.42
C SER A 20 12.90 -11.91 4.99
N ASN A 21 14.06 -12.18 5.58
CA ASN A 21 14.35 -13.48 6.16
C ASN A 21 13.28 -13.86 7.19
N ALA A 22 13.02 -12.94 8.12
CA ALA A 22 12.03 -13.18 9.16
C ALA A 22 10.69 -12.55 8.79
N THR A 23 10.71 -11.25 8.52
CA THR A 23 9.50 -10.53 8.15
C THR A 23 9.80 -9.07 7.84
N ASN A 24 9.14 -8.54 6.81
CA ASN A 24 9.33 -7.15 6.41
C ASN A 24 9.17 -6.21 7.60
N THR A 25 9.87 -5.08 7.55
CA THR A 25 9.80 -4.09 8.62
C THR A 25 9.42 -2.72 8.08
N CYS A 26 8.73 -1.94 8.90
CA CYS A 26 8.31 -0.60 8.51
C CYS A 26 8.51 0.39 9.64
N PHE A 27 9.34 1.40 9.40
CA PHE A 27 9.61 2.42 10.41
C PHE A 27 10.02 1.78 11.72
N GLY A 28 10.98 0.85 11.65
CA GLY A 28 11.44 0.17 12.85
C GLY A 28 10.53 -0.97 13.27
N SER A 29 9.25 -0.66 13.45
CA SER A 29 8.28 -1.66 13.86
C SER A 29 8.06 -2.69 12.76
N LYS A 30 8.34 -3.95 13.07
CA LYS A 30 8.18 -5.03 12.09
C LYS A 30 6.70 -5.27 11.80
N LEU A 31 6.39 -5.58 10.55
CA LEU A 31 5.02 -5.85 10.14
C LEU A 31 4.58 -7.24 10.56
N PRO A 32 3.27 -7.43 10.73
CA PRO A 32 2.69 -8.72 11.13
C PRO A 32 2.78 -9.76 10.02
N TYR A 33 3.22 -9.32 8.84
CA TYR A 33 3.35 -10.23 7.70
C TYR A 33 4.79 -10.27 7.21
N GLU A 34 5.21 -11.43 6.73
CA GLU A 34 6.57 -11.60 6.23
C GLU A 34 6.57 -11.80 4.71
N LEU A 35 5.40 -11.69 4.11
CA LEU A 35 5.26 -11.85 2.67
C LEU A 35 4.82 -10.54 2.01
N SER A 36 4.83 -10.52 0.68
CA SER A 36 4.43 -9.33 -0.06
C SER A 36 3.86 -9.70 -1.43
N SER A 37 3.12 -8.79 -2.02
CA SER A 37 2.51 -9.02 -3.33
C SER A 37 2.88 -7.92 -4.31
N LEU A 38 3.82 -8.23 -5.20
CA LEU A 38 4.28 -7.26 -6.20
C LEU A 38 3.12 -6.80 -7.07
N ASP A 39 2.12 -7.65 -7.23
CA ASP A 39 0.95 -7.32 -8.03
C ASP A 39 0.24 -6.08 -7.48
N LEU A 40 0.32 -5.89 -6.18
CA LEU A 40 -0.31 -4.74 -5.53
C LEU A 40 0.16 -3.44 -6.15
N THR A 41 1.36 -3.47 -6.74
CA THR A 41 1.93 -2.29 -7.37
C THR A 41 2.15 -2.51 -8.87
N ASP A 42 2.70 -1.51 -9.54
CA ASP A 42 2.97 -1.60 -10.97
C ASP A 42 4.47 -1.65 -11.24
N PHE A 43 5.13 -2.70 -10.74
CA PHE A 43 6.56 -2.85 -10.93
C PHE A 43 6.89 -4.22 -11.53
N HIS A 44 8.17 -4.55 -11.59
CA HIS A 44 8.60 -5.83 -12.15
C HIS A 44 9.64 -6.49 -11.24
N THR A 45 9.77 -5.96 -10.01
CA THR A 45 10.72 -6.50 -9.06
C THR A 45 10.62 -5.76 -7.72
N GLU A 46 11.20 -6.35 -6.68
CA GLU A 46 11.17 -5.76 -5.35
C GLU A 46 11.98 -4.47 -5.32
N LYS A 47 13.15 -4.49 -5.94
CA LYS A 47 14.04 -3.33 -5.99
C LYS A 47 13.30 -2.13 -6.60
N GLU A 48 12.36 -2.41 -7.50
CA GLU A 48 11.59 -1.36 -8.15
C GLU A 48 10.69 -0.64 -7.16
N LEU A 49 10.01 -1.41 -6.31
CA LEU A 49 9.12 -0.84 -5.31
C LEU A 49 9.90 -0.06 -4.25
N ASN A 50 10.94 -0.69 -3.73
CA ASN A 50 11.79 -0.06 -2.71
C ASN A 50 12.45 1.19 -3.27
N ASP A 51 12.81 1.16 -4.54
CA ASP A 51 13.45 2.30 -5.19
C ASP A 51 12.44 3.39 -5.51
N LYS A 52 11.21 2.99 -5.77
CA LYS A 52 10.13 3.94 -6.08
C LYS A 52 9.89 4.87 -4.91
N LEU A 53 10.15 4.40 -3.70
CA LEU A 53 9.96 5.19 -2.50
C LEU A 53 10.64 6.56 -2.64
N ASN A 54 11.73 6.60 -3.40
CA ASN A 54 12.47 7.84 -3.62
C ASN A 54 11.55 8.93 -4.13
N ASP A 55 10.59 8.55 -4.97
CA ASP A 55 9.64 9.51 -5.53
C ASP A 55 8.84 10.19 -4.43
N TYR A 56 8.25 9.40 -3.55
CA TYR A 56 7.46 9.93 -2.45
C TYR A 56 8.35 10.59 -1.40
N TYR A 57 9.57 10.09 -1.27
CA TYR A 57 10.52 10.63 -0.31
C TYR A 57 10.61 12.15 -0.43
N ALA A 58 10.57 12.65 -1.66
CA ALA A 58 10.66 14.08 -1.90
C ALA A 58 9.59 14.84 -1.10
N LEU A 59 8.46 14.18 -0.87
CA LEU A 59 7.37 14.79 -0.12
C LEU A 59 7.81 15.14 1.30
N LYS A 60 8.93 14.55 1.73
CA LYS A 60 9.45 14.80 3.06
C LYS A 60 9.51 16.29 3.36
N HIS A 61 9.74 17.09 2.31
CA HIS A 61 9.82 18.54 2.45
C HIS A 61 8.60 19.07 3.22
N VAL A 62 7.45 18.43 3.02
CA VAL A 62 6.23 18.84 3.68
C VAL A 62 5.90 17.91 4.85
N PRO A 63 5.99 18.45 6.07
CA PRO A 63 5.71 17.68 7.29
C PRO A 63 4.22 17.37 7.45
N LYS A 64 3.38 18.25 6.94
CA LYS A 64 1.93 18.07 7.01
C LYS A 64 1.52 16.79 6.28
N CYS A 65 2.01 16.62 5.06
CA CYS A 65 1.68 15.44 4.26
C CYS A 65 2.59 14.28 4.61
N TRP A 66 3.81 14.60 5.06
CA TRP A 66 4.78 13.58 5.43
C TRP A 66 4.24 12.69 6.55
N ALA A 67 3.86 13.32 7.66
CA ALA A 67 3.34 12.59 8.81
C ALA A 67 1.99 11.94 8.46
N ALA A 68 1.42 12.34 7.33
CA ALA A 68 0.14 11.79 6.89
C ALA A 68 0.31 10.39 6.31
N ILE A 69 1.43 10.16 5.63
CA ILE A 69 1.71 8.87 5.03
C ILE A 69 2.55 8.01 5.96
N GLN A 70 2.68 8.43 7.20
CA GLN A 70 3.47 7.70 8.19
C GLN A 70 2.91 6.30 8.40
N PRO A 71 1.65 6.22 8.84
CA PRO A 71 0.96 4.94 9.09
C PRO A 71 0.67 4.19 7.80
N PHE A 72 0.50 4.93 6.71
CA PHE A 72 0.20 4.33 5.41
C PHE A 72 1.48 3.87 4.73
N LEU A 73 2.61 4.38 5.19
CA LEU A 73 3.91 4.03 4.62
C LEU A 73 4.09 2.52 4.60
N CYS A 74 3.36 1.82 5.46
CA CYS A 74 3.44 0.37 5.54
C CYS A 74 2.33 -0.29 4.73
N ALA A 75 1.16 0.33 4.74
CA ALA A 75 0.02 -0.19 4.01
C ALA A 75 0.03 0.29 2.56
N VAL A 76 1.09 0.98 2.19
CA VAL A 76 1.23 1.50 0.83
C VAL A 76 2.28 0.74 0.06
N PHE A 77 3.36 0.36 0.74
CA PHE A 77 4.45 -0.39 0.12
C PHE A 77 4.51 -1.81 0.65
N LYS A 78 4.11 -1.99 1.91
CA LYS A 78 4.11 -3.31 2.53
C LYS A 78 2.69 -3.79 2.80
N PRO A 79 2.02 -4.26 1.73
CA PRO A 79 0.65 -4.77 1.82
C PRO A 79 0.56 -6.08 2.58
N LYS A 80 -0.52 -6.26 3.33
CA LYS A 80 -0.73 -7.47 4.11
C LYS A 80 -1.16 -8.63 3.21
N CYS A 81 -0.22 -9.52 2.91
CA CYS A 81 -0.49 -10.68 2.06
C CYS A 81 -0.54 -11.96 2.89
N GLU A 82 -1.71 -12.60 2.92
CA GLU A 82 -1.89 -13.82 3.66
C GLU A 82 -2.67 -14.86 2.84
N LYS A 83 -2.49 -16.13 3.19
CA LYS A 83 -3.16 -17.21 2.48
C LYS A 83 -4.45 -17.60 3.20
N ILE A 84 -5.59 -17.29 2.59
CA ILE A 84 -6.88 -17.62 3.17
C ILE A 84 -7.37 -18.99 2.71
N ASN A 85 -7.53 -19.91 3.66
CA ASN A 85 -8.00 -21.26 3.34
C ASN A 85 -7.08 -21.92 2.32
N GLY A 86 -5.83 -21.46 2.27
CA GLY A 86 -4.87 -22.03 1.34
C GLY A 86 -4.84 -21.27 0.01
N GLU A 87 -5.39 -20.07 0.01
CA GLU A 87 -5.43 -19.26 -1.20
C GLU A 87 -4.63 -17.97 -1.02
N ASP A 88 -3.58 -17.82 -1.80
CA ASP A 88 -2.73 -16.64 -1.73
C ASP A 88 -3.51 -15.38 -2.08
N MET A 89 -3.84 -14.59 -1.06
CA MET A 89 -4.59 -13.36 -1.28
C MET A 89 -3.82 -12.15 -0.76
N VAL A 90 -4.26 -10.97 -1.13
CA VAL A 90 -3.60 -9.73 -0.70
C VAL A 90 -4.61 -8.73 -0.14
N TYR A 91 -4.16 -7.89 0.77
CA TYR A 91 -5.03 -6.89 1.39
C TYR A 91 -4.65 -5.48 0.94
N LEU A 92 -5.66 -4.65 0.67
CA LEU A 92 -5.43 -3.29 0.23
C LEU A 92 -5.85 -2.29 1.30
N PRO A 93 -5.32 -1.06 1.21
CA PRO A 93 -5.63 0.01 2.16
C PRO A 93 -7.07 0.51 2.03
N SER A 94 -7.65 0.94 3.14
CA SER A 94 -9.02 1.45 3.14
C SER A 94 -9.05 2.95 2.86
N TYR A 95 -10.23 3.46 2.55
CA TYR A 95 -10.40 4.88 2.25
C TYR A 95 -9.81 5.74 3.36
N GLU A 96 -9.90 5.25 4.60
CA GLU A 96 -9.37 5.96 5.75
C GLU A 96 -7.87 6.14 5.64
N MET A 97 -7.16 5.01 5.52
CA MET A 97 -5.70 5.04 5.40
C MET A 97 -5.26 5.98 4.28
N CYS A 98 -5.95 5.90 3.15
CA CYS A 98 -5.62 6.73 2.00
C CYS A 98 -6.08 8.18 2.23
N ARG A 99 -7.06 8.35 3.12
CA ARG A 99 -7.59 9.67 3.43
C ARG A 99 -6.59 10.47 4.26
N ILE A 100 -5.80 9.77 5.07
CA ILE A 100 -4.81 10.42 5.91
C ILE A 100 -3.90 11.32 5.10
N THR A 101 -3.75 11.00 3.81
CA THR A 101 -2.92 11.79 2.92
C THR A 101 -3.71 12.89 2.23
N MET A 102 -4.96 12.59 1.91
CA MET A 102 -5.84 13.56 1.25
C MET A 102 -6.22 14.68 2.21
N GLU A 103 -6.32 14.36 3.49
CA GLU A 103 -6.68 15.34 4.51
C GLU A 103 -5.82 16.59 4.39
N PRO A 104 -4.50 16.42 4.54
CA PRO A 104 -3.54 17.52 4.44
C PRO A 104 -3.41 18.07 3.02
N CYS A 105 -3.22 17.15 2.07
CA CYS A 105 -3.07 17.54 0.66
C CYS A 105 -4.38 17.31 -0.09
N ARG A 106 -5.35 18.18 0.14
CA ARG A 106 -6.64 18.07 -0.52
C ARG A 106 -6.49 18.20 -2.03
N ILE A 107 -5.41 18.83 -2.47
CA ILE A 107 -5.15 19.01 -3.89
C ILE A 107 -5.15 17.68 -4.62
N LEU A 108 -4.93 16.60 -3.88
CA LEU A 108 -4.91 15.26 -4.46
C LEU A 108 -6.28 14.59 -4.35
N TYR A 109 -7.33 15.41 -4.38
CA TYR A 109 -8.70 14.89 -4.27
C TYR A 109 -8.90 13.70 -5.19
N ASN A 110 -8.20 13.70 -6.33
CA ASN A 110 -8.31 12.61 -7.28
C ASN A 110 -7.42 12.87 -8.50
N THR A 111 -7.25 14.14 -8.84
CA THR A 111 -6.42 14.52 -9.98
C THR A 111 -5.07 13.81 -9.94
N THR A 112 -4.47 13.63 -11.11
CA THR A 112 -3.18 12.96 -11.21
C THR A 112 -2.05 13.88 -10.79
N PHE A 113 -2.09 14.34 -9.54
CA PHE A 113 -1.07 15.24 -9.01
C PHE A 113 0.08 14.44 -8.40
N PHE A 114 -0.26 13.32 -7.77
CA PHE A 114 0.75 12.47 -7.14
C PHE A 114 0.22 11.05 -6.97
N PRO A 115 0.02 10.35 -8.09
CA PRO A 115 -0.49 8.97 -8.09
C PRO A 115 0.54 7.98 -7.55
N LYS A 116 1.77 8.07 -8.05
CA LYS A 116 2.84 7.19 -7.62
C LYS A 116 3.08 7.32 -6.11
N PHE A 117 2.94 8.54 -5.60
CA PHE A 117 3.14 8.80 -4.18
C PHE A 117 1.99 8.23 -3.35
N LEU A 118 0.79 8.29 -3.91
CA LEU A 118 -0.40 7.79 -3.22
C LEU A 118 -0.46 6.26 -3.31
N ARG A 119 -0.67 5.75 -4.51
CA ARG A 119 -0.75 4.31 -4.72
C ARG A 119 -1.94 3.71 -3.98
N CYS A 120 -2.94 4.55 -3.70
CA CYS A 120 -4.14 4.11 -2.99
C CYS A 120 -5.40 4.41 -3.80
N ASN A 121 -6.37 3.51 -3.73
CA ASN A 121 -7.62 3.68 -4.46
C ASN A 121 -8.25 5.04 -4.15
N GLU A 122 -8.44 5.84 -5.19
CA GLU A 122 -9.02 7.18 -5.03
C GLU A 122 -10.41 7.23 -5.65
N THR A 123 -10.46 7.28 -6.98
CA THR A 123 -11.73 7.34 -7.70
C THR A 123 -12.50 6.02 -7.57
N LEU A 124 -11.78 4.96 -7.23
CA LEU A 124 -12.39 3.65 -7.08
C LEU A 124 -13.46 3.67 -5.97
N PHE A 125 -13.95 2.48 -5.62
CA PHE A 125 -14.97 2.37 -4.59
C PHE A 125 -14.44 1.61 -3.38
N PRO A 126 -13.53 2.26 -2.63
CA PRO A 126 -12.93 1.66 -1.42
C PRO A 126 -13.93 1.52 -0.28
N THR A 127 -14.65 2.59 0.01
CA THR A 127 -15.63 2.58 1.08
C THR A 127 -16.68 1.50 0.85
N LYS A 128 -16.90 1.15 -0.41
CA LYS A 128 -17.88 0.13 -0.76
C LYS A 128 -19.22 0.40 -0.08
N SER A 1 -5.75 -15.14 -13.64
CA SER A 1 -5.24 -16.00 -12.59
C SER A 1 -6.32 -16.28 -11.54
N GLY A 2 -6.86 -15.20 -10.97
CA GLY A 2 -7.89 -15.33 -9.96
C GLY A 2 -8.19 -14.03 -9.25
N LEU A 3 -9.45 -13.84 -8.87
CA LEU A 3 -9.86 -12.62 -8.18
C LEU A 3 -11.00 -12.90 -7.20
N VAL A 4 -10.95 -12.24 -6.06
CA VAL A 4 -11.98 -12.42 -5.03
C VAL A 4 -13.07 -11.35 -5.14
N PRO A 5 -14.30 -11.72 -4.76
CA PRO A 5 -15.44 -10.80 -4.81
C PRO A 5 -15.34 -9.69 -3.76
N ARG A 6 -15.81 -10.00 -2.55
CA ARG A 6 -15.77 -9.02 -1.47
C ARG A 6 -16.51 -7.74 -1.85
N GLY A 7 -16.54 -6.77 -0.94
CA GLY A 7 -17.22 -5.53 -1.19
C GLY A 7 -16.79 -4.89 -2.51
N SER A 8 -15.51 -4.52 -2.59
CA SER A 8 -14.98 -3.89 -3.79
C SER A 8 -13.50 -3.58 -3.63
N HIS A 9 -12.66 -4.31 -4.35
CA HIS A 9 -11.21 -4.11 -4.29
C HIS A 9 -10.73 -4.14 -2.85
N MET A 10 -10.74 -5.32 -2.24
CA MET A 10 -10.30 -5.49 -0.87
C MET A 10 -9.31 -6.64 -0.74
N VAL A 11 -9.63 -7.77 -1.36
CA VAL A 11 -8.77 -8.94 -1.32
C VAL A 11 -8.76 -9.65 -2.67
N ARG A 12 -7.66 -10.34 -2.97
CA ARG A 12 -7.53 -11.07 -4.22
C ARG A 12 -6.36 -12.06 -4.15
N ARG A 13 -6.53 -13.20 -4.82
CA ARG A 13 -5.49 -14.22 -4.83
C ARG A 13 -4.28 -13.77 -5.63
N ALA A 14 -3.42 -12.97 -4.99
CA ALA A 14 -2.22 -12.46 -5.64
C ALA A 14 -0.98 -13.25 -5.21
N ARG A 15 0.18 -12.74 -5.57
CA ARG A 15 1.44 -13.40 -5.23
C ARG A 15 1.84 -13.09 -3.78
N CYS A 16 2.97 -13.65 -3.35
CA CYS A 16 3.46 -13.43 -2.00
C CYS A 16 4.92 -13.84 -1.88
N TYR A 17 5.76 -12.90 -1.46
CA TYR A 17 7.19 -13.17 -1.30
C TYR A 17 7.68 -12.71 0.07
N PRO A 18 8.73 -13.38 0.58
CA PRO A 18 9.32 -13.06 1.87
C PRO A 18 10.04 -11.72 1.88
N THR A 19 9.50 -10.76 2.61
CA THR A 19 10.10 -9.42 2.69
C THR A 19 11.48 -9.48 3.31
N SER A 20 11.54 -9.73 4.61
CA SER A 20 12.80 -9.80 5.33
C SER A 20 13.08 -11.24 5.78
N ASN A 21 14.29 -11.46 6.28
CA ASN A 21 14.69 -12.78 6.75
C ASN A 21 13.75 -13.29 7.84
N ALA A 22 13.53 -12.45 8.85
CA ALA A 22 12.64 -12.80 9.95
C ALA A 22 11.23 -12.27 9.72
N THR A 23 11.13 -10.96 9.51
CA THR A 23 9.85 -10.32 9.28
C THR A 23 10.02 -8.89 8.75
N ASN A 24 9.00 -8.39 8.06
CA ASN A 24 9.05 -7.05 7.49
C ASN A 24 8.91 -6.00 8.60
N THR A 25 9.65 -4.91 8.44
CA THR A 25 9.62 -3.81 9.42
C THR A 25 9.23 -2.51 8.76
N CYS A 26 8.63 -1.61 9.54
CA CYS A 26 8.21 -0.31 9.04
C CYS A 26 8.51 0.80 10.06
N PHE A 27 9.61 1.50 9.84
CA PHE A 27 10.02 2.58 10.73
C PHE A 27 10.04 2.11 12.18
N GLY A 28 10.86 1.11 12.46
CA GLY A 28 10.96 0.57 13.81
C GLY A 28 9.86 -0.42 14.13
N SER A 29 8.61 0.01 13.94
CA SER A 29 7.46 -0.84 14.22
C SER A 29 7.37 -1.98 13.20
N LYS A 30 7.60 -3.19 13.65
CA LYS A 30 7.54 -4.36 12.78
C LYS A 30 6.10 -4.67 12.37
N LEU A 31 5.92 -5.08 11.12
CA LEU A 31 4.59 -5.41 10.62
C LEU A 31 4.18 -6.81 11.04
N PRO A 32 2.86 -7.03 11.14
CA PRO A 32 2.30 -8.33 11.54
C PRO A 32 2.49 -9.40 10.47
N TYR A 33 2.99 -8.98 9.31
CA TYR A 33 3.22 -9.91 8.20
C TYR A 33 4.71 -9.95 7.84
N GLU A 34 5.12 -11.06 7.24
CA GLU A 34 6.52 -11.22 6.84
C GLU A 34 6.63 -11.39 5.33
N LEU A 35 5.48 -11.34 4.65
CA LEU A 35 5.46 -11.49 3.19
C LEU A 35 4.94 -10.22 2.53
N SER A 36 5.01 -10.18 1.20
CA SER A 36 4.56 -9.02 0.45
C SER A 36 4.12 -9.43 -0.96
N SER A 37 3.19 -8.66 -1.53
CA SER A 37 2.68 -8.94 -2.86
C SER A 37 3.00 -7.80 -3.82
N LEU A 38 3.98 -8.01 -4.68
CA LEU A 38 4.39 -6.99 -5.65
C LEU A 38 3.23 -6.63 -6.57
N ASP A 39 2.31 -7.57 -6.76
CA ASP A 39 1.15 -7.35 -7.61
C ASP A 39 0.32 -6.17 -7.11
N LEU A 40 0.39 -5.91 -5.81
CA LEU A 40 -0.34 -4.81 -5.21
C LEU A 40 -0.01 -3.49 -5.89
N THR A 41 1.18 -3.43 -6.49
CA THR A 41 1.61 -2.23 -7.19
C THR A 41 1.70 -2.45 -8.69
N ASP A 42 2.14 -1.43 -9.41
CA ASP A 42 2.28 -1.52 -10.86
C ASP A 42 3.75 -1.58 -11.27
N PHE A 43 4.45 -2.59 -10.79
CA PHE A 43 5.87 -2.75 -11.10
C PHE A 43 6.13 -4.10 -11.76
N HIS A 44 7.40 -4.44 -11.93
CA HIS A 44 7.79 -5.71 -12.55
C HIS A 44 8.81 -6.44 -11.68
N THR A 45 8.96 -6.00 -10.44
CA THR A 45 9.90 -6.62 -9.51
C THR A 45 9.91 -5.89 -8.17
N GLU A 46 10.37 -6.58 -7.13
CA GLU A 46 10.42 -6.01 -5.80
C GLU A 46 11.31 -4.77 -5.78
N LYS A 47 12.47 -4.87 -6.44
CA LYS A 47 13.41 -3.76 -6.50
C LYS A 47 12.74 -2.50 -7.01
N GLU A 48 11.78 -2.67 -7.92
CA GLU A 48 11.06 -1.54 -8.49
C GLU A 48 10.20 -0.86 -7.44
N LEU A 49 9.57 -1.66 -6.58
CA LEU A 49 8.72 -1.14 -5.52
C LEU A 49 9.54 -0.38 -4.48
N ASN A 50 10.66 -0.98 -4.06
CA ASN A 50 11.53 -0.37 -3.07
C ASN A 50 12.27 0.83 -3.66
N ASP A 51 12.48 0.78 -4.98
CA ASP A 51 13.18 1.86 -5.66
C ASP A 51 12.27 3.08 -5.83
N LYS A 52 11.01 2.83 -6.16
CA LYS A 52 10.05 3.90 -6.35
C LYS A 52 9.93 4.76 -5.09
N LEU A 53 10.14 4.14 -3.94
CA LEU A 53 10.08 4.86 -2.66
C LEU A 53 10.93 6.12 -2.70
N ASN A 54 12.05 6.05 -3.41
CA ASN A 54 12.96 7.18 -3.53
C ASN A 54 12.23 8.42 -4.06
N ASP A 55 11.32 8.19 -5.00
CA ASP A 55 10.55 9.28 -5.59
C ASP A 55 9.72 9.99 -4.54
N TYR A 56 8.94 9.22 -3.78
CA TYR A 56 8.10 9.79 -2.74
C TYR A 56 8.94 10.37 -1.61
N TYR A 57 10.11 9.79 -1.39
CA TYR A 57 11.02 10.25 -0.35
C TYR A 57 11.20 11.76 -0.41
N ALA A 58 11.23 12.30 -1.63
CA ALA A 58 11.41 13.73 -1.83
C ALA A 58 10.35 14.52 -1.05
N LEU A 59 9.18 13.93 -0.86
CA LEU A 59 8.10 14.56 -0.13
C LEU A 59 8.51 14.85 1.31
N LYS A 60 9.57 14.20 1.76
CA LYS A 60 10.08 14.40 3.12
C LYS A 60 10.23 15.88 3.44
N HIS A 61 10.55 16.68 2.43
CA HIS A 61 10.72 18.11 2.60
C HIS A 61 9.51 18.72 3.32
N VAL A 62 8.34 18.12 3.10
CA VAL A 62 7.12 18.59 3.73
C VAL A 62 6.62 17.62 4.79
N PRO A 63 6.75 18.03 6.06
CA PRO A 63 6.32 17.20 7.20
C PRO A 63 4.81 17.08 7.29
N LYS A 64 4.11 18.05 6.71
CA LYS A 64 2.64 18.05 6.73
C LYS A 64 2.10 16.80 6.06
N CYS A 65 2.56 16.53 4.84
CA CYS A 65 2.12 15.35 4.10
C CYS A 65 2.96 14.13 4.45
N TRP A 66 4.24 14.36 4.73
CA TRP A 66 5.15 13.28 5.08
C TRP A 66 4.61 12.47 6.26
N ALA A 67 4.32 13.15 7.36
CA ALA A 67 3.80 12.50 8.55
C ALA A 67 2.43 11.90 8.28
N ALA A 68 1.82 12.30 7.18
CA ALA A 68 0.51 11.79 6.80
C ALA A 68 0.60 10.38 6.23
N ILE A 69 1.69 10.09 5.53
CA ILE A 69 1.90 8.78 4.93
C ILE A 69 2.76 7.91 5.83
N GLN A 70 2.96 8.34 7.07
CA GLN A 70 3.77 7.60 8.03
C GLN A 70 3.19 6.19 8.25
N PRO A 71 1.94 6.14 8.70
CA PRO A 71 1.24 4.87 8.95
C PRO A 71 0.93 4.11 7.67
N PHE A 72 0.68 4.86 6.59
CA PHE A 72 0.35 4.25 5.31
C PHE A 72 1.63 3.79 4.60
N LEU A 73 2.77 4.27 5.06
CA LEU A 73 4.05 3.90 4.47
C LEU A 73 4.24 2.39 4.47
N CYS A 74 3.51 1.71 5.34
CA CYS A 74 3.58 0.26 5.43
C CYS A 74 2.47 -0.41 4.64
N ALA A 75 1.29 0.18 4.68
CA ALA A 75 0.14 -0.35 3.95
C ALA A 75 0.13 0.14 2.51
N VAL A 76 1.18 0.85 2.12
CA VAL A 76 1.30 1.36 0.76
C VAL A 76 2.34 0.60 -0.04
N PHE A 77 3.42 0.19 0.64
CA PHE A 77 4.49 -0.56 0.00
C PHE A 77 4.54 -1.99 0.52
N LYS A 78 4.24 -2.16 1.79
CA LYS A 78 4.25 -3.48 2.42
C LYS A 78 2.84 -3.92 2.79
N PRO A 79 2.06 -4.34 1.78
CA PRO A 79 0.68 -4.80 1.97
C PRO A 79 0.61 -6.13 2.71
N LYS A 80 -0.35 -6.24 3.64
CA LYS A 80 -0.52 -7.46 4.41
C LYS A 80 -0.93 -8.63 3.51
N CYS A 81 0.06 -9.40 3.08
CA CYS A 81 -0.19 -10.55 2.21
C CYS A 81 -0.19 -11.85 3.01
N GLU A 82 -1.35 -12.49 3.10
CA GLU A 82 -1.49 -13.73 3.82
C GLU A 82 -2.26 -14.77 3.00
N LYS A 83 -2.39 -15.97 3.56
CA LYS A 83 -3.10 -17.05 2.88
C LYS A 83 -4.47 -17.26 3.51
N ILE A 84 -5.51 -16.83 2.81
CA ILE A 84 -6.88 -16.98 3.30
C ILE A 84 -7.48 -18.31 2.84
N ASN A 85 -7.79 -19.17 3.80
CA ASN A 85 -8.37 -20.48 3.50
C ASN A 85 -7.40 -21.33 2.67
N GLY A 86 -6.11 -20.98 2.72
CA GLY A 86 -5.12 -21.72 1.98
C GLY A 86 -4.84 -21.11 0.61
N GLU A 87 -5.26 -19.87 0.43
CA GLU A 87 -5.06 -19.17 -0.84
C GLU A 87 -4.29 -17.87 -0.63
N ASP A 88 -3.15 -17.75 -1.29
CA ASP A 88 -2.32 -16.56 -1.18
C ASP A 88 -3.09 -15.32 -1.64
N MET A 89 -3.60 -14.55 -0.67
CA MET A 89 -4.36 -13.34 -0.99
C MET A 89 -3.61 -12.10 -0.52
N VAL A 90 -4.14 -10.93 -0.86
CA VAL A 90 -3.51 -9.67 -0.48
C VAL A 90 -4.53 -8.74 0.18
N TYR A 91 -4.04 -7.84 1.02
CA TYR A 91 -4.90 -6.88 1.71
C TYR A 91 -4.60 -5.46 1.28
N LEU A 92 -5.58 -4.81 0.67
CA LEU A 92 -5.42 -3.44 0.20
C LEU A 92 -5.74 -2.44 1.31
N PRO A 93 -5.18 -1.23 1.20
CA PRO A 93 -5.39 -0.16 2.19
C PRO A 93 -6.82 0.38 2.16
N SER A 94 -7.41 0.51 3.35
CA SER A 94 -8.78 1.02 3.45
C SER A 94 -8.82 2.51 3.18
N TYR A 95 -10.01 3.02 2.86
CA TYR A 95 -10.19 4.43 2.57
C TYR A 95 -9.60 5.29 3.68
N GLU A 96 -9.69 4.80 4.91
CA GLU A 96 -9.16 5.52 6.06
C GLU A 96 -7.65 5.71 5.95
N MET A 97 -6.93 4.60 5.74
CA MET A 97 -5.48 4.64 5.62
C MET A 97 -5.06 5.68 4.58
N CYS A 98 -5.70 5.63 3.41
CA CYS A 98 -5.38 6.57 2.34
C CYS A 98 -5.87 7.98 2.68
N ARG A 99 -6.93 8.05 3.48
CA ARG A 99 -7.49 9.34 3.89
C ARG A 99 -6.63 10.00 4.94
N ILE A 100 -5.76 9.21 5.58
CA ILE A 100 -4.88 9.72 6.61
C ILE A 100 -4.16 10.99 6.13
N THR A 101 -3.90 11.06 4.84
CA THR A 101 -3.21 12.21 4.26
C THR A 101 -4.21 13.25 3.76
N MET A 102 -5.34 13.35 4.45
CA MET A 102 -6.37 14.31 4.08
C MET A 102 -6.04 15.71 4.62
N GLU A 103 -5.52 15.75 5.84
CA GLU A 103 -5.17 17.02 6.47
C GLU A 103 -4.26 17.84 5.56
N PRO A 104 -3.07 17.30 5.27
CA PRO A 104 -2.08 17.96 4.42
C PRO A 104 -2.52 18.01 2.96
N CYS A 105 -2.22 16.96 2.21
CA CYS A 105 -2.58 16.89 0.80
C CYS A 105 -4.07 16.58 0.64
N ARG A 106 -4.90 17.61 0.77
CA ARG A 106 -6.34 17.45 0.64
C ARG A 106 -6.76 17.45 -0.83
N ILE A 107 -5.91 18.03 -1.68
CA ILE A 107 -6.20 18.10 -3.10
C ILE A 107 -6.26 16.70 -3.71
N LEU A 108 -5.76 15.71 -2.98
CA LEU A 108 -5.78 14.34 -3.45
C LEU A 108 -7.01 13.59 -2.95
N TYR A 109 -8.10 14.33 -2.75
CA TYR A 109 -9.34 13.74 -2.27
C TYR A 109 -9.67 12.46 -3.03
N ASN A 110 -9.28 12.42 -4.30
CA ASN A 110 -9.54 11.26 -5.14
C ASN A 110 -8.98 11.47 -6.54
N THR A 111 -9.02 12.71 -7.01
CA THR A 111 -8.51 13.03 -8.34
C THR A 111 -7.09 12.50 -8.54
N THR A 112 -6.68 12.38 -9.79
CA THR A 112 -5.35 11.89 -10.11
C THR A 112 -4.37 13.04 -10.33
N PHE A 113 -3.46 13.23 -9.38
CA PHE A 113 -2.47 14.30 -9.47
C PHE A 113 -1.06 13.73 -9.56
N PHE A 114 -0.69 12.94 -8.56
CA PHE A 114 0.64 12.33 -8.53
C PHE A 114 0.61 10.99 -7.79
N PRO A 115 0.04 9.97 -8.44
CA PRO A 115 -0.07 8.63 -7.87
C PRO A 115 1.28 7.93 -7.75
N LYS A 116 2.32 8.57 -8.30
CA LYS A 116 3.67 8.02 -8.25
C LYS A 116 4.19 7.97 -6.82
N PHE A 117 3.66 8.85 -5.97
CA PHE A 117 4.06 8.90 -4.57
C PHE A 117 2.90 8.54 -3.65
N LEU A 118 1.69 8.68 -4.17
CA LEU A 118 0.50 8.37 -3.39
C LEU A 118 -0.36 7.31 -4.08
N ARG A 119 0.31 6.32 -4.67
CA ARG A 119 -0.38 5.24 -5.36
C ARG A 119 -1.27 4.46 -4.41
N CYS A 120 -2.52 4.87 -4.28
CA CYS A 120 -3.47 4.21 -3.40
C CYS A 120 -4.85 4.12 -4.05
N ASN A 121 -5.61 3.10 -3.66
CA ASN A 121 -6.95 2.89 -4.20
C ASN A 121 -7.76 4.18 -4.11
N GLU A 122 -8.69 4.35 -5.06
CA GLU A 122 -9.54 5.54 -5.10
C GLU A 122 -10.65 5.38 -6.13
N THR A 123 -11.79 5.98 -5.84
CA THR A 123 -12.95 5.90 -6.74
C THR A 123 -13.24 4.46 -7.14
N LEU A 124 -12.89 3.53 -6.26
CA LEU A 124 -13.13 2.11 -6.52
C LEU A 124 -13.95 1.48 -5.41
N PHE A 125 -14.58 2.33 -4.58
CA PHE A 125 -15.41 1.85 -3.49
C PHE A 125 -14.56 1.13 -2.45
N PRO A 126 -13.68 1.88 -1.76
CA PRO A 126 -12.80 1.33 -0.73
C PRO A 126 -13.56 0.92 0.52
N THR A 127 -14.42 1.80 1.03
CA THR A 127 -15.20 1.52 2.22
C THR A 127 -15.91 0.17 2.10
N LYS A 128 -16.96 0.14 1.28
CA LYS A 128 -17.73 -1.08 1.08
C LYS A 128 -18.68 -0.94 -0.11
N SER A 1 -8.19 -16.90 -13.19
CA SER A 1 -8.53 -15.66 -12.49
C SER A 1 -7.70 -15.51 -11.22
N GLY A 2 -7.60 -14.28 -10.73
CA GLY A 2 -6.84 -14.03 -9.51
C GLY A 2 -7.39 -12.86 -8.72
N LEU A 3 -8.66 -12.94 -8.37
CA LEU A 3 -9.31 -11.87 -7.61
C LEU A 3 -10.59 -12.38 -6.95
N VAL A 4 -10.52 -12.62 -5.64
CA VAL A 4 -11.68 -13.10 -4.89
C VAL A 4 -12.90 -12.22 -5.14
N PRO A 5 -14.04 -12.86 -5.40
CA PRO A 5 -15.31 -12.15 -5.66
C PRO A 5 -15.86 -11.48 -4.41
N ARG A 6 -15.62 -10.18 -4.28
CA ARG A 6 -16.09 -9.42 -3.13
C ARG A 6 -16.90 -8.21 -3.58
N GLY A 7 -17.20 -7.32 -2.63
CA GLY A 7 -17.97 -6.14 -2.95
C GLY A 7 -17.39 -5.36 -4.10
N SER A 8 -16.11 -5.02 -4.01
CA SER A 8 -15.44 -4.26 -5.05
C SER A 8 -13.92 -4.38 -4.91
N HIS A 9 -13.37 -3.67 -3.93
CA HIS A 9 -11.93 -3.70 -3.70
C HIS A 9 -11.63 -3.88 -2.21
N MET A 10 -10.83 -4.90 -1.91
CA MET A 10 -10.46 -5.19 -0.51
C MET A 10 -9.48 -6.35 -0.44
N VAL A 11 -9.78 -7.41 -1.20
CA VAL A 11 -8.92 -8.60 -1.22
C VAL A 11 -8.86 -9.20 -2.62
N ARG A 12 -7.79 -9.94 -2.89
CA ARG A 12 -7.60 -10.58 -4.19
C ARG A 12 -6.49 -11.61 -4.14
N ARG A 13 -6.65 -12.69 -4.89
CA ARG A 13 -5.66 -13.76 -4.92
C ARG A 13 -4.35 -13.27 -5.55
N ALA A 14 -3.51 -12.66 -4.74
CA ALA A 14 -2.23 -12.14 -5.21
C ALA A 14 -1.07 -12.98 -4.68
N ARG A 15 0.06 -12.93 -5.40
CA ARG A 15 1.24 -13.69 -4.99
C ARG A 15 1.94 -13.03 -3.82
N CYS A 16 2.42 -13.84 -2.88
CA CYS A 16 3.12 -13.33 -1.71
C CYS A 16 4.55 -13.86 -1.65
N TYR A 17 5.49 -12.99 -1.33
CA TYR A 17 6.89 -13.38 -1.23
C TYR A 17 7.50 -12.91 0.09
N PRO A 18 8.53 -13.62 0.55
CA PRO A 18 9.22 -13.30 1.80
C PRO A 18 10.04 -12.01 1.70
N THR A 19 9.63 -11.00 2.46
CA THR A 19 10.32 -9.72 2.46
C THR A 19 11.73 -9.84 3.03
N SER A 20 11.81 -10.04 4.35
CA SER A 20 13.10 -10.17 5.02
C SER A 20 13.30 -11.60 5.51
N ASN A 21 14.43 -11.84 6.18
CA ASN A 21 14.75 -13.15 6.70
C ASN A 21 13.79 -13.54 7.82
N ALA A 22 13.60 -12.63 8.77
CA ALA A 22 12.70 -12.87 9.90
C ALA A 22 11.32 -12.28 9.63
N THR A 23 11.29 -10.98 9.35
CA THR A 23 10.04 -10.30 9.07
C THR A 23 10.28 -8.88 8.57
N ASN A 24 9.32 -8.35 7.82
CA ASN A 24 9.44 -7.01 7.26
C ASN A 24 9.28 -5.95 8.36
N THR A 25 10.02 -4.85 8.22
CA THR A 25 9.96 -3.77 9.20
C THR A 25 9.52 -2.46 8.55
N CYS A 26 8.95 -1.58 9.36
CA CYS A 26 8.48 -0.29 8.86
C CYS A 26 8.77 0.82 9.87
N PHE A 27 9.83 1.58 9.61
CA PHE A 27 10.22 2.67 10.50
C PHE A 27 10.33 2.20 11.94
N GLY A 28 11.20 1.23 12.18
CA GLY A 28 11.37 0.70 13.52
C GLY A 28 10.32 -0.33 13.88
N SER A 29 9.05 0.07 13.77
CA SER A 29 7.94 -0.82 14.08
C SER A 29 7.82 -1.94 13.04
N LYS A 30 8.05 -3.17 13.48
CA LYS A 30 7.97 -4.32 12.59
C LYS A 30 6.51 -4.63 12.23
N LEU A 31 6.29 -5.05 10.99
CA LEU A 31 4.95 -5.37 10.52
C LEU A 31 4.53 -6.76 10.98
N PRO A 32 3.21 -6.96 11.15
CA PRO A 32 2.66 -8.25 11.59
C PRO A 32 2.78 -9.33 10.52
N TYR A 33 3.23 -8.93 9.33
CA TYR A 33 3.40 -9.87 8.22
C TYR A 33 4.86 -9.94 7.78
N GLU A 34 5.24 -11.08 7.21
CA GLU A 34 6.61 -11.28 6.75
C GLU A 34 6.65 -11.48 5.25
N LEU A 35 5.48 -11.39 4.61
CA LEU A 35 5.39 -11.55 3.16
C LEU A 35 4.93 -10.27 2.50
N SER A 36 4.96 -10.24 1.16
CA SER A 36 4.55 -9.07 0.41
C SER A 36 4.11 -9.46 -1.00
N SER A 37 3.19 -8.68 -1.56
CA SER A 37 2.67 -8.95 -2.89
C SER A 37 2.97 -7.79 -3.83
N LEU A 38 3.91 -7.99 -4.73
CA LEU A 38 4.29 -6.95 -5.69
C LEU A 38 3.12 -6.57 -6.58
N ASP A 39 2.12 -7.45 -6.66
CA ASP A 39 0.94 -7.21 -7.47
C ASP A 39 0.20 -5.96 -6.99
N LEU A 40 0.35 -5.65 -5.70
CA LEU A 40 -0.29 -4.48 -5.12
C LEU A 40 0.08 -3.21 -5.87
N THR A 41 1.22 -3.25 -6.56
CA THR A 41 1.70 -2.11 -7.32
C THR A 41 1.69 -2.40 -8.81
N ASP A 42 2.16 -1.43 -9.60
CA ASP A 42 2.21 -1.59 -11.05
C ASP A 42 3.64 -1.88 -11.52
N PHE A 43 4.51 -2.20 -10.57
CA PHE A 43 5.90 -2.50 -10.88
C PHE A 43 6.05 -3.91 -11.43
N HIS A 44 7.29 -4.37 -11.55
CA HIS A 44 7.56 -5.72 -12.06
C HIS A 44 8.65 -6.40 -11.24
N THR A 45 8.93 -5.84 -10.07
CA THR A 45 9.95 -6.39 -9.18
C THR A 45 10.11 -5.55 -7.92
N GLU A 46 10.63 -6.16 -6.87
CA GLU A 46 10.83 -5.46 -5.60
C GLU A 46 11.75 -4.26 -5.77
N LYS A 47 12.81 -4.45 -6.56
CA LYS A 47 13.77 -3.38 -6.81
C LYS A 47 13.06 -2.13 -7.33
N GLU A 48 11.99 -2.33 -8.08
CA GLU A 48 11.23 -1.23 -8.64
C GLU A 48 10.44 -0.50 -7.55
N LEU A 49 9.82 -1.27 -6.66
CA LEU A 49 9.03 -0.71 -5.57
C LEU A 49 9.90 0.17 -4.68
N ASN A 50 11.06 -0.36 -4.28
CA ASN A 50 11.98 0.37 -3.41
C ASN A 50 12.60 1.55 -4.17
N ASP A 51 12.95 1.32 -5.43
CA ASP A 51 13.56 2.36 -6.25
C ASP A 51 12.60 3.54 -6.44
N LYS A 52 11.31 3.23 -6.45
CA LYS A 52 10.28 4.27 -6.61
C LYS A 52 10.09 5.05 -5.32
N LEU A 53 10.26 4.37 -4.19
CA LEU A 53 10.09 4.99 -2.88
C LEU A 53 10.92 6.27 -2.79
N ASN A 54 12.11 6.25 -3.40
CA ASN A 54 12.99 7.41 -3.38
C ASN A 54 12.28 8.65 -3.89
N ASP A 55 11.39 8.45 -4.87
CA ASP A 55 10.63 9.56 -5.44
C ASP A 55 9.75 10.23 -4.39
N TYR A 56 8.96 9.43 -3.69
CA TYR A 56 8.07 9.95 -2.66
C TYR A 56 8.87 10.53 -1.50
N TYR A 57 10.04 9.96 -1.26
CA TYR A 57 10.90 10.42 -0.17
C TYR A 57 11.06 11.93 -0.21
N ALA A 58 11.13 12.49 -1.41
CA ALA A 58 11.29 13.94 -1.58
C ALA A 58 10.19 14.69 -0.84
N LEU A 59 9.03 14.06 -0.71
CA LEU A 59 7.90 14.67 -0.02
C LEU A 59 8.24 14.95 1.45
N LYS A 60 9.29 14.31 1.92
CA LYS A 60 9.72 14.49 3.31
C LYS A 60 9.80 15.97 3.67
N HIS A 61 10.15 16.79 2.69
CA HIS A 61 10.27 18.22 2.90
C HIS A 61 9.00 18.78 3.56
N VAL A 62 7.85 18.22 3.17
CA VAL A 62 6.57 18.67 3.71
C VAL A 62 6.06 17.68 4.76
N PRO A 63 6.17 18.06 6.04
CA PRO A 63 5.73 17.22 7.16
C PRO A 63 4.20 17.12 7.22
N LYS A 64 3.52 18.13 6.71
CA LYS A 64 2.07 18.15 6.72
C LYS A 64 1.50 16.92 6.01
N CYS A 65 2.15 16.52 4.92
CA CYS A 65 1.72 15.36 4.16
C CYS A 65 2.60 14.15 4.47
N TRP A 66 3.89 14.40 4.68
CA TRP A 66 4.83 13.33 4.98
C TRP A 66 4.36 12.51 6.18
N ALA A 67 4.10 13.19 7.29
CA ALA A 67 3.65 12.52 8.50
C ALA A 67 2.28 11.86 8.29
N ALA A 68 1.62 12.23 7.18
CA ALA A 68 0.32 11.67 6.87
C ALA A 68 0.43 10.28 6.29
N ILE A 69 1.53 10.03 5.57
CA ILE A 69 1.76 8.72 4.97
C ILE A 69 2.68 7.87 5.84
N GLN A 70 2.90 8.31 7.07
CA GLN A 70 3.77 7.60 8.00
C GLN A 70 3.25 6.18 8.24
N PRO A 71 2.02 6.09 8.76
CA PRO A 71 1.37 4.80 9.05
C PRO A 71 1.01 4.03 7.78
N PHE A 72 0.69 4.76 6.72
CA PHE A 72 0.34 4.15 5.45
C PHE A 72 1.58 3.72 4.68
N LEU A 73 2.74 4.24 5.09
CA LEU A 73 4.00 3.91 4.45
C LEU A 73 4.22 2.41 4.41
N CYS A 74 3.55 1.70 5.31
CA CYS A 74 3.67 0.23 5.37
C CYS A 74 2.52 -0.44 4.62
N ALA A 75 1.32 0.13 4.74
CA ALA A 75 0.15 -0.41 4.07
C ALA A 75 0.07 0.07 2.62
N VAL A 76 1.10 0.79 2.19
CA VAL A 76 1.14 1.32 0.83
C VAL A 76 2.17 0.57 -0.01
N PHE A 77 3.27 0.17 0.62
CA PHE A 77 4.32 -0.56 -0.07
C PHE A 77 4.42 -2.00 0.42
N LYS A 78 4.22 -2.17 1.73
CA LYS A 78 4.28 -3.50 2.33
C LYS A 78 2.90 -3.92 2.84
N PRO A 79 2.03 -4.34 1.90
CA PRO A 79 0.67 -4.79 2.23
C PRO A 79 0.67 -6.12 2.98
N LYS A 80 -0.34 -6.30 3.83
CA LYS A 80 -0.46 -7.53 4.61
C LYS A 80 -0.93 -8.68 3.73
N CYS A 81 0.02 -9.48 3.25
CA CYS A 81 -0.30 -10.62 2.39
C CYS A 81 -0.36 -11.91 3.20
N GLU A 82 -1.52 -12.54 3.23
CA GLU A 82 -1.70 -13.79 3.97
C GLU A 82 -2.52 -14.78 3.16
N LYS A 83 -2.63 -16.00 3.68
CA LYS A 83 -3.39 -17.05 3.00
C LYS A 83 -4.73 -17.29 3.69
N ILE A 84 -5.80 -16.78 3.08
CA ILE A 84 -7.14 -16.95 3.64
C ILE A 84 -7.73 -18.29 3.27
N ASN A 85 -7.96 -19.13 4.27
CA ASN A 85 -8.52 -20.46 4.06
C ASN A 85 -7.70 -21.24 3.04
N GLY A 86 -6.42 -20.92 2.96
CA GLY A 86 -5.54 -21.60 2.02
C GLY A 86 -5.47 -20.90 0.68
N GLU A 87 -5.78 -19.61 0.67
CA GLU A 87 -5.76 -18.82 -0.56
C GLU A 87 -4.88 -17.58 -0.39
N ASP A 88 -3.77 -17.54 -1.13
CA ASP A 88 -2.86 -16.41 -1.06
C ASP A 88 -3.54 -15.13 -1.54
N MET A 89 -3.97 -14.30 -0.59
CA MET A 89 -4.64 -13.05 -0.92
C MET A 89 -3.94 -11.87 -0.25
N VAL A 90 -4.23 -10.67 -0.72
CA VAL A 90 -3.63 -9.46 -0.16
C VAL A 90 -4.66 -8.62 0.58
N TYR A 91 -4.18 -7.72 1.44
CA TYR A 91 -5.07 -6.85 2.21
C TYR A 91 -4.86 -5.40 1.83
N LEU A 92 -5.79 -4.87 1.03
CA LEU A 92 -5.72 -3.47 0.59
C LEU A 92 -5.96 -2.52 1.75
N PRO A 93 -5.48 -1.28 1.61
CA PRO A 93 -5.63 -0.25 2.64
C PRO A 93 -7.07 0.21 2.79
N SER A 94 -7.45 0.60 4.00
CA SER A 94 -8.81 1.05 4.28
C SER A 94 -8.93 2.56 4.02
N TYR A 95 -10.16 3.01 3.83
CA TYR A 95 -10.42 4.43 3.58
C TYR A 95 -9.73 5.31 4.62
N GLU A 96 -9.65 4.80 5.84
CA GLU A 96 -9.02 5.54 6.92
C GLU A 96 -7.53 5.73 6.66
N MET A 97 -6.82 4.63 6.44
CA MET A 97 -5.39 4.68 6.18
C MET A 97 -5.08 5.65 5.05
N CYS A 98 -5.89 5.61 4.00
CA CYS A 98 -5.70 6.49 2.85
C CYS A 98 -6.20 7.90 3.16
N ARG A 99 -7.12 8.00 4.11
CA ARG A 99 -7.67 9.29 4.50
C ARG A 99 -6.66 10.11 5.29
N ILE A 100 -5.74 9.42 5.95
CA ILE A 100 -4.70 10.07 6.75
C ILE A 100 -3.97 11.13 5.93
N THR A 101 -3.84 10.88 4.62
CA THR A 101 -3.16 11.81 3.74
C THR A 101 -4.15 12.79 3.11
N MET A 102 -5.44 12.46 3.20
CA MET A 102 -6.48 13.31 2.64
C MET A 102 -6.66 14.57 3.47
N GLU A 103 -6.48 14.44 4.79
CA GLU A 103 -6.63 15.57 5.70
C GLU A 103 -5.73 16.73 5.28
N PRO A 104 -4.41 16.46 5.24
CA PRO A 104 -3.42 17.48 4.85
C PRO A 104 -3.50 17.83 3.37
N CYS A 105 -3.52 16.80 2.52
CA CYS A 105 -3.60 17.01 1.08
C CYS A 105 -4.89 16.44 0.52
N ARG A 106 -5.99 17.19 0.66
CA ARG A 106 -7.28 16.75 0.16
C ARG A 106 -7.42 17.03 -1.33
N ILE A 107 -6.58 17.93 -1.83
CA ILE A 107 -6.61 18.29 -3.25
C ILE A 107 -6.48 17.04 -4.13
N LEU A 108 -5.91 15.98 -3.57
CA LEU A 108 -5.74 14.74 -4.30
C LEU A 108 -6.85 13.74 -3.95
N TYR A 109 -8.02 14.27 -3.64
CA TYR A 109 -9.16 13.42 -3.29
C TYR A 109 -9.60 12.57 -4.49
N ASN A 110 -9.10 12.92 -5.67
CA ASN A 110 -9.43 12.18 -6.88
C ASN A 110 -8.50 12.57 -8.03
N THR A 111 -8.12 13.84 -8.07
CA THR A 111 -7.22 14.34 -9.10
C THR A 111 -5.89 13.62 -9.07
N THR A 112 -5.44 13.17 -10.24
CA THR A 112 -4.17 12.46 -10.34
C THR A 112 -2.99 13.43 -10.43
N PHE A 113 -2.90 14.32 -9.45
CA PHE A 113 -1.83 15.31 -9.42
C PHE A 113 -0.47 14.63 -9.23
N PHE A 114 -0.49 13.41 -8.70
CA PHE A 114 0.74 12.67 -8.46
C PHE A 114 0.42 11.26 -7.97
N PRO A 115 -0.20 10.45 -8.86
CA PRO A 115 -0.56 9.06 -8.55
C PRO A 115 0.66 8.15 -8.43
N LYS A 116 1.82 8.68 -8.80
CA LYS A 116 3.06 7.91 -8.73
C LYS A 116 3.47 7.67 -7.27
N PHE A 117 3.65 8.75 -6.53
CA PHE A 117 4.05 8.66 -5.13
C PHE A 117 2.84 8.37 -4.25
N LEU A 118 1.67 8.26 -4.87
CA LEU A 118 0.43 7.98 -4.14
C LEU A 118 0.12 6.48 -4.15
N ARG A 119 -0.21 5.97 -5.33
CA ARG A 119 -0.53 4.56 -5.48
C ARG A 119 -1.71 4.16 -4.60
N CYS A 120 -2.49 5.16 -4.20
CA CYS A 120 -3.66 4.92 -3.35
C CYS A 120 -4.95 5.11 -4.12
N ASN A 121 -6.03 4.50 -3.63
CA ASN A 121 -7.33 4.60 -4.28
C ASN A 121 -8.09 5.84 -3.81
N GLU A 122 -8.75 6.51 -4.74
CA GLU A 122 -9.51 7.71 -4.42
C GLU A 122 -10.98 7.55 -4.83
N THR A 123 -11.24 7.66 -6.13
CA THR A 123 -12.59 7.53 -6.66
C THR A 123 -13.12 6.12 -6.44
N LEU A 124 -12.23 5.18 -6.10
CA LEU A 124 -12.62 3.80 -5.87
C LEU A 124 -13.65 3.70 -4.75
N PHE A 125 -14.00 2.48 -4.38
CA PHE A 125 -14.97 2.24 -3.32
C PHE A 125 -14.32 1.58 -2.12
N PRO A 126 -13.49 2.34 -1.39
CA PRO A 126 -12.78 1.85 -0.21
C PRO A 126 -13.72 1.60 0.97
N THR A 127 -14.59 2.56 1.23
CA THR A 127 -15.55 2.45 2.33
C THR A 127 -16.93 2.04 1.81
N LYS A 128 -17.94 2.22 2.65
CA LYS A 128 -19.31 1.88 2.28
C LYS A 128 -20.28 2.19 3.42
N SER A 1 -14.43 -14.29 -9.74
CA SER A 1 -13.06 -14.60 -10.17
C SER A 1 -12.28 -13.33 -10.48
N GLY A 2 -11.89 -12.62 -9.44
CA GLY A 2 -11.13 -11.38 -9.62
C GLY A 2 -10.87 -10.66 -8.32
N LEU A 3 -11.89 -9.98 -7.81
CA LEU A 3 -11.76 -9.24 -6.56
C LEU A 3 -12.68 -9.82 -5.48
N VAL A 4 -12.17 -10.79 -4.73
CA VAL A 4 -12.94 -11.43 -3.68
C VAL A 4 -13.56 -10.40 -2.75
N PRO A 5 -14.84 -10.56 -2.43
CA PRO A 5 -15.57 -9.65 -1.55
C PRO A 5 -15.11 -9.75 -0.10
N ARG A 6 -15.40 -8.71 0.68
CA ARG A 6 -15.00 -8.69 2.09
C ARG A 6 -15.46 -7.40 2.76
N GLY A 7 -15.35 -7.35 4.08
CA GLY A 7 -15.77 -6.17 4.81
C GLY A 7 -14.92 -4.96 4.49
N SER A 8 -15.36 -4.16 3.52
CA SER A 8 -14.63 -2.97 3.11
C SER A 8 -13.33 -3.35 2.40
N HIS A 9 -12.33 -3.74 3.20
CA HIS A 9 -11.03 -4.13 2.66
C HIS A 9 -11.15 -5.41 1.84
N MET A 10 -11.45 -5.26 0.56
CA MET A 10 -11.58 -6.40 -0.34
C MET A 10 -10.31 -7.24 -0.35
N VAL A 11 -10.30 -8.30 -1.16
CA VAL A 11 -9.14 -9.17 -1.26
C VAL A 11 -9.01 -9.74 -2.67
N ARG A 12 -7.80 -10.15 -3.03
CA ARG A 12 -7.53 -10.71 -4.35
C ARG A 12 -6.42 -11.75 -4.29
N ARG A 13 -6.56 -12.81 -5.08
CA ARG A 13 -5.57 -13.88 -5.11
C ARG A 13 -4.33 -13.45 -5.90
N ALA A 14 -3.51 -12.60 -5.29
CA ALA A 14 -2.30 -12.12 -5.95
C ALA A 14 -1.09 -12.97 -5.57
N ARG A 15 0.10 -12.50 -5.92
CA ARG A 15 1.34 -13.21 -5.62
C ARG A 15 1.74 -12.99 -4.17
N CYS A 16 2.84 -13.62 -3.76
CA CYS A 16 3.35 -13.49 -2.40
C CYS A 16 4.79 -13.97 -2.30
N TYR A 17 5.67 -13.08 -1.84
CA TYR A 17 7.08 -13.42 -1.70
C TYR A 17 7.61 -12.99 -0.34
N PRO A 18 8.63 -13.72 0.15
CA PRO A 18 9.25 -13.44 1.46
C PRO A 18 10.05 -12.13 1.44
N THR A 19 9.65 -11.20 2.30
CA THR A 19 10.32 -9.91 2.39
C THR A 19 11.64 -10.03 3.13
N SER A 20 11.57 -10.25 4.44
CA SER A 20 12.75 -10.38 5.26
C SER A 20 12.92 -11.82 5.76
N ASN A 21 14.08 -12.12 6.32
CA ASN A 21 14.36 -13.46 6.84
C ASN A 21 13.25 -13.93 7.77
N ALA A 22 12.94 -13.09 8.77
CA ALA A 22 11.89 -13.42 9.74
C ALA A 22 10.58 -12.73 9.38
N THR A 23 10.64 -11.41 9.23
CA THR A 23 9.45 -10.63 8.90
C THR A 23 9.82 -9.21 8.48
N ASN A 24 9.05 -8.65 7.57
CA ASN A 24 9.30 -7.29 7.08
C ASN A 24 9.19 -6.28 8.21
N THR A 25 9.84 -5.13 8.04
CA THR A 25 9.83 -4.08 9.05
C THR A 25 9.29 -2.77 8.47
N CYS A 26 8.48 -2.07 9.25
CA CYS A 26 7.90 -0.80 8.81
C CYS A 26 8.12 0.28 9.86
N PHE A 27 8.93 1.28 9.52
CA PHE A 27 9.22 2.39 10.42
C PHE A 27 9.69 1.86 11.78
N GLY A 28 10.44 0.77 11.76
CA GLY A 28 10.93 0.18 12.99
C GLY A 28 10.00 -0.89 13.54
N SER A 29 8.70 -0.69 13.38
CA SER A 29 7.71 -1.65 13.86
C SER A 29 7.57 -2.81 12.88
N LYS A 30 8.01 -3.99 13.30
CA LYS A 30 7.92 -5.18 12.46
C LYS A 30 6.47 -5.52 12.14
N LEU A 31 6.20 -5.82 10.88
CA LEU A 31 4.85 -6.17 10.45
C LEU A 31 4.49 -7.58 10.89
N PRO A 32 3.18 -7.83 11.05
CA PRO A 32 2.67 -9.13 11.46
C PRO A 32 2.84 -10.21 10.38
N TYR A 33 3.28 -9.77 9.20
CA TYR A 33 3.49 -10.69 8.09
C TYR A 33 4.95 -10.68 7.65
N GLU A 34 5.35 -11.73 6.94
CA GLU A 34 6.72 -11.86 6.46
C GLU A 34 6.75 -11.98 4.93
N LEU A 35 5.60 -11.77 4.31
CA LEU A 35 5.49 -11.87 2.86
C LEU A 35 5.01 -10.55 2.26
N SER A 36 5.05 -10.46 0.94
CA SER A 36 4.62 -9.25 0.25
C SER A 36 4.17 -9.56 -1.19
N SER A 37 3.35 -8.70 -1.75
CA SER A 37 2.84 -8.89 -3.09
C SER A 37 3.16 -7.67 -3.97
N LEU A 38 4.15 -7.82 -4.84
CA LEU A 38 4.56 -6.74 -5.73
C LEU A 38 3.40 -6.32 -6.64
N ASP A 39 2.44 -7.22 -6.82
CA ASP A 39 1.28 -6.95 -7.67
C ASP A 39 0.51 -5.74 -7.15
N LEU A 40 0.59 -5.51 -5.84
CA LEU A 40 -0.11 -4.38 -5.23
C LEU A 40 0.28 -3.06 -5.89
N THR A 41 1.46 -3.05 -6.50
CA THR A 41 1.95 -1.85 -7.17
C THR A 41 1.97 -2.04 -8.69
N ASP A 42 2.46 -1.03 -9.40
CA ASP A 42 2.54 -1.09 -10.85
C ASP A 42 3.90 -1.59 -11.31
N PHE A 43 4.83 -1.71 -10.36
CA PHE A 43 6.17 -2.17 -10.67
C PHE A 43 6.17 -3.64 -11.08
N HIS A 44 7.21 -4.06 -11.79
CA HIS A 44 7.32 -5.43 -12.25
C HIS A 44 8.35 -6.20 -11.42
N THR A 45 8.98 -5.51 -10.47
CA THR A 45 9.98 -6.12 -9.61
C THR A 45 9.98 -5.49 -8.21
N GLU A 46 10.90 -5.93 -7.37
CA GLU A 46 11.00 -5.40 -6.01
C GLU A 46 11.87 -4.16 -5.98
N LYS A 47 13.00 -4.21 -6.67
CA LYS A 47 13.92 -3.08 -6.72
C LYS A 47 13.20 -1.81 -7.18
N GLU A 48 12.27 -1.96 -8.11
CA GLU A 48 11.52 -0.84 -8.63
C GLU A 48 10.67 -0.19 -7.53
N LEU A 49 10.08 -1.03 -6.68
CA LEU A 49 9.25 -0.55 -5.58
C LEU A 49 10.10 0.17 -4.53
N ASN A 50 11.20 -0.46 -4.14
CA ASN A 50 12.09 0.11 -3.14
C ASN A 50 12.83 1.32 -3.70
N ASP A 51 12.96 1.37 -5.01
CA ASP A 51 13.65 2.48 -5.68
C ASP A 51 12.74 3.70 -5.75
N LYS A 52 11.48 3.50 -6.13
CA LYS A 52 10.53 4.59 -6.23
C LYS A 52 10.39 5.32 -4.90
N LEU A 53 10.59 4.59 -3.80
CA LEU A 53 10.50 5.18 -2.48
C LEU A 53 11.30 6.46 -2.38
N ASN A 54 12.48 6.47 -3.02
CA ASN A 54 13.35 7.64 -3.01
C ASN A 54 12.59 8.88 -3.48
N ASP A 55 11.74 8.70 -4.49
CA ASP A 55 10.96 9.81 -5.03
C ASP A 55 10.03 10.39 -3.97
N TYR A 56 9.23 9.52 -3.35
CA TYR A 56 8.29 9.95 -2.33
C TYR A 56 9.03 10.55 -1.13
N TYR A 57 10.22 10.05 -0.87
CA TYR A 57 11.03 10.53 0.24
C TYR A 57 11.14 12.06 0.22
N ALA A 58 11.28 12.62 -0.98
CA ALA A 58 11.38 14.06 -1.14
C ALA A 58 10.22 14.77 -0.48
N LEU A 59 9.07 14.10 -0.44
CA LEU A 59 7.87 14.68 0.17
C LEU A 59 8.10 14.99 1.64
N LYS A 60 9.14 14.40 2.21
CA LYS A 60 9.47 14.62 3.61
C LYS A 60 9.46 16.11 3.94
N HIS A 61 9.83 16.93 2.98
CA HIS A 61 9.86 18.38 3.17
C HIS A 61 8.53 18.88 3.73
N VAL A 62 7.44 18.28 3.26
CA VAL A 62 6.11 18.67 3.72
C VAL A 62 5.59 17.70 4.79
N PRO A 63 5.61 18.16 6.05
CA PRO A 63 5.15 17.35 7.18
C PRO A 63 3.63 17.15 7.17
N LYS A 64 2.92 18.12 6.59
CA LYS A 64 1.47 18.05 6.51
C LYS A 64 1.02 16.77 5.78
N CYS A 65 1.73 16.43 4.72
CA CYS A 65 1.42 15.24 3.94
C CYS A 65 2.31 14.08 4.33
N TRP A 66 3.55 14.37 4.70
CA TRP A 66 4.50 13.35 5.11
C TRP A 66 3.95 12.51 6.25
N ALA A 67 3.57 13.18 7.34
CA ALA A 67 3.02 12.49 8.50
C ALA A 67 1.67 11.86 8.18
N ALA A 68 1.10 12.24 7.03
CA ALA A 68 -0.19 11.71 6.60
C ALA A 68 -0.05 10.28 6.07
N ILE A 69 1.09 10.01 5.43
CA ILE A 69 1.34 8.69 4.87
C ILE A 69 2.20 7.85 5.80
N GLN A 70 2.31 8.29 7.05
CA GLN A 70 3.10 7.58 8.05
C GLN A 70 2.53 6.19 8.30
N PRO A 71 1.27 6.13 8.76
CA PRO A 71 0.60 4.87 9.05
C PRO A 71 0.27 4.09 7.79
N PHE A 72 0.14 4.78 6.67
CA PHE A 72 -0.16 4.15 5.39
C PHE A 72 1.11 3.61 4.73
N LEU A 73 2.24 4.21 5.08
CA LEU A 73 3.52 3.80 4.52
C LEU A 73 3.67 2.27 4.57
N CYS A 74 3.06 1.66 5.58
CA CYS A 74 3.11 0.21 5.73
C CYS A 74 2.21 -0.49 4.72
N ALA A 75 0.99 0.03 4.57
CA ALA A 75 0.03 -0.55 3.63
C ALA A 75 0.27 -0.01 2.22
N VAL A 76 1.40 0.67 2.03
CA VAL A 76 1.73 1.23 0.72
C VAL A 76 2.78 0.37 0.02
N PHE A 77 3.86 0.08 0.72
CA PHE A 77 4.95 -0.73 0.16
C PHE A 77 4.99 -2.10 0.82
N LYS A 78 4.47 -2.18 2.05
CA LYS A 78 4.45 -3.43 2.78
C LYS A 78 3.02 -3.90 3.03
N PRO A 79 2.34 -4.32 1.95
CA PRO A 79 0.96 -4.80 2.03
C PRO A 79 0.85 -6.15 2.75
N LYS A 80 -0.25 -6.35 3.47
CA LYS A 80 -0.49 -7.58 4.20
C LYS A 80 -0.89 -8.71 3.25
N CYS A 81 0.06 -9.59 2.94
CA CYS A 81 -0.20 -10.71 2.04
C CYS A 81 -0.21 -12.02 2.81
N GLU A 82 -1.37 -12.67 2.87
CA GLU A 82 -1.51 -13.93 3.57
C GLU A 82 -2.24 -14.96 2.71
N LYS A 83 -2.24 -16.21 3.16
CA LYS A 83 -2.90 -17.29 2.43
C LYS A 83 -4.20 -17.68 3.11
N ILE A 84 -5.32 -17.32 2.49
CA ILE A 84 -6.63 -17.63 3.04
C ILE A 84 -7.12 -18.99 2.55
N ASN A 85 -7.34 -19.91 3.48
CA ASN A 85 -7.80 -21.25 3.16
C ASN A 85 -6.85 -21.92 2.17
N GLY A 86 -5.60 -21.50 2.17
CA GLY A 86 -4.62 -22.07 1.27
C GLY A 86 -4.53 -21.33 -0.05
N GLU A 87 -5.07 -20.11 -0.08
CA GLU A 87 -5.06 -19.31 -1.30
C GLU A 87 -4.27 -18.02 -1.09
N ASP A 88 -3.19 -17.86 -1.85
CA ASP A 88 -2.34 -16.68 -1.75
C ASP A 88 -3.12 -15.42 -2.16
N MET A 89 -3.45 -14.60 -1.18
CA MET A 89 -4.19 -13.37 -1.44
C MET A 89 -3.46 -12.16 -0.85
N VAL A 90 -3.93 -10.96 -1.19
CA VAL A 90 -3.33 -9.73 -0.69
C VAL A 90 -4.38 -8.81 -0.10
N TYR A 91 -3.96 -7.97 0.85
CA TYR A 91 -4.86 -7.03 1.50
C TYR A 91 -4.60 -5.60 1.04
N LEU A 92 -5.66 -4.84 0.87
CA LEU A 92 -5.54 -3.44 0.43
C LEU A 92 -6.05 -2.50 1.51
N PRO A 93 -5.61 -1.23 1.44
CA PRO A 93 -6.01 -0.19 2.39
C PRO A 93 -7.48 0.21 2.24
N SER A 94 -8.06 0.71 3.32
CA SER A 94 -9.46 1.14 3.30
C SER A 94 -9.58 2.65 3.12
N TYR A 95 -10.80 3.14 3.02
CA TYR A 95 -11.04 4.57 2.85
C TYR A 95 -10.34 5.37 3.94
N GLU A 96 -10.23 4.79 5.13
CA GLU A 96 -9.57 5.45 6.24
C GLU A 96 -8.10 5.69 5.95
N MET A 97 -7.37 4.61 5.66
CA MET A 97 -5.95 4.69 5.36
C MET A 97 -5.70 5.69 4.24
N CYS A 98 -6.52 5.63 3.21
CA CYS A 98 -6.39 6.53 2.06
C CYS A 98 -6.85 7.94 2.42
N ARG A 99 -7.69 8.03 3.45
CA ARG A 99 -8.21 9.32 3.89
C ARG A 99 -7.12 10.13 4.60
N ILE A 100 -6.23 9.44 5.31
CA ILE A 100 -5.15 10.09 6.03
C ILE A 100 -4.28 10.91 5.09
N THR A 101 -4.31 10.56 3.81
CA THR A 101 -3.53 11.27 2.80
C THR A 101 -4.34 12.39 2.15
N MET A 102 -5.62 12.13 1.93
CA MET A 102 -6.51 13.12 1.33
C MET A 102 -6.79 14.25 2.30
N GLU A 103 -6.81 13.94 3.59
CA GLU A 103 -7.07 14.94 4.62
C GLU A 103 -6.28 16.21 4.36
N PRO A 104 -4.94 16.10 4.35
CA PRO A 104 -4.05 17.23 4.12
C PRO A 104 -4.10 17.72 2.67
N CYS A 105 -3.29 17.11 1.81
CA CYS A 105 -3.25 17.47 0.40
C CYS A 105 -4.57 17.13 -0.29
N ARG A 106 -5.48 18.09 -0.32
CA ARG A 106 -6.77 17.88 -0.95
C ARG A 106 -6.67 17.98 -2.47
N ILE A 107 -5.60 18.61 -2.94
CA ILE A 107 -5.37 18.79 -4.37
C ILE A 107 -5.32 17.43 -5.07
N LEU A 108 -5.07 16.38 -4.31
CA LEU A 108 -4.99 15.02 -4.86
C LEU A 108 -6.34 14.31 -4.73
N TYR A 109 -7.42 15.10 -4.78
CA TYR A 109 -8.76 14.53 -4.68
C TYR A 109 -8.92 13.31 -5.59
N ASN A 110 -8.22 13.33 -6.71
CA ASN A 110 -8.28 12.22 -7.66
C ASN A 110 -7.39 12.49 -8.87
N THR A 111 -7.27 13.76 -9.24
CA THR A 111 -6.44 14.16 -10.37
C THR A 111 -5.06 13.52 -10.30
N THR A 112 -4.46 13.27 -11.46
CA THR A 112 -3.13 12.66 -11.51
C THR A 112 -2.04 13.70 -11.29
N PHE A 113 -1.70 13.94 -10.02
CA PHE A 113 -0.66 14.90 -9.68
C PHE A 113 0.52 14.21 -9.01
N PHE A 114 0.22 13.26 -8.13
CA PHE A 114 1.26 12.53 -7.42
C PHE A 114 0.81 11.10 -7.12
N PRO A 115 0.57 10.32 -8.18
CA PRO A 115 0.13 8.92 -8.06
C PRO A 115 1.23 8.01 -7.51
N LYS A 116 2.41 8.11 -8.10
CA LYS A 116 3.55 7.30 -7.68
C LYS A 116 3.91 7.59 -6.23
N PHE A 117 3.44 8.72 -5.72
CA PHE A 117 3.71 9.11 -4.34
C PHE A 117 2.71 8.47 -3.38
N LEU A 118 1.45 8.48 -3.77
CA LEU A 118 0.39 7.89 -2.94
C LEU A 118 -0.40 6.85 -3.73
N ARG A 119 0.22 5.71 -3.99
CA ARG A 119 -0.43 4.64 -4.73
C ARG A 119 -1.59 4.05 -3.93
N CYS A 120 -2.76 4.67 -4.05
CA CYS A 120 -3.95 4.21 -3.34
C CYS A 120 -5.21 4.60 -4.09
N ASN A 121 -6.21 3.72 -4.06
CA ASN A 121 -7.47 3.98 -4.74
C ASN A 121 -8.37 4.88 -3.89
N GLU A 122 -8.64 6.08 -4.40
CA GLU A 122 -9.49 7.03 -3.69
C GLU A 122 -10.89 7.07 -4.29
N THR A 123 -10.99 7.53 -5.53
CA THR A 123 -12.27 7.61 -6.22
C THR A 123 -12.55 6.35 -7.01
N LEU A 124 -12.25 5.20 -6.43
CA LEU A 124 -12.47 3.92 -7.09
C LEU A 124 -13.44 3.05 -6.29
N PHE A 125 -12.93 2.44 -5.22
CA PHE A 125 -13.75 1.58 -4.38
C PHE A 125 -13.05 1.30 -3.05
N PRO A 126 -12.85 2.36 -2.25
CA PRO A 126 -12.20 2.24 -0.94
C PRO A 126 -13.05 1.50 0.08
N THR A 127 -14.31 1.90 0.19
CA THR A 127 -15.23 1.28 1.14
C THR A 127 -15.91 0.06 0.51
N LYS A 128 -15.95 0.03 -0.82
CA LYS A 128 -16.57 -1.08 -1.53
C LYS A 128 -17.96 -1.38 -0.99
N SER A 1 -6.65 -13.19 -12.06
CA SER A 1 -7.04 -14.36 -11.28
C SER A 1 -8.51 -14.26 -10.87
N GLY A 2 -8.87 -13.15 -10.25
CA GLY A 2 -10.24 -12.96 -9.82
C GLY A 2 -10.33 -12.27 -8.47
N LEU A 3 -11.51 -11.75 -8.14
CA LEU A 3 -11.72 -11.06 -6.87
C LEU A 3 -12.30 -12.02 -5.82
N VAL A 4 -12.43 -11.53 -4.59
CA VAL A 4 -12.97 -12.34 -3.51
C VAL A 4 -14.45 -12.03 -3.28
N PRO A 5 -15.19 -13.03 -2.76
CA PRO A 5 -16.62 -12.88 -2.48
C PRO A 5 -16.88 -11.94 -1.31
N ARG A 6 -16.53 -10.68 -1.48
CA ARG A 6 -16.72 -9.68 -0.44
C ARG A 6 -17.13 -8.33 -1.04
N GLY A 7 -17.99 -8.38 -2.05
CA GLY A 7 -18.44 -7.16 -2.70
C GLY A 7 -17.33 -6.46 -3.45
N SER A 8 -16.74 -5.45 -2.83
CA SER A 8 -15.66 -4.69 -3.44
C SER A 8 -14.36 -5.48 -3.42
N HIS A 9 -13.29 -4.86 -3.89
CA HIS A 9 -11.97 -5.50 -3.92
C HIS A 9 -11.59 -6.02 -2.54
N MET A 10 -10.91 -5.18 -1.77
CA MET A 10 -10.47 -5.56 -0.43
C MET A 10 -9.42 -6.65 -0.49
N VAL A 11 -9.84 -7.86 -0.84
CA VAL A 11 -8.93 -8.99 -0.94
C VAL A 11 -8.93 -9.59 -2.34
N ARG A 12 -7.86 -10.29 -2.68
CA ARG A 12 -7.74 -10.91 -3.99
C ARG A 12 -6.59 -11.92 -4.02
N ARG A 13 -6.78 -13.01 -4.74
CA ARG A 13 -5.76 -14.05 -4.84
C ARG A 13 -4.57 -13.56 -5.66
N ALA A 14 -3.70 -12.79 -5.02
CA ALA A 14 -2.51 -12.26 -5.69
C ALA A 14 -1.25 -12.98 -5.21
N ARG A 15 -0.30 -13.16 -6.13
CA ARG A 15 0.95 -13.83 -5.81
C ARG A 15 1.59 -13.22 -4.56
N CYS A 16 2.26 -14.06 -3.78
CA CYS A 16 2.92 -13.60 -2.57
C CYS A 16 4.32 -14.19 -2.45
N TYR A 17 5.23 -13.43 -1.85
CA TYR A 17 6.61 -13.87 -1.68
C TYR A 17 7.17 -13.40 -0.35
N PRO A 18 8.10 -14.19 0.21
CA PRO A 18 8.74 -13.89 1.49
C PRO A 18 9.68 -12.68 1.40
N THR A 19 9.30 -11.59 2.06
CA THR A 19 10.11 -10.38 2.05
C THR A 19 11.43 -10.59 2.79
N SER A 20 11.35 -10.70 4.11
CA SER A 20 12.54 -10.91 4.93
C SER A 20 12.56 -12.31 5.53
N ASN A 21 13.74 -12.78 5.89
CA ASN A 21 13.90 -14.11 6.48
C ASN A 21 12.94 -14.30 7.64
N ALA A 22 12.88 -13.30 8.52
CA ALA A 22 12.00 -13.36 9.68
C ALA A 22 10.70 -12.59 9.43
N THR A 23 10.82 -11.33 9.06
CA THR A 23 9.66 -10.49 8.80
C THR A 23 10.08 -9.09 8.40
N ASN A 24 9.53 -8.60 7.28
CA ASN A 24 9.84 -7.26 6.80
C ASN A 24 9.66 -6.22 7.90
N THR A 25 10.32 -5.07 7.74
CA THR A 25 10.23 -4.00 8.72
C THR A 25 9.82 -2.69 8.06
N CYS A 26 9.09 -1.87 8.80
CA CYS A 26 8.63 -0.59 8.29
C CYS A 26 8.75 0.50 9.35
N PHE A 27 9.49 1.56 9.03
CA PHE A 27 9.69 2.66 9.96
C PHE A 27 10.13 2.15 11.33
N GLY A 28 11.26 1.45 11.36
CA GLY A 28 11.76 0.91 12.61
C GLY A 28 10.72 0.12 13.37
N SER A 29 9.77 -0.45 12.64
CA SER A 29 8.71 -1.23 13.25
C SER A 29 8.39 -2.48 12.42
N LYS A 30 8.86 -3.63 12.90
CA LYS A 30 8.64 -4.89 12.20
C LYS A 30 7.15 -5.10 11.93
N LEU A 31 6.81 -5.46 10.70
CA LEU A 31 5.43 -5.71 10.32
C LEU A 31 4.96 -7.06 10.82
N PRO A 32 3.63 -7.19 11.02
CA PRO A 32 3.02 -8.43 11.50
C PRO A 32 3.07 -9.55 10.45
N TYR A 33 3.51 -9.19 9.25
CA TYR A 33 3.59 -10.17 8.16
C TYR A 33 5.03 -10.29 7.66
N GLU A 34 5.27 -11.28 6.81
CA GLU A 34 6.60 -11.51 6.26
C GLU A 34 6.52 -11.82 4.76
N LEU A 35 5.38 -11.50 4.16
CA LEU A 35 5.19 -11.75 2.74
C LEU A 35 4.88 -10.45 1.99
N SER A 36 4.85 -10.52 0.67
CA SER A 36 4.56 -9.35 -0.15
C SER A 36 4.03 -9.77 -1.52
N SER A 37 3.17 -8.94 -2.10
CA SER A 37 2.59 -9.22 -3.41
C SER A 37 2.96 -8.12 -4.41
N LEU A 38 3.92 -8.41 -5.27
CA LEU A 38 4.37 -7.45 -6.28
C LEU A 38 3.21 -7.05 -7.19
N ASP A 39 2.20 -7.92 -7.29
CA ASP A 39 1.04 -7.66 -8.12
C ASP A 39 0.30 -6.42 -7.64
N LEU A 40 0.30 -6.20 -6.33
CA LEU A 40 -0.37 -5.05 -5.74
C LEU A 40 0.24 -3.75 -6.24
N THR A 41 1.43 -3.83 -6.81
CA THR A 41 2.12 -2.66 -7.34
C THR A 41 2.43 -2.82 -8.83
N ASP A 42 3.09 -1.84 -9.39
CA ASP A 42 3.46 -1.86 -10.81
C ASP A 42 4.97 -1.90 -10.99
N PHE A 43 5.58 -3.01 -10.61
CA PHE A 43 7.03 -3.17 -10.72
C PHE A 43 7.39 -4.57 -11.22
N HIS A 44 8.62 -4.72 -11.70
CA HIS A 44 9.08 -6.01 -12.20
C HIS A 44 9.73 -6.82 -11.09
N THR A 45 10.23 -6.13 -10.06
CA THR A 45 10.88 -6.79 -8.94
C THR A 45 10.63 -6.02 -7.64
N GLU A 46 11.38 -6.38 -6.60
CA GLU A 46 11.24 -5.74 -5.30
C GLU A 46 12.08 -4.47 -5.24
N LYS A 47 13.28 -4.53 -5.82
CA LYS A 47 14.18 -3.39 -5.83
C LYS A 47 13.52 -2.17 -6.47
N GLU A 48 12.63 -2.43 -7.42
CA GLU A 48 11.93 -1.35 -8.12
C GLU A 48 10.99 -0.62 -7.17
N LEU A 49 10.23 -1.38 -6.38
CA LEU A 49 9.29 -0.80 -5.42
C LEU A 49 10.03 -0.01 -4.35
N ASN A 50 11.06 -0.63 -3.77
CA ASN A 50 11.85 0.02 -2.73
C ASN A 50 12.59 1.24 -3.29
N ASP A 51 12.96 1.17 -4.56
CA ASP A 51 13.68 2.26 -5.20
C ASP A 51 12.71 3.39 -5.58
N LYS A 52 11.47 3.02 -5.88
CA LYS A 52 10.47 4.00 -6.26
C LYS A 52 10.17 4.96 -5.10
N LEU A 53 10.39 4.48 -3.88
CA LEU A 53 10.15 5.29 -2.70
C LEU A 53 10.83 6.65 -2.83
N ASN A 54 11.95 6.68 -3.53
CA ASN A 54 12.69 7.93 -3.74
C ASN A 54 11.78 9.02 -4.29
N ASP A 55 10.85 8.63 -5.15
CA ASP A 55 9.91 9.58 -5.75
C ASP A 55 9.07 10.26 -4.68
N TYR A 56 8.52 9.46 -3.76
CA TYR A 56 7.68 9.99 -2.69
C TYR A 56 8.54 10.69 -1.64
N TYR A 57 9.77 10.23 -1.48
CA TYR A 57 10.68 10.80 -0.50
C TYR A 57 10.73 12.32 -0.63
N ALA A 58 10.65 12.81 -1.86
CA ALA A 58 10.68 14.24 -2.12
C ALA A 58 9.62 14.96 -1.30
N LEU A 59 8.51 14.28 -1.02
CA LEU A 59 7.43 14.86 -0.24
C LEU A 59 7.89 15.25 1.16
N LYS A 60 9.03 14.69 1.56
CA LYS A 60 9.59 14.98 2.88
C LYS A 60 9.62 16.48 3.14
N HIS A 61 9.79 17.26 2.07
CA HIS A 61 9.83 18.71 2.20
C HIS A 61 8.64 19.22 3.00
N VAL A 62 7.46 18.70 2.70
CA VAL A 62 6.24 19.10 3.39
C VAL A 62 5.93 18.16 4.55
N PRO A 63 6.01 18.71 5.78
CA PRO A 63 5.74 17.93 7.00
C PRO A 63 4.27 17.57 7.14
N LYS A 64 3.40 18.49 6.73
CA LYS A 64 1.96 18.27 6.82
C LYS A 64 1.55 17.01 6.06
N CYS A 65 2.06 16.87 4.84
CA CYS A 65 1.74 15.71 4.02
C CYS A 65 2.67 14.55 4.33
N TRP A 66 3.90 14.88 4.74
CA TRP A 66 4.89 13.87 5.08
C TRP A 66 4.35 12.91 6.14
N ALA A 67 3.92 13.47 7.27
CA ALA A 67 3.38 12.67 8.35
C ALA A 67 2.05 12.03 7.97
N ALA A 68 1.51 12.46 6.83
CA ALA A 68 0.24 11.93 6.34
C ALA A 68 0.40 10.51 5.80
N ILE A 69 1.53 10.25 5.17
CA ILE A 69 1.82 8.93 4.62
C ILE A 69 2.70 8.11 5.56
N GLN A 70 2.82 8.58 6.80
CA GLN A 70 3.64 7.90 7.79
C GLN A 70 3.11 6.49 8.05
N PRO A 71 1.85 6.40 8.51
CA PRO A 71 1.21 5.12 8.80
C PRO A 71 0.91 4.31 7.54
N PHE A 72 0.65 5.02 6.44
CA PHE A 72 0.35 4.37 5.17
C PHE A 72 1.62 3.90 4.48
N LEU A 73 2.76 4.46 4.90
CA LEU A 73 4.04 4.10 4.33
C LEU A 73 4.24 2.58 4.36
N CYS A 74 3.55 1.92 5.27
CA CYS A 74 3.65 0.47 5.41
C CYS A 74 2.53 -0.23 4.64
N ALA A 75 1.34 0.37 4.68
CA ALA A 75 0.18 -0.18 3.99
C ALA A 75 0.18 0.22 2.51
N VAL A 76 1.23 0.91 2.09
CA VAL A 76 1.34 1.36 0.71
C VAL A 76 2.41 0.57 -0.04
N PHE A 77 3.49 0.24 0.66
CA PHE A 77 4.58 -0.51 0.06
C PHE A 77 4.66 -1.92 0.65
N LYS A 78 4.32 -2.04 1.92
CA LYS A 78 4.35 -3.33 2.60
C LYS A 78 2.93 -3.80 2.94
N PRO A 79 2.23 -4.34 1.93
CA PRO A 79 0.87 -4.84 2.09
C PRO A 79 0.81 -6.11 2.93
N LYS A 80 -0.30 -6.30 3.63
CA LYS A 80 -0.48 -7.48 4.47
C LYS A 80 -0.98 -8.67 3.66
N CYS A 81 -0.08 -9.59 3.37
CA CYS A 81 -0.44 -10.78 2.59
C CYS A 81 -0.65 -11.98 3.50
N GLU A 82 -1.69 -12.76 3.20
CA GLU A 82 -2.01 -13.94 4.00
C GLU A 82 -2.79 -14.96 3.17
N LYS A 83 -2.76 -16.22 3.61
CA LYS A 83 -3.47 -17.28 2.92
C LYS A 83 -4.81 -17.58 3.58
N ILE A 84 -5.90 -17.27 2.88
CA ILE A 84 -7.24 -17.51 3.41
C ILE A 84 -7.79 -18.84 2.94
N ASN A 85 -7.94 -19.79 3.87
CA ASN A 85 -8.46 -21.10 3.54
C ASN A 85 -7.52 -21.84 2.59
N GLY A 86 -6.27 -21.41 2.55
CA GLY A 86 -5.29 -22.02 1.68
C GLY A 86 -5.15 -21.31 0.35
N GLU A 87 -5.57 -20.04 0.32
CA GLU A 87 -5.49 -19.25 -0.90
C GLU A 87 -4.68 -17.97 -0.67
N ASP A 88 -3.53 -17.88 -1.34
CA ASP A 88 -2.66 -16.71 -1.21
C ASP A 88 -3.36 -15.45 -1.69
N MET A 89 -3.88 -14.67 -0.74
CA MET A 89 -4.57 -13.43 -1.07
C MET A 89 -3.84 -12.23 -0.48
N VAL A 90 -4.16 -11.04 -1.00
CA VAL A 90 -3.53 -9.82 -0.53
C VAL A 90 -4.56 -8.86 0.07
N TYR A 91 -4.09 -7.91 0.85
CA TYR A 91 -4.97 -6.94 1.50
C TYR A 91 -4.71 -5.53 0.97
N LEU A 92 -5.77 -4.77 0.77
CA LEU A 92 -5.67 -3.41 0.26
C LEU A 92 -5.95 -2.39 1.37
N PRO A 93 -5.42 -1.17 1.20
CA PRO A 93 -5.60 -0.09 2.17
C PRO A 93 -7.04 0.42 2.22
N SER A 94 -7.58 0.56 3.42
CA SER A 94 -8.95 1.03 3.60
C SER A 94 -9.02 2.54 3.44
N TYR A 95 -10.24 3.07 3.33
CA TYR A 95 -10.46 4.50 3.18
C TYR A 95 -9.74 5.28 4.27
N GLU A 96 -9.65 4.69 5.45
CA GLU A 96 -8.98 5.32 6.59
C GLU A 96 -7.51 5.58 6.27
N MET A 97 -6.79 4.51 5.96
CA MET A 97 -5.38 4.62 5.64
C MET A 97 -5.13 5.65 4.54
N CYS A 98 -5.99 5.62 3.52
CA CYS A 98 -5.87 6.56 2.40
C CYS A 98 -6.31 7.95 2.82
N ARG A 99 -7.14 8.03 3.85
CA ARG A 99 -7.64 9.31 4.35
C ARG A 99 -6.54 10.07 5.09
N ILE A 100 -5.66 9.33 5.76
CA ILE A 100 -4.56 9.95 6.50
C ILE A 100 -3.71 10.83 5.59
N THR A 101 -3.77 10.56 4.29
CA THR A 101 -3.00 11.32 3.31
C THR A 101 -3.82 12.48 2.76
N MET A 102 -5.11 12.26 2.57
CA MET A 102 -5.99 13.29 2.05
C MET A 102 -6.27 14.35 3.10
N GLU A 103 -6.25 13.95 4.36
CA GLU A 103 -6.49 14.86 5.47
C GLU A 103 -5.84 16.22 5.21
N PRO A 104 -4.50 16.23 5.10
CA PRO A 104 -3.72 17.44 4.85
C PRO A 104 -3.94 17.98 3.43
N CYS A 105 -3.15 17.48 2.49
CA CYS A 105 -3.25 17.91 1.10
C CYS A 105 -4.64 17.63 0.54
N ARG A 106 -5.50 18.64 0.57
CA ARG A 106 -6.86 18.51 0.07
C ARG A 106 -6.88 18.48 -1.46
N ILE A 107 -5.82 19.00 -2.06
CA ILE A 107 -5.70 19.03 -3.52
C ILE A 107 -5.82 17.62 -4.11
N LEU A 108 -5.58 16.62 -3.28
CA LEU A 108 -5.65 15.24 -3.72
C LEU A 108 -7.03 14.64 -3.43
N TYR A 109 -8.05 15.49 -3.47
CA TYR A 109 -9.42 15.05 -3.22
C TYR A 109 -9.72 13.75 -3.95
N ASN A 110 -9.19 13.63 -5.17
CA ASN A 110 -9.41 12.44 -5.98
C ASN A 110 -8.59 12.51 -7.27
N THR A 111 -8.45 13.72 -7.81
CA THR A 111 -7.70 13.92 -9.04
C THR A 111 -6.33 13.26 -8.97
N THR A 112 -5.65 13.17 -10.11
CA THR A 112 -4.34 12.56 -10.17
C THR A 112 -3.26 13.59 -10.49
N PHE A 113 -3.34 14.75 -9.85
CA PHE A 113 -2.38 15.82 -10.06
C PHE A 113 -1.00 15.42 -9.58
N PHE A 114 -0.94 14.73 -8.44
CA PHE A 114 0.32 14.30 -7.88
C PHE A 114 0.85 13.06 -8.60
N PRO A 115 2.15 12.79 -8.44
CA PRO A 115 2.80 11.64 -9.08
C PRO A 115 2.35 10.31 -8.49
N LYS A 116 3.12 9.26 -8.74
CA LYS A 116 2.80 7.93 -8.23
C LYS A 116 2.92 7.90 -6.70
N PHE A 117 3.43 8.98 -6.12
CA PHE A 117 3.59 9.07 -4.68
C PHE A 117 2.36 8.53 -3.96
N LEU A 118 1.19 8.75 -4.55
CA LEU A 118 -0.07 8.30 -3.97
C LEU A 118 -0.24 6.79 -4.16
N ARG A 119 -0.58 6.40 -5.38
CA ARG A 119 -0.78 4.99 -5.70
C ARG A 119 -1.86 4.38 -4.80
N CYS A 120 -2.71 5.23 -4.24
CA CYS A 120 -3.78 4.78 -3.36
C CYS A 120 -5.15 5.10 -3.96
N ASN A 121 -6.12 4.24 -3.68
CA ASN A 121 -7.48 4.43 -4.19
C ASN A 121 -8.37 5.05 -3.12
N GLU A 122 -8.84 6.26 -3.38
CA GLU A 122 -9.70 6.96 -2.44
C GLU A 122 -11.08 7.21 -3.05
N THR A 123 -11.11 7.32 -4.38
CA THR A 123 -12.37 7.57 -5.09
C THR A 123 -12.80 6.34 -5.88
N LEU A 124 -11.93 5.33 -5.93
CA LEU A 124 -12.23 4.10 -6.64
C LEU A 124 -13.17 3.21 -5.83
N PHE A 125 -12.62 2.56 -4.82
CA PHE A 125 -13.41 1.67 -3.96
C PHE A 125 -12.64 1.31 -2.70
N PRO A 126 -12.37 2.33 -1.86
CA PRO A 126 -11.64 2.15 -0.60
C PRO A 126 -12.46 1.39 0.44
N THR A 127 -13.71 1.82 0.64
CA THR A 127 -14.59 1.18 1.60
C THR A 127 -15.22 -0.07 1.01
N LYS A 128 -16.20 0.13 0.13
CA LYS A 128 -16.90 -0.98 -0.51
C LYS A 128 -17.71 -0.50 -1.71
#